data_3S2K
#
_entry.id   3S2K
#
_cell.length_a   96.043
_cell.length_b   108.014
_cell.length_c   173.120
_cell.angle_alpha   90.00
_cell.angle_beta   90.00
_cell.angle_gamma   90.00
#
_symmetry.space_group_name_H-M   'P 21 21 21'
#
loop_
_entity.id
_entity.type
_entity.pdbx_description
1 polymer 'Low-density lipoprotein receptor-related protein 6'
2 polymer 'Dickkopf-related protein 1'
3 branched 2-acetamido-2-deoxy-beta-D-glucopyranose-(1-4)-[alpha-L-fucopyranose-(1-6)]2-acetamido-2-deoxy-beta-D-glucopyranose
4 branched 2-acetamido-2-deoxy-beta-D-glucopyranose-(1-4)-2-acetamido-2-deoxy-beta-D-glucopyranose
5 non-polymer 2-acetamido-2-deoxy-beta-D-glucopyranose
6 non-polymer GLYCEROL
7 water water
#
loop_
_entity_poly.entity_id
_entity_poly.type
_entity_poly.pdbx_seq_one_letter_code
_entity_poly.pdbx_strand_id
1 'polypeptide(L)'
;ADPEAFLLFSRRADIRRISLETNNNNVAIPLTGVKEASALDFDVTDNRIYWTDISLKTISRAFMNGSALEHVVEFGLDYP
EGMAVDWLGKNLYWADTGTNRIEVSKLDGQHRQVLVWKDLDSPRALALDPAEGFMYWTEWGGKPKIDRAAMDGSERTTLV
PNVGRANGLTIDYAKRRLYWTDLDTNLIESSNMLGLNREVIADDLPHPFGLTQYQDYIYWTDWSRRSIERANKTSGQNRT
IIQGHLDYVMDILVFHSSRQSGWNECASSNGHCSHLCLAVPVGGFVCGCPAHYSLNADNRTCSAPTTFLLFSQKSAINRM
VIDEQQSPDIILPIHSLRNVRAIDYDPLDKQLYWIDSRQNMIRKAQEDGSQGFTVVVSSVPSQNLEIQPYDLSIDIYSRY
IYWTCEATNVINVTRLDGRSVGVVLKGEQDRPRAIVVNPEKGYMYFTNLQERSPKIERAALDGTEREVLFFSGLSKPIAL
ALDSRLGKLFWADSDLRRIESSDLSGANRIVLEDSNILQPVGLTVFENWLYWIDKQQQMIEKIDMTGREGRTKVQARIAQ
LSDIHAVKELNLQEYRQHPCAQDNGGCSHICLVKGDGTTRCSCPMHLVLLQDELSCGEPHHHHHHHHHH
;
A,B
2 'polypeptide(L)'
;ADPMYHTKGQEGSVCLRSSDCASGLCCARHFWSKICKPVLKEGQVCTKHRRKGSHGLEIFQRCYCGEGLSCRIQKDHHQA
SNSSRLHTCQRHHHHHH
;
C
#
loop_
_chem_comp.id
_chem_comp.type
_chem_comp.name
_chem_comp.formula
FUC L-saccharide, alpha linking alpha-L-fucopyranose 'C6 H12 O5'
GOL non-polymer GLYCEROL 'C3 H8 O3'
NAG D-saccharide, beta linking 2-acetamido-2-deoxy-beta-D-glucopyranose 'C8 H15 N O6'
#
# COMPACT_ATOMS: atom_id res chain seq x y z
N PRO A 3 -26.35 -29.91 26.04
CA PRO A 3 -26.61 -30.03 24.61
C PRO A 3 -25.34 -30.41 23.84
N GLU A 4 -25.06 -29.68 22.77
CA GLU A 4 -23.88 -29.93 21.95
C GLU A 4 -23.12 -28.66 21.66
N ALA A 5 -21.90 -28.81 21.16
CA ALA A 5 -21.05 -27.67 20.87
C ALA A 5 -20.62 -27.66 19.40
N PHE A 6 -21.15 -26.69 18.64
CA PHE A 6 -20.77 -26.56 17.24
C PHE A 6 -19.94 -25.29 17.00
N LEU A 7 -19.20 -25.29 15.89
CA LEU A 7 -18.33 -24.18 15.55
C LEU A 7 -18.99 -23.30 14.48
N LEU A 8 -18.97 -21.99 14.71
CA LEU A 8 -19.56 -21.05 13.75
C LEU A 8 -18.49 -20.27 13.01
N PHE A 9 -18.63 -20.12 11.71
CA PHE A 9 -17.70 -19.31 10.93
C PHE A 9 -18.39 -18.56 9.80
N SER A 10 -17.84 -17.39 9.46
CA SER A 10 -18.42 -16.54 8.43
C SER A 10 -17.53 -16.50 7.18
N ARG A 11 -18.16 -16.60 6.01
CA ARG A 11 -17.44 -16.59 4.75
C ARG A 11 -18.29 -15.98 3.64
N ARG A 12 -17.86 -14.84 3.12
CA ARG A 12 -18.63 -14.14 2.09
C ARG A 12 -20.06 -13.87 2.53
N ALA A 13 -21.02 -14.50 1.86
CA ALA A 13 -22.43 -14.20 2.09
C ALA A 13 -23.20 -15.30 2.81
N ASP A 14 -22.50 -16.12 3.58
CA ASP A 14 -23.16 -17.13 4.41
C ASP A 14 -22.41 -17.47 5.68
N ILE A 15 -23.17 -17.81 6.72
CA ILE A 15 -22.61 -18.28 7.99
C ILE A 15 -22.91 -19.77 8.13
N ARG A 16 -21.88 -20.55 8.46
CA ARG A 16 -22.06 -21.99 8.59
C ARG A 16 -21.69 -22.50 9.98
N ARG A 17 -22.02 -23.75 10.24
CA ARG A 17 -21.63 -24.39 11.49
C ARG A 17 -21.06 -25.78 11.25
N ILE A 18 -19.92 -26.06 11.88
CA ILE A 18 -19.31 -27.38 11.81
C ILE A 18 -19.41 -28.06 13.17
N SER A 19 -19.97 -29.27 13.20
CA SER A 19 -20.06 -30.04 14.44
C SER A 19 -18.65 -30.34 14.95
N LEU A 20 -18.47 -30.30 16.28
CA LEU A 20 -17.16 -30.57 16.86
C LEU A 20 -16.95 -32.04 17.19
N GLU A 21 -18.05 -32.78 17.35
CA GLU A 21 -17.98 -34.23 17.53
C GLU A 21 -17.80 -34.93 16.18
N THR A 22 -18.68 -34.60 15.24
CA THR A 22 -18.59 -35.11 13.88
C THR A 22 -18.15 -34.00 12.93
N ASN A 23 -16.83 -33.80 12.84
CA ASN A 23 -16.26 -32.66 12.12
C ASN A 23 -16.68 -32.51 10.66
N ASN A 24 -17.18 -33.58 10.06
CA ASN A 24 -17.57 -33.54 8.65
C ASN A 24 -19.01 -33.07 8.43
N ASN A 25 -19.67 -32.65 9.50
CA ASN A 25 -21.04 -32.16 9.42
C ASN A 25 -21.10 -30.66 9.19
N ASN A 26 -20.78 -30.25 7.96
CA ASN A 26 -20.75 -28.84 7.59
C ASN A 26 -22.09 -28.36 7.01
N VAL A 27 -22.84 -27.60 7.79
CA VAL A 27 -24.16 -27.12 7.38
C VAL A 27 -24.29 -25.61 7.54
N ALA A 28 -25.14 -24.99 6.71
CA ALA A 28 -25.33 -23.55 6.74
C ALA A 28 -26.42 -23.12 7.71
N ILE A 29 -26.33 -21.88 8.16
CA ILE A 29 -27.38 -21.29 8.98
C ILE A 29 -28.41 -20.63 8.05
N PRO A 30 -29.68 -20.99 8.19
CA PRO A 30 -30.74 -20.52 7.30
C PRO A 30 -30.91 -19.00 7.38
N LEU A 31 -30.06 -18.26 6.68
CA LEU A 31 -30.12 -16.80 6.68
C LEU A 31 -30.28 -16.27 5.26
N THR A 32 -30.95 -15.14 5.13
CA THR A 32 -31.17 -14.52 3.83
C THR A 32 -30.75 -13.04 3.82
N GLY A 33 -30.36 -12.55 2.65
CA GLY A 33 -30.04 -11.14 2.48
C GLY A 33 -28.62 -10.75 2.80
N VAL A 34 -27.91 -11.63 3.47
CA VAL A 34 -26.52 -11.36 3.85
C VAL A 34 -25.62 -11.25 2.63
N LYS A 35 -24.78 -10.20 2.60
CA LYS A 35 -23.93 -9.93 1.45
C LYS A 35 -22.46 -10.15 1.77
N GLU A 36 -22.02 -9.65 2.92
CA GLU A 36 -20.63 -9.81 3.34
C GLU A 36 -20.52 -9.94 4.86
N ALA A 37 -20.80 -11.14 5.36
CA ALA A 37 -20.70 -11.42 6.78
C ALA A 37 -19.26 -11.24 7.26
N SER A 38 -19.09 -10.54 8.36
CA SER A 38 -17.76 -10.33 8.93
C SER A 38 -17.69 -10.81 10.39
N ALA A 39 -17.99 -9.91 11.33
CA ALA A 39 -17.94 -10.26 12.74
C ALA A 39 -19.12 -11.15 13.12
N LEU A 40 -18.89 -12.02 14.10
CA LEU A 40 -19.87 -13.05 14.43
C LEU A 40 -19.93 -13.26 15.94
N ASP A 41 -21.16 -13.34 16.47
CA ASP A 41 -21.36 -13.69 17.87
C ASP A 41 -22.72 -14.35 18.09
N PHE A 42 -23.01 -14.72 19.35
CA PHE A 42 -24.21 -15.50 19.63
C PHE A 42 -24.79 -15.21 21.01
N ASP A 43 -25.91 -15.86 21.30
CA ASP A 43 -26.57 -15.75 22.59
C ASP A 43 -27.30 -17.07 22.86
N VAL A 44 -26.62 -17.97 23.59
CA VAL A 44 -27.16 -19.30 23.82
C VAL A 44 -28.55 -19.26 24.42
N THR A 45 -28.71 -18.43 25.45
CA THR A 45 -29.98 -18.21 26.13
C THR A 45 -31.13 -17.96 25.14
N ASP A 46 -30.94 -16.99 24.27
CA ASP A 46 -31.96 -16.59 23.31
C ASP A 46 -31.91 -17.45 22.04
N ASN A 47 -30.92 -18.34 21.98
CA ASN A 47 -30.68 -19.16 20.80
C ASN A 47 -30.59 -18.30 19.54
N ARG A 48 -29.97 -17.15 19.68
CA ARG A 48 -29.84 -16.22 18.57
C ARG A 48 -28.39 -16.08 18.09
N ILE A 49 -28.24 -15.78 16.81
CA ILE A 49 -26.93 -15.51 16.24
C ILE A 49 -26.84 -14.05 15.83
N TYR A 50 -25.67 -13.46 15.99
CA TYR A 50 -25.45 -12.07 15.61
C TYR A 50 -24.30 -11.98 14.60
N TRP A 51 -24.44 -11.10 13.61
CA TRP A 51 -23.38 -10.89 12.64
C TRP A 51 -23.42 -9.49 12.05
N THR A 52 -22.27 -9.01 11.59
CA THR A 52 -22.19 -7.72 10.92
C THR A 52 -21.98 -7.90 9.42
N ASP A 53 -22.36 -6.90 8.64
CA ASP A 53 -22.22 -6.94 7.19
C ASP A 53 -21.57 -5.66 6.71
N ILE A 54 -20.30 -5.76 6.28
CA ILE A 54 -19.53 -4.58 5.90
C ILE A 54 -19.91 -4.06 4.52
N SER A 55 -20.66 -4.86 3.77
CA SER A 55 -21.14 -4.42 2.46
C SER A 55 -22.50 -3.76 2.62
N LEU A 56 -23.36 -4.42 3.40
CA LEU A 56 -24.71 -3.95 3.65
C LEU A 56 -24.71 -2.84 4.70
N LYS A 57 -23.60 -2.72 5.43
CA LYS A 57 -23.45 -1.73 6.48
C LYS A 57 -24.48 -1.90 7.60
N THR A 58 -24.71 -3.15 8.00
CA THR A 58 -25.68 -3.45 9.04
C THR A 58 -25.11 -4.35 10.13
N ILE A 59 -25.84 -4.44 11.24
CA ILE A 59 -25.61 -5.48 12.23
C ILE A 59 -26.94 -6.19 12.44
N SER A 60 -26.99 -7.47 12.13
CA SER A 60 -28.25 -8.20 12.13
C SER A 60 -28.26 -9.33 13.14
N ARG A 61 -29.46 -9.81 13.47
CA ARG A 61 -29.61 -10.93 14.38
C ARG A 61 -30.75 -11.83 13.92
N ALA A 62 -30.72 -13.09 14.35
CA ALA A 62 -31.76 -14.06 14.01
C ALA A 62 -31.59 -15.32 14.85
N PHE A 63 -32.68 -16.06 15.02
CA PHE A 63 -32.61 -17.34 15.70
C PHE A 63 -31.79 -18.32 14.86
N MET A 64 -31.24 -19.34 15.50
CA MET A 64 -30.44 -20.33 14.78
C MET A 64 -31.24 -21.03 13.69
N ASN A 65 -32.56 -21.11 13.86
CA ASN A 65 -33.40 -21.75 12.86
C ASN A 65 -33.72 -20.84 11.67
N GLY A 66 -33.19 -19.62 11.71
CA GLY A 66 -33.33 -18.69 10.60
C GLY A 66 -34.52 -17.75 10.70
N SER A 67 -35.41 -18.03 11.65
CA SER A 67 -36.61 -17.23 11.81
C SER A 67 -36.33 -15.93 12.58
N ALA A 68 -37.13 -14.90 12.27
CA ALA A 68 -37.04 -13.60 12.96
C ALA A 68 -35.77 -12.82 12.59
N LEU A 69 -35.37 -12.92 11.33
CA LEU A 69 -34.22 -12.14 10.85
C LEU A 69 -34.53 -10.65 10.89
N GLU A 70 -33.68 -9.90 11.58
CA GLU A 70 -33.90 -8.46 11.74
C GLU A 70 -32.60 -7.67 11.84
N HIS A 71 -32.56 -6.53 11.15
CA HIS A 71 -31.43 -5.61 11.28
C HIS A 71 -31.57 -4.83 12.58
N VAL A 72 -30.52 -4.85 13.38
CA VAL A 72 -30.53 -4.19 14.69
C VAL A 72 -29.85 -2.83 14.62
N VAL A 73 -28.84 -2.72 13.75
CA VAL A 73 -28.17 -1.45 13.51
C VAL A 73 -28.01 -1.28 12.00
N GLU A 74 -28.57 -0.19 11.46
CA GLU A 74 -28.49 0.05 10.03
C GLU A 74 -28.17 1.50 9.68
N PHE A 75 -27.66 2.24 10.65
CA PHE A 75 -27.26 3.63 10.43
C PHE A 75 -25.86 3.91 10.96
N GLY A 76 -25.16 4.82 10.32
CA GLY A 76 -23.87 5.29 10.81
C GLY A 76 -22.83 4.21 10.99
N LEU A 77 -22.89 3.17 10.14
CA LEU A 77 -21.88 2.12 10.16
C LEU A 77 -21.02 2.19 8.91
N ASP A 78 -19.72 1.95 9.06
CA ASP A 78 -18.79 1.97 7.94
C ASP A 78 -18.09 0.63 7.78
N TYR A 79 -17.29 0.25 8.78
CA TYR A 79 -16.63 -1.06 8.77
C TYR A 79 -16.73 -1.71 10.15
N PRO A 80 -17.90 -2.26 10.47
CA PRO A 80 -18.21 -2.91 11.76
C PRO A 80 -17.55 -4.27 11.86
N GLU A 81 -16.23 -4.29 11.98
CA GLU A 81 -15.49 -5.54 11.96
C GLU A 81 -15.31 -6.13 13.36
N GLY A 82 -15.74 -5.39 14.37
CA GLY A 82 -15.70 -5.88 15.73
C GLY A 82 -17.09 -5.90 16.35
N MET A 83 -17.48 -7.04 16.89
CA MET A 83 -18.74 -7.15 17.62
C MET A 83 -18.64 -8.17 18.73
N ALA A 84 -19.47 -7.99 19.75
CA ALA A 84 -19.56 -8.94 20.85
C ALA A 84 -20.91 -8.81 21.54
N VAL A 85 -21.50 -9.95 21.88
CA VAL A 85 -22.77 -9.96 22.59
C VAL A 85 -22.54 -9.99 24.09
N ASP A 86 -23.18 -9.08 24.81
CA ASP A 86 -23.15 -9.10 26.27
C ASP A 86 -24.35 -9.89 26.77
N TRP A 87 -24.12 -11.15 27.10
CA TRP A 87 -25.19 -12.07 27.49
C TRP A 87 -25.78 -11.75 28.86
N LEU A 88 -25.01 -11.05 29.69
CA LEU A 88 -25.46 -10.70 31.04
C LEU A 88 -26.27 -9.39 31.05
N GLY A 89 -25.64 -8.32 30.59
CA GLY A 89 -26.32 -7.03 30.50
C GLY A 89 -27.29 -6.98 29.34
N LYS A 90 -27.29 -8.03 28.52
CA LYS A 90 -28.15 -8.10 27.33
C LYS A 90 -27.91 -6.92 26.41
N ASN A 91 -26.64 -6.60 26.21
CA ASN A 91 -26.24 -5.46 25.39
C ASN A 91 -25.43 -5.89 24.17
N LEU A 92 -25.44 -5.05 23.14
CA LEU A 92 -24.67 -5.31 21.95
C LEU A 92 -23.54 -4.29 21.81
N TYR A 93 -22.31 -4.80 21.77
CA TYR A 93 -21.13 -3.95 21.57
C TYR A 93 -20.58 -4.14 20.17
N TRP A 94 -20.01 -3.09 19.60
CA TRP A 94 -19.33 -3.20 18.31
C TRP A 94 -18.24 -2.14 18.11
N ALA A 95 -17.31 -2.43 17.22
CA ALA A 95 -16.23 -1.51 16.91
C ALA A 95 -16.16 -1.28 15.40
N ASP A 96 -16.22 -0.03 15.00
CA ASP A 96 -16.16 0.30 13.58
C ASP A 96 -14.80 0.91 13.22
N THR A 97 -14.16 0.34 12.20
CA THR A 97 -12.84 0.80 11.78
C THR A 97 -12.93 2.05 10.91
N GLY A 98 -13.97 2.11 10.08
CA GLY A 98 -14.15 3.25 9.20
C GLY A 98 -14.57 4.49 9.96
N THR A 99 -15.29 4.28 11.06
CA THR A 99 -15.88 5.38 11.80
C THR A 99 -15.09 5.68 13.07
N ASN A 100 -14.18 4.77 13.41
CA ASN A 100 -13.39 4.88 14.63
C ASN A 100 -14.24 5.11 15.88
N ARG A 101 -15.15 4.17 16.16
CA ARG A 101 -15.98 4.25 17.35
C ARG A 101 -16.26 2.88 17.94
N ILE A 102 -16.29 2.81 19.27
CA ILE A 102 -16.79 1.65 19.98
C ILE A 102 -18.14 1.99 20.60
N GLU A 103 -19.20 1.34 20.11
CA GLU A 103 -20.55 1.69 20.49
C GLU A 103 -21.25 0.57 21.25
N VAL A 104 -22.40 0.91 21.84
CA VAL A 104 -23.18 -0.06 22.62
C VAL A 104 -24.66 0.21 22.44
N SER A 105 -25.47 -0.81 22.68
CA SER A 105 -26.92 -0.67 22.62
C SER A 105 -27.55 -1.92 23.18
N LYS A 106 -28.87 -1.99 23.14
CA LYS A 106 -29.59 -3.18 23.56
C LYS A 106 -29.56 -4.21 22.43
N LEU A 107 -29.72 -5.48 22.77
CA LEU A 107 -29.72 -6.54 21.77
C LEU A 107 -30.66 -6.24 20.59
N ASP A 108 -31.71 -5.47 20.86
CA ASP A 108 -32.70 -5.14 19.84
C ASP A 108 -32.36 -3.84 19.12
N GLY A 109 -31.26 -3.21 19.55
CA GLY A 109 -30.73 -2.05 18.84
C GLY A 109 -31.08 -0.69 19.39
N GLN A 110 -31.97 -0.63 20.38
CA GLN A 110 -32.38 0.66 20.92
C GLN A 110 -31.46 1.19 22.00
N HIS A 111 -31.42 2.52 22.14
CA HIS A 111 -30.57 3.21 23.10
C HIS A 111 -29.09 3.09 22.74
N ARG A 112 -28.77 3.38 21.48
CA ARG A 112 -27.39 3.34 21.02
C ARG A 112 -26.58 4.45 21.67
N GLN A 113 -25.31 4.16 21.98
CA GLN A 113 -24.45 5.12 22.66
C GLN A 113 -23.00 4.85 22.30
N VAL A 114 -22.20 5.91 22.24
CA VAL A 114 -20.78 5.78 21.96
C VAL A 114 -20.00 5.71 23.26
N LEU A 115 -19.21 4.66 23.43
CA LEU A 115 -18.45 4.46 24.66
C LEU A 115 -17.01 4.91 24.51
N VAL A 116 -16.48 4.83 23.29
CA VAL A 116 -15.12 5.27 23.00
C VAL A 116 -15.08 5.93 21.62
N TRP A 117 -14.45 7.09 21.52
CA TRP A 117 -14.39 7.81 20.26
C TRP A 117 -13.17 8.72 20.18
N LYS A 118 -12.68 9.15 21.34
CA LYS A 118 -11.48 9.98 21.39
C LYS A 118 -10.24 9.12 21.44
N ASP A 119 -9.27 9.43 20.57
CA ASP A 119 -8.01 8.71 20.50
C ASP A 119 -8.20 7.26 20.05
N LEU A 120 -9.04 7.06 19.04
CA LEU A 120 -9.30 5.73 18.51
C LEU A 120 -8.78 5.60 17.09
N ASP A 121 -7.94 4.60 16.85
CA ASP A 121 -7.40 4.38 15.51
C ASP A 121 -7.55 2.93 15.04
N SER A 122 -8.67 2.64 14.39
CA SER A 122 -8.91 1.35 13.75
C SER A 122 -9.07 0.22 14.76
N PRO A 123 -10.14 0.27 15.55
CA PRO A 123 -10.47 -0.85 16.44
C PRO A 123 -10.99 -2.02 15.62
N ARG A 124 -10.38 -3.20 15.78
CA ARG A 124 -10.72 -4.34 14.94
C ARG A 124 -11.44 -5.45 15.71
N ALA A 125 -10.72 -6.12 16.61
CA ALA A 125 -11.31 -7.22 17.36
C ALA A 125 -11.81 -6.76 18.72
N LEU A 126 -12.97 -7.27 19.14
CA LEU A 126 -13.54 -6.90 20.43
C LEU A 126 -13.91 -8.14 21.26
N ALA A 127 -13.55 -8.12 22.54
CA ALA A 127 -13.86 -9.21 23.45
C ALA A 127 -14.37 -8.68 24.78
N LEU A 128 -15.51 -9.22 25.22
CA LEU A 128 -16.16 -8.72 26.44
C LEU A 128 -15.90 -9.63 27.64
N ASP A 129 -16.08 -9.07 28.83
CA ASP A 129 -16.00 -9.84 30.07
C ASP A 129 -16.93 -9.23 31.11
N PRO A 130 -18.23 -9.50 30.98
CA PRO A 130 -19.29 -8.91 31.81
C PRO A 130 -19.16 -9.29 33.28
N ALA A 131 -18.68 -10.49 33.55
CA ALA A 131 -18.49 -10.95 34.92
C ALA A 131 -17.50 -10.07 35.66
N GLU A 132 -16.51 -9.55 34.93
CA GLU A 132 -15.46 -8.74 35.54
C GLU A 132 -15.60 -7.26 35.23
N GLY A 133 -16.45 -6.93 34.26
CA GLY A 133 -16.72 -5.55 33.91
C GLY A 133 -15.64 -4.92 33.05
N PHE A 134 -14.92 -5.75 32.30
CA PHE A 134 -13.88 -5.26 31.40
C PHE A 134 -14.17 -5.68 29.96
N MET A 135 -13.74 -4.85 29.03
CA MET A 135 -13.77 -5.20 27.61
C MET A 135 -12.40 -4.92 26.98
N TYR A 136 -12.01 -5.75 26.03
CA TYR A 136 -10.70 -5.62 25.40
C TYR A 136 -10.85 -5.53 23.89
N TRP A 137 -9.97 -4.78 23.25
CA TRP A 137 -9.98 -4.66 21.79
C TRP A 137 -8.58 -4.40 21.22
N THR A 138 -8.37 -4.84 19.98
CA THR A 138 -7.13 -4.55 19.27
C THR A 138 -7.29 -3.30 18.43
N GLU A 139 -6.21 -2.56 18.24
CA GLU A 139 -6.19 -1.40 17.34
C GLU A 139 -5.05 -1.51 16.35
N TRP A 140 -5.32 -1.24 15.08
CA TRP A 140 -4.32 -1.40 14.01
C TRP A 140 -3.61 -0.10 13.65
N GLY A 141 -4.30 1.02 13.80
CA GLY A 141 -3.81 2.29 13.30
C GLY A 141 -2.71 2.95 14.12
N GLY A 142 -1.84 3.70 13.43
CA GLY A 142 -0.76 4.41 14.06
C GLY A 142 0.33 3.49 14.59
N LYS A 143 0.08 2.89 15.74
CA LYS A 143 0.99 1.91 16.31
C LYS A 143 0.16 0.86 17.01
N PRO A 144 0.05 -0.34 16.41
CA PRO A 144 -0.81 -1.42 16.89
C PRO A 144 -0.70 -1.63 18.41
N LYS A 145 -1.80 -2.05 19.03
CA LYS A 145 -1.85 -2.24 20.47
C LYS A 145 -3.14 -2.93 20.89
N ILE A 146 -3.17 -3.39 22.14
CA ILE A 146 -4.39 -3.92 22.73
C ILE A 146 -4.78 -3.08 23.94
N ASP A 147 -5.93 -2.41 23.85
CA ASP A 147 -6.41 -1.57 24.94
C ASP A 147 -7.43 -2.31 25.78
N ARG A 148 -7.74 -1.75 26.94
CA ARG A 148 -8.76 -2.29 27.83
C ARG A 148 -9.58 -1.12 28.37
N ALA A 149 -10.80 -1.42 28.78
CA ALA A 149 -11.66 -0.41 29.38
C ALA A 149 -12.87 -1.05 30.04
N ALA A 150 -13.41 -0.40 31.06
CA ALA A 150 -14.66 -0.85 31.67
C ALA A 150 -15.69 -0.90 30.56
N MET A 151 -16.71 -1.75 30.72
CA MET A 151 -17.72 -1.90 29.69
C MET A 151 -18.68 -0.71 29.62
N ASP A 152 -18.22 0.43 30.15
CA ASP A 152 -18.95 1.69 30.06
C ASP A 152 -18.07 2.73 29.38
N GLY A 153 -16.84 2.33 29.05
CA GLY A 153 -15.90 3.19 28.34
C GLY A 153 -14.90 3.86 29.26
N SER A 154 -15.01 3.58 30.55
CA SER A 154 -14.19 4.24 31.55
C SER A 154 -12.86 3.50 31.78
N GLU A 155 -11.89 4.21 32.34
CA GLU A 155 -10.62 3.61 32.73
C GLU A 155 -9.91 2.95 31.55
N ARG A 156 -9.92 3.63 30.40
CA ARG A 156 -9.26 3.11 29.21
C ARG A 156 -7.75 3.07 29.40
N THR A 157 -7.13 1.93 29.12
CA THR A 157 -5.68 1.80 29.25
C THR A 157 -5.10 0.85 28.20
N THR A 158 -3.85 1.09 27.84
CA THR A 158 -3.15 0.25 26.87
C THR A 158 -2.55 -0.99 27.53
N LEU A 159 -3.18 -2.13 27.32
CA LEU A 159 -2.77 -3.39 27.93
C LEU A 159 -1.49 -3.93 27.32
N VAL A 160 -1.40 -3.90 25.99
CA VAL A 160 -0.21 -4.35 25.28
C VAL A 160 0.23 -3.30 24.25
N PRO A 161 1.34 -2.61 24.55
CA PRO A 161 1.87 -1.52 23.71
C PRO A 161 2.63 -2.02 22.49
N ASN A 162 3.41 -3.08 22.68
CA ASN A 162 4.27 -3.59 21.60
C ASN A 162 3.72 -4.86 20.98
N VAL A 163 3.03 -4.70 19.85
CA VAL A 163 2.47 -5.83 19.14
C VAL A 163 2.08 -5.40 17.73
N GLY A 164 2.01 -6.36 16.82
CA GLY A 164 1.58 -6.09 15.46
C GLY A 164 0.07 -6.10 15.38
N ARG A 165 -0.48 -5.78 14.21
CA ARG A 165 -1.92 -5.80 14.00
C ARG A 165 -2.50 -7.13 14.45
N ALA A 166 -3.32 -7.11 15.50
CA ALA A 166 -3.84 -8.33 16.09
C ALA A 166 -5.32 -8.58 15.78
N ASN A 167 -5.69 -9.86 15.76
CA ASN A 167 -7.04 -10.27 15.39
C ASN A 167 -7.51 -11.47 16.22
N GLY A 168 -8.79 -11.79 16.12
CA GLY A 168 -9.36 -12.93 16.80
C GLY A 168 -9.15 -12.90 18.30
N LEU A 169 -9.31 -11.73 18.89
CA LEU A 169 -9.13 -11.56 20.33
C LEU A 169 -10.14 -12.40 21.10
N THR A 170 -9.63 -13.38 21.84
CA THR A 170 -10.50 -14.31 22.55
C THR A 170 -10.10 -14.42 24.02
N ILE A 171 -11.08 -14.64 24.89
CA ILE A 171 -10.83 -14.72 26.31
C ILE A 171 -11.06 -16.14 26.85
N ASP A 172 -10.02 -16.71 27.44
CA ASP A 172 -10.16 -17.96 28.17
C ASP A 172 -10.68 -17.60 29.56
N TYR A 173 -12.00 -17.55 29.69
CA TYR A 173 -12.63 -17.11 30.93
C TYR A 173 -12.21 -17.94 32.13
N ALA A 174 -12.14 -19.26 31.95
CA ALA A 174 -11.78 -20.17 33.03
C ALA A 174 -10.34 -19.99 33.48
N LYS A 175 -9.41 -19.96 32.52
CA LYS A 175 -8.00 -19.87 32.86
C LYS A 175 -7.51 -18.42 32.92
N ARG A 176 -8.42 -17.48 32.66
CA ARG A 176 -8.12 -16.05 32.76
C ARG A 176 -6.91 -15.62 31.92
N ARG A 177 -7.01 -15.81 30.61
CA ARG A 177 -5.94 -15.41 29.69
C ARG A 177 -6.47 -14.83 28.39
N LEU A 178 -5.63 -14.08 27.69
CA LEU A 178 -5.99 -13.48 26.41
C LEU A 178 -5.26 -14.14 25.25
N TYR A 179 -6.03 -14.66 24.30
CA TYR A 179 -5.44 -15.21 23.08
C TYR A 179 -5.70 -14.29 21.89
N TRP A 180 -4.74 -14.20 20.99
CA TRP A 180 -4.92 -13.41 19.77
C TRP A 180 -3.94 -13.84 18.69
N THR A 181 -4.26 -13.51 17.44
CA THR A 181 -3.35 -13.75 16.33
C THR A 181 -2.65 -12.45 15.97
N ASP A 182 -1.35 -12.53 15.67
CA ASP A 182 -0.61 -11.36 15.23
C ASP A 182 -0.38 -11.47 13.74
N LEU A 183 -1.18 -10.74 12.97
CA LEU A 183 -1.16 -10.83 11.51
C LEU A 183 0.14 -10.32 10.90
N ASP A 184 0.81 -9.39 11.58
CA ASP A 184 2.07 -8.84 11.11
C ASP A 184 3.26 -9.73 11.46
N THR A 185 3.33 -10.13 12.73
CA THR A 185 4.41 -10.99 13.21
C THR A 185 4.14 -12.43 12.78
N ASN A 186 2.88 -12.71 12.47
CA ASN A 186 2.47 -14.01 11.95
C ASN A 186 2.55 -15.13 12.98
N LEU A 187 1.83 -14.97 14.08
CA LEU A 187 1.86 -15.95 15.16
C LEU A 187 0.65 -15.86 16.06
N ILE A 188 0.48 -16.85 16.93
CA ILE A 188 -0.54 -16.80 17.96
C ILE A 188 0.12 -16.53 19.30
N GLU A 189 -0.34 -15.48 19.98
CA GLU A 189 0.19 -15.12 21.29
C GLU A 189 -0.83 -15.38 22.38
N SER A 190 -0.42 -15.12 23.62
CA SER A 190 -1.27 -15.30 24.78
C SER A 190 -0.71 -14.52 25.95
N SER A 191 -1.59 -14.05 26.83
CA SER A 191 -1.17 -13.34 28.03
C SER A 191 -2.25 -13.42 29.10
N ASN A 192 -2.01 -12.74 30.22
CA ASN A 192 -3.03 -12.60 31.25
C ASN A 192 -3.82 -11.31 31.06
N MET A 193 -4.87 -11.15 31.87
CA MET A 193 -5.75 -9.99 31.76
C MET A 193 -5.03 -8.66 31.95
N LEU A 194 -3.84 -8.71 32.53
CA LEU A 194 -3.05 -7.49 32.73
C LEU A 194 -2.09 -7.30 31.56
N GLY A 195 -2.13 -8.22 30.60
CA GLY A 195 -1.29 -8.15 29.43
C GLY A 195 0.14 -8.53 29.71
N LEU A 196 0.34 -9.29 30.78
CA LEU A 196 1.67 -9.76 31.14
C LEU A 196 1.76 -11.28 30.97
N ASN A 197 2.80 -11.88 31.53
CA ASN A 197 2.98 -13.33 31.40
C ASN A 197 2.74 -13.73 29.95
N ARG A 198 3.39 -13.00 29.04
CA ARG A 198 3.14 -13.13 27.62
C ARG A 198 3.85 -14.35 27.06
N GLU A 199 3.12 -15.14 26.29
CA GLU A 199 3.67 -16.35 25.68
C GLU A 199 3.25 -16.54 24.24
N VAL A 200 4.17 -17.07 23.43
CA VAL A 200 3.86 -17.40 22.04
C VAL A 200 3.41 -18.86 21.96
N ILE A 201 2.16 -19.07 21.56
CA ILE A 201 1.59 -20.41 21.46
C ILE A 201 2.07 -21.13 20.20
N ALA A 202 2.20 -20.39 19.10
CA ALA A 202 2.65 -20.97 17.84
C ALA A 202 3.15 -19.89 16.88
N ASP A 203 4.35 -20.10 16.35
CA ASP A 203 4.94 -19.13 15.43
C ASP A 203 5.40 -19.76 14.12
N ASP A 204 5.15 -21.06 13.97
CA ASP A 204 5.53 -21.77 12.75
C ASP A 204 4.34 -22.02 11.83
N LEU A 205 3.25 -21.28 12.05
CA LEU A 205 2.07 -21.38 11.21
C LEU A 205 2.20 -20.44 10.01
N PRO A 206 1.78 -20.90 8.83
CA PRO A 206 1.94 -20.16 7.57
C PRO A 206 1.18 -18.83 7.55
N HIS A 207 -0.10 -18.85 7.91
CA HIS A 207 -0.93 -17.65 7.82
C HIS A 207 -2.18 -17.70 8.71
N PRO A 208 -1.98 -17.62 10.04
CA PRO A 208 -3.12 -17.59 10.97
C PRO A 208 -3.90 -16.29 10.83
N PHE A 209 -5.22 -16.37 10.96
CA PHE A 209 -6.08 -15.19 10.79
C PHE A 209 -7.16 -15.16 11.86
N GLY A 210 -8.19 -15.98 11.69
CA GLY A 210 -9.24 -16.10 12.69
C GLY A 210 -8.75 -16.86 13.90
N LEU A 211 -9.46 -16.74 15.02
CA LEU A 211 -9.06 -17.41 16.25
C LEU A 211 -10.19 -17.47 17.28
N THR A 212 -10.25 -18.57 18.01
CA THR A 212 -11.18 -18.71 19.12
C THR A 212 -10.61 -19.79 20.03
N GLN A 213 -11.28 -20.08 21.13
CA GLN A 213 -10.81 -21.11 22.04
C GLN A 213 -11.95 -21.76 22.83
N TYR A 214 -11.84 -23.07 23.06
CA TYR A 214 -12.88 -23.81 23.77
C TYR A 214 -12.27 -24.99 24.52
N GLN A 215 -12.46 -24.99 25.83
CA GLN A 215 -11.91 -26.01 26.71
C GLN A 215 -10.38 -26.00 26.70
N ASP A 216 -9.77 -27.08 26.24
CA ASP A 216 -8.31 -27.20 26.25
C ASP A 216 -7.67 -26.84 24.93
N TYR A 217 -8.50 -26.51 23.94
CA TYR A 217 -7.98 -26.25 22.59
C TYR A 217 -8.11 -24.79 22.17
N ILE A 218 -7.25 -24.39 21.23
CA ILE A 218 -7.45 -23.15 20.48
C ILE A 218 -7.76 -23.52 19.03
N TYR A 219 -8.65 -22.74 18.42
CA TYR A 219 -8.96 -22.93 17.02
C TYR A 219 -8.53 -21.70 16.23
N TRP A 220 -7.92 -21.91 15.07
CA TRP A 220 -7.58 -20.79 14.19
C TRP A 220 -7.92 -21.13 12.75
N THR A 221 -7.95 -20.11 11.90
CA THR A 221 -8.10 -20.32 10.47
C THR A 221 -6.77 -19.97 9.81
N ASP A 222 -6.48 -20.61 8.68
CA ASP A 222 -5.27 -20.29 7.93
C ASP A 222 -5.61 -19.83 6.52
N TRP A 223 -5.26 -18.59 6.23
CA TRP A 223 -5.57 -17.98 4.94
C TRP A 223 -4.97 -18.80 3.80
N SER A 224 -3.75 -19.29 4.00
CA SER A 224 -3.00 -19.92 2.92
C SER A 224 -3.25 -21.43 2.81
N ARG A 225 -3.37 -22.10 3.95
CA ARG A 225 -3.70 -23.52 3.96
C ARG A 225 -5.20 -23.73 3.78
N ARG A 226 -5.95 -22.63 3.78
CA ARG A 226 -7.38 -22.67 3.51
C ARG A 226 -8.09 -23.66 4.43
N SER A 227 -8.03 -23.40 5.73
CA SER A 227 -8.51 -24.38 6.69
C SER A 227 -8.92 -23.80 8.05
N ILE A 228 -9.42 -24.68 8.89
CA ILE A 228 -9.66 -24.41 10.30
C ILE A 228 -8.96 -25.53 11.06
N GLU A 229 -8.04 -25.17 11.93
CA GLU A 229 -7.25 -26.17 12.64
C GLU A 229 -7.40 -26.00 14.15
N ARG A 230 -6.81 -26.92 14.90
CA ARG A 230 -6.96 -26.93 16.34
C ARG A 230 -5.64 -27.30 17.00
N ALA A 231 -5.49 -26.93 18.27
CA ALA A 231 -4.25 -27.25 18.98
C ALA A 231 -4.37 -27.10 20.49
N ASN A 232 -3.55 -27.85 21.21
CA ASN A 232 -3.39 -27.69 22.64
C ASN A 232 -3.20 -26.21 22.96
N LYS A 233 -4.11 -25.65 23.73
CA LYS A 233 -4.14 -24.19 23.96
C LYS A 233 -2.91 -23.66 24.66
N THR A 234 -2.27 -24.47 25.50
CA THR A 234 -1.06 -24.06 26.18
C THR A 234 0.20 -24.55 25.46
N SER A 235 0.15 -25.78 24.96
CA SER A 235 1.28 -26.37 24.27
C SER A 235 1.42 -25.83 22.85
N GLY A 236 0.31 -25.76 22.14
CA GLY A 236 0.32 -25.34 20.75
C GLY A 236 0.55 -26.53 19.84
N GLN A 237 0.69 -27.70 20.45
CA GLN A 237 0.88 -28.94 19.70
C GLN A 237 -0.36 -29.83 19.80
N ASN A 238 -0.20 -31.11 19.48
CA ASN A 238 -1.34 -32.01 19.37
C ASN A 238 -2.33 -31.41 18.38
N ARG A 239 -1.80 -31.02 17.22
CA ARG A 239 -2.57 -30.30 16.22
C ARG A 239 -3.28 -31.22 15.23
N THR A 240 -4.50 -30.85 14.87
CA THR A 240 -5.26 -31.57 13.86
C THR A 240 -5.97 -30.60 12.94
N ILE A 241 -6.53 -31.11 11.85
CA ILE A 241 -7.29 -30.28 10.92
C ILE A 241 -8.78 -30.56 11.04
N ILE A 242 -9.53 -29.54 11.43
CA ILE A 242 -10.98 -29.66 11.60
C ILE A 242 -11.68 -29.70 10.24
N GLN A 243 -11.34 -28.74 9.38
CA GLN A 243 -11.95 -28.64 8.06
C GLN A 243 -10.97 -28.01 7.09
N GLY A 244 -10.99 -28.47 5.83
CA GLY A 244 -10.13 -27.93 4.81
C GLY A 244 -10.92 -27.31 3.68
N HIS A 245 -10.22 -26.78 2.68
CA HIS A 245 -10.86 -26.15 1.53
C HIS A 245 -11.79 -25.02 1.96
N LEU A 246 -11.33 -24.22 2.92
CA LEU A 246 -12.08 -23.08 3.41
C LEU A 246 -11.24 -21.81 3.30
N ASP A 247 -11.46 -21.06 2.22
CA ASP A 247 -10.74 -19.82 2.00
C ASP A 247 -11.59 -18.62 2.40
N TYR A 248 -10.93 -17.50 2.68
CA TYR A 248 -11.61 -16.25 3.01
C TYR A 248 -12.52 -16.32 4.24
N VAL A 249 -12.10 -17.08 5.25
CA VAL A 249 -12.85 -17.17 6.51
C VAL A 249 -12.54 -15.95 7.40
N MET A 250 -13.57 -15.16 7.69
CA MET A 250 -13.40 -13.92 8.44
C MET A 250 -13.38 -14.13 9.94
N ASP A 251 -14.46 -14.70 10.47
CA ASP A 251 -14.57 -14.91 11.90
C ASP A 251 -14.89 -16.37 12.22
N ILE A 252 -14.34 -16.84 13.33
CA ILE A 252 -14.59 -18.19 13.80
C ILE A 252 -14.97 -18.13 15.27
N LEU A 253 -15.86 -19.00 15.70
CA LEU A 253 -16.36 -18.92 17.08
C LEU A 253 -17.12 -20.17 17.52
N VAL A 254 -16.80 -20.67 18.72
CA VAL A 254 -17.45 -21.84 19.27
C VAL A 254 -18.73 -21.48 20.03
N PHE A 255 -19.82 -22.12 19.65
CA PHE A 255 -21.14 -21.86 20.22
C PHE A 255 -21.52 -22.92 21.26
N HIS A 256 -21.39 -22.57 22.54
CA HIS A 256 -21.77 -23.48 23.61
C HIS A 256 -22.07 -22.73 24.92
N SER A 257 -22.88 -23.33 25.77
CA SER A 257 -23.30 -22.70 27.02
C SER A 257 -22.14 -22.32 27.92
N SER A 258 -21.09 -23.14 27.92
CA SER A 258 -19.95 -22.92 28.79
C SER A 258 -19.08 -21.73 28.36
N ARG A 259 -19.50 -21.06 27.29
CA ARG A 259 -18.79 -19.88 26.80
C ARG A 259 -19.42 -18.59 27.33
N GLN A 260 -20.70 -18.65 27.67
CA GLN A 260 -21.40 -17.50 28.25
C GLN A 260 -21.95 -17.82 29.63
N SER A 261 -21.06 -17.84 30.63
CA SER A 261 -21.47 -18.09 32.01
C SER A 261 -21.14 -16.89 32.89
N GLY A 262 -21.28 -17.07 34.19
CA GLY A 262 -21.01 -16.00 35.14
C GLY A 262 -22.26 -15.17 35.41
N TRP A 263 -22.15 -14.27 36.38
CA TRP A 263 -23.29 -13.46 36.77
C TRP A 263 -22.95 -11.98 36.86
N ASN A 264 -23.98 -11.15 36.79
CA ASN A 264 -23.82 -9.71 36.80
C ASN A 264 -25.05 -9.04 37.37
N GLU A 265 -24.86 -7.90 38.03
CA GLU A 265 -25.97 -7.12 38.55
C GLU A 265 -26.94 -6.74 37.44
N CYS A 266 -26.41 -6.57 36.24
CA CYS A 266 -27.22 -6.22 35.07
C CYS A 266 -28.07 -7.39 34.63
N ALA A 267 -27.72 -8.58 35.10
CA ALA A 267 -28.43 -9.80 34.70
C ALA A 267 -29.67 -10.03 35.58
N SER A 268 -29.65 -9.48 36.78
CA SER A 268 -30.74 -9.64 37.72
C SER A 268 -31.99 -8.86 37.31
N SER A 269 -31.86 -7.54 37.22
CA SER A 269 -32.99 -6.69 36.87
C SER A 269 -32.57 -5.49 36.04
N ASN A 270 -31.49 -5.66 35.28
CA ASN A 270 -30.95 -4.59 34.45
C ASN A 270 -30.52 -3.39 35.30
N GLY A 271 -30.22 -3.66 36.57
CA GLY A 271 -29.77 -2.63 37.49
C GLY A 271 -30.81 -1.57 37.80
N HIS A 272 -32.07 -1.87 37.47
CA HIS A 272 -33.15 -0.92 37.66
C HIS A 272 -32.96 0.31 36.79
N CYS A 273 -32.09 0.19 35.78
CA CYS A 273 -31.76 1.30 34.89
C CYS A 273 -32.84 1.52 33.84
N SER A 274 -33.10 2.79 33.54
CA SER A 274 -34.14 3.16 32.59
C SER A 274 -33.78 2.82 31.14
N HIS A 275 -32.48 2.67 30.87
CA HIS A 275 -32.04 2.40 29.50
C HIS A 275 -30.97 1.32 29.40
N LEU A 276 -29.72 1.68 29.74
CA LEU A 276 -28.60 0.76 29.60
C LEU A 276 -27.98 0.40 30.94
N CYS A 277 -27.68 -0.89 31.11
CA CYS A 277 -26.96 -1.38 32.26
C CYS A 277 -25.56 -1.82 31.83
N LEU A 278 -24.54 -1.09 32.29
CA LEU A 278 -23.17 -1.29 31.82
C LEU A 278 -22.23 -1.75 32.93
N ALA A 279 -21.57 -2.89 32.70
CA ALA A 279 -20.68 -3.49 33.69
C ALA A 279 -19.40 -2.68 33.90
N VAL A 280 -18.90 -2.67 35.13
CA VAL A 280 -17.67 -1.97 35.48
C VAL A 280 -16.84 -2.83 36.45
N PRO A 281 -15.55 -2.49 36.65
CA PRO A 281 -14.65 -3.23 37.54
C PRO A 281 -15.30 -3.74 38.82
N VAL A 282 -14.82 -4.87 39.31
CA VAL A 282 -15.33 -5.56 40.50
C VAL A 282 -16.54 -6.43 40.16
N GLY A 283 -17.00 -6.35 38.92
CA GLY A 283 -18.17 -7.07 38.48
C GLY A 283 -19.44 -6.29 38.77
N GLY A 284 -19.26 -5.02 39.12
CA GLY A 284 -20.38 -4.12 39.39
C GLY A 284 -20.93 -3.52 38.13
N PHE A 285 -21.72 -2.46 38.25
CA PHE A 285 -22.34 -1.83 37.09
C PHE A 285 -22.57 -0.33 37.25
N VAL A 286 -23.09 0.26 36.18
CA VAL A 286 -23.47 1.68 36.18
C VAL A 286 -24.52 1.86 35.08
N CYS A 287 -25.40 2.84 35.27
CA CYS A 287 -26.46 3.10 34.30
C CYS A 287 -25.99 4.02 33.17
N GLY A 288 -26.27 3.62 31.94
CA GLY A 288 -25.89 4.41 30.79
C GLY A 288 -27.10 4.92 30.03
N CYS A 289 -26.91 5.96 29.24
CA CYS A 289 -28.00 6.56 28.49
C CYS A 289 -27.73 6.48 27.00
N PRO A 290 -28.76 6.75 26.18
CA PRO A 290 -28.57 6.84 24.73
C PRO A 290 -27.63 8.00 24.39
N ALA A 291 -27.26 8.12 23.12
CA ALA A 291 -26.36 9.19 22.70
C ALA A 291 -26.97 10.56 23.00
N HIS A 292 -26.18 11.42 23.64
CA HIS A 292 -26.55 12.80 23.94
C HIS A 292 -27.53 12.94 25.11
N TYR A 293 -28.12 11.83 25.50
CA TYR A 293 -28.94 11.78 26.70
C TYR A 293 -28.06 11.97 27.94
N SER A 294 -28.67 12.42 29.03
CA SER A 294 -27.92 12.65 30.26
C SER A 294 -28.45 11.79 31.39
N LEU A 295 -27.55 11.31 32.25
CA LEU A 295 -27.94 10.51 33.41
C LEU A 295 -28.39 11.42 34.54
N ASN A 296 -29.67 11.31 34.92
CA ASN A 296 -30.24 12.15 35.95
C ASN A 296 -29.56 11.97 37.31
N ALA A 297 -29.90 12.84 38.26
CA ALA A 297 -29.28 12.82 39.58
C ALA A 297 -29.50 11.48 40.30
N ASP A 298 -30.59 10.80 39.98
CA ASP A 298 -30.90 9.52 40.63
C ASP A 298 -30.02 8.38 40.12
N ASN A 299 -29.06 8.71 39.26
CA ASN A 299 -28.10 7.73 38.75
C ASN A 299 -28.76 6.52 38.07
N ARG A 300 -30.05 6.61 37.76
CA ARG A 300 -30.76 5.50 37.14
C ARG A 300 -31.66 5.88 35.96
N THR A 301 -32.08 7.14 35.90
CA THR A 301 -32.94 7.58 34.80
C THR A 301 -32.20 8.49 33.83
N CYS A 302 -32.68 8.52 32.59
CA CYS A 302 -32.05 9.32 31.55
C CYS A 302 -32.98 10.40 31.03
N SER A 303 -32.41 11.55 30.69
CA SER A 303 -33.18 12.63 30.10
C SER A 303 -32.55 13.03 28.76
N ALA A 304 -33.40 13.16 27.75
CA ALA A 304 -32.95 13.50 26.40
C ALA A 304 -32.33 14.90 26.36
N PRO A 305 -31.54 15.18 25.32
CA PRO A 305 -30.96 16.51 25.16
C PRO A 305 -32.03 17.56 24.92
N THR A 306 -31.87 18.73 25.52
CA THR A 306 -32.84 19.82 25.35
C THR A 306 -32.31 20.89 24.41
N THR A 307 -30.99 21.00 24.34
CA THR A 307 -30.34 21.97 23.46
C THR A 307 -29.23 21.31 22.64
N PHE A 308 -29.27 21.50 21.33
CA PHE A 308 -28.33 20.83 20.43
C PHE A 308 -28.37 21.45 19.03
N LEU A 309 -27.43 21.03 18.19
CA LEU A 309 -27.38 21.46 16.80
C LEU A 309 -27.80 20.36 15.84
N LEU A 310 -28.49 20.75 14.77
CA LEU A 310 -28.86 19.83 13.69
C LEU A 310 -28.25 20.32 12.40
N PHE A 311 -27.37 19.53 11.80
CA PHE A 311 -26.86 19.84 10.47
C PHE A 311 -27.22 18.72 9.51
N SER A 312 -27.73 19.10 8.34
CA SER A 312 -28.20 18.13 7.36
C SER A 312 -27.29 18.07 6.15
N GLN A 313 -27.17 16.88 5.58
CA GLN A 313 -26.54 16.69 4.29
C GLN A 313 -27.56 16.06 3.34
N LYS A 314 -27.17 15.83 2.10
CA LYS A 314 -28.10 15.35 1.07
C LYS A 314 -28.96 14.16 1.51
N SER A 315 -28.33 13.16 2.13
CA SER A 315 -29.04 11.93 2.49
C SER A 315 -28.98 11.59 3.97
N ALA A 316 -28.77 12.58 4.81
CA ALA A 316 -28.70 12.34 6.25
C ALA A 316 -28.94 13.61 7.06
N ILE A 317 -29.49 13.43 8.26
CA ILE A 317 -29.66 14.53 9.20
C ILE A 317 -28.93 14.17 10.48
N ASN A 318 -28.05 15.06 10.92
CA ASN A 318 -27.20 14.78 12.07
C ASN A 318 -27.51 15.69 13.24
N ARG A 319 -27.29 15.18 14.45
CA ARG A 319 -27.38 15.99 15.66
C ARG A 319 -26.02 16.04 16.34
N MET A 320 -25.63 17.23 16.77
CA MET A 320 -24.42 17.39 17.56
C MET A 320 -24.71 18.21 18.82
N VAL A 321 -24.02 17.89 19.91
CA VAL A 321 -24.19 18.61 21.16
C VAL A 321 -22.84 19.15 21.62
N ILE A 322 -22.87 20.10 22.55
CA ILE A 322 -21.64 20.62 23.12
C ILE A 322 -21.49 20.19 24.57
N ASP A 323 -21.14 18.93 24.79
CA ASP A 323 -20.78 18.44 26.11
C ASP A 323 -19.30 18.66 26.31
N GLU A 324 -18.88 18.86 27.55
CA GLU A 324 -17.45 18.94 27.85
C GLU A 324 -16.85 17.55 27.69
N GLN A 325 -17.73 16.55 27.71
CA GLN A 325 -17.34 15.17 27.47
C GLN A 325 -16.88 15.00 26.04
N GLN A 326 -17.20 16.00 25.20
CA GLN A 326 -16.80 16.01 23.80
C GLN A 326 -17.65 15.07 22.95
N SER A 327 -18.81 14.68 23.46
CA SER A 327 -19.70 13.74 22.78
C SER A 327 -19.75 13.96 21.27
N PRO A 328 -19.58 12.87 20.51
CA PRO A 328 -19.55 12.88 19.04
C PRO A 328 -20.93 13.01 18.43
N ASP A 329 -21.02 13.65 17.26
CA ASP A 329 -22.30 13.79 16.58
C ASP A 329 -22.81 12.43 16.13
N ILE A 330 -24.11 12.34 15.86
CA ILE A 330 -24.72 11.08 15.45
C ILE A 330 -25.66 11.28 14.26
N ILE A 331 -25.91 10.20 13.53
CA ILE A 331 -26.85 10.20 12.42
C ILE A 331 -28.23 9.75 12.90
N LEU A 332 -29.22 10.62 12.74
CA LEU A 332 -30.59 10.29 13.13
C LEU A 332 -31.14 9.16 12.25
N PRO A 333 -31.71 8.13 12.88
CA PRO A 333 -32.24 6.93 12.23
C PRO A 333 -33.51 7.20 11.43
N ILE A 334 -33.46 8.18 10.52
CA ILE A 334 -34.62 8.50 9.70
C ILE A 334 -34.51 7.85 8.32
N HIS A 335 -35.45 6.96 8.03
CA HIS A 335 -35.45 6.24 6.77
C HIS A 335 -35.89 7.11 5.59
N SER A 336 -35.62 6.63 4.38
CA SER A 336 -36.06 7.29 3.15
C SER A 336 -35.72 8.78 3.09
N LEU A 337 -34.43 9.10 3.21
CA LEU A 337 -33.95 10.45 2.96
C LEU A 337 -33.22 10.50 1.63
N ARG A 338 -33.79 11.19 0.66
CA ARG A 338 -33.24 11.21 -0.70
C ARG A 338 -32.42 12.47 -0.99
N ASN A 339 -32.97 13.62 -0.65
CA ASN A 339 -32.29 14.89 -0.89
C ASN A 339 -32.92 16.01 -0.07
N VAL A 340 -32.32 16.31 1.08
CA VAL A 340 -32.85 17.35 1.95
C VAL A 340 -32.28 18.72 1.59
N ARG A 341 -33.16 19.71 1.48
CA ARG A 341 -32.77 21.06 1.12
C ARG A 341 -32.60 21.94 2.35
N ALA A 342 -33.52 21.79 3.30
CA ALA A 342 -33.51 22.61 4.50
C ALA A 342 -34.21 21.87 5.64
N ILE A 343 -33.93 22.30 6.87
CA ILE A 343 -34.54 21.67 8.04
C ILE A 343 -34.94 22.69 9.10
N ASP A 344 -35.88 22.29 9.94
CA ASP A 344 -36.31 23.10 11.07
C ASP A 344 -36.71 22.12 12.17
N TYR A 345 -37.08 22.64 13.33
CA TYR A 345 -37.40 21.79 14.47
C TYR A 345 -38.46 22.40 15.37
N ASP A 346 -39.37 21.55 15.87
CA ASP A 346 -40.41 22.00 16.77
C ASP A 346 -40.05 21.63 18.22
N PRO A 347 -39.71 22.65 19.02
CA PRO A 347 -39.28 22.51 20.41
C PRO A 347 -40.45 22.16 21.35
N LEU A 348 -41.67 22.26 20.85
CA LEU A 348 -42.85 22.03 21.66
C LEU A 348 -43.22 20.55 21.72
N ASP A 349 -43.25 19.90 20.56
CA ASP A 349 -43.55 18.47 20.50
C ASP A 349 -42.33 17.63 20.12
N LYS A 350 -41.16 18.26 20.13
CA LYS A 350 -39.91 17.58 19.78
C LYS A 350 -40.04 16.80 18.47
N GLN A 351 -40.27 17.52 17.38
CA GLN A 351 -40.44 16.92 16.07
C GLN A 351 -39.53 17.60 15.05
N LEU A 352 -38.95 16.80 14.15
CA LEU A 352 -38.03 17.32 13.15
C LEU A 352 -38.70 17.44 11.78
N TYR A 353 -38.55 18.59 11.13
CA TYR A 353 -39.17 18.85 9.84
C TYR A 353 -38.11 19.11 8.78
N TRP A 354 -38.37 18.71 7.54
CA TRP A 354 -37.41 18.93 6.45
C TRP A 354 -38.05 18.94 5.06
N ILE A 355 -37.36 19.59 4.12
CA ILE A 355 -37.79 19.60 2.73
C ILE A 355 -37.00 18.57 1.92
N ASP A 356 -37.72 17.81 1.10
CA ASP A 356 -37.08 16.82 0.24
C ASP A 356 -37.31 17.19 -1.22
N SER A 357 -36.24 17.55 -1.91
CA SER A 357 -36.33 18.02 -3.29
C SER A 357 -36.63 16.88 -4.28
N ARG A 358 -36.21 15.68 -3.93
CA ARG A 358 -36.50 14.51 -4.75
C ARG A 358 -38.00 14.34 -4.90
N GLN A 359 -38.70 14.40 -3.76
CA GLN A 359 -40.15 14.19 -3.73
C GLN A 359 -40.94 15.50 -3.79
N ASN A 360 -40.22 16.63 -3.76
CA ASN A 360 -40.86 17.94 -3.72
C ASN A 360 -41.91 18.05 -2.64
N MET A 361 -41.54 17.69 -1.41
CA MET A 361 -42.49 17.69 -0.30
C MET A 361 -41.84 18.09 1.02
N ILE A 362 -42.67 18.43 1.99
CA ILE A 362 -42.20 18.68 3.35
C ILE A 362 -42.61 17.53 4.26
N ARG A 363 -41.64 16.99 4.98
CA ARG A 363 -41.90 15.85 5.87
C ARG A 363 -41.54 16.18 7.31
N LYS A 364 -41.87 15.25 8.21
CA LYS A 364 -41.57 15.41 9.62
C LYS A 364 -41.48 14.06 10.29
N ALA A 365 -40.63 13.98 11.32
CA ALA A 365 -40.47 12.76 12.10
C ALA A 365 -39.83 13.12 13.43
N GLN A 366 -39.81 12.17 14.35
CA GLN A 366 -39.23 12.42 15.66
C GLN A 366 -37.74 12.06 15.67
N GLU A 367 -37.05 12.47 16.72
CA GLU A 367 -35.62 12.20 16.88
C GLU A 367 -35.28 10.76 16.50
N ASP A 368 -36.00 9.81 17.09
CA ASP A 368 -35.73 8.39 16.90
C ASP A 368 -36.15 7.89 15.52
N GLY A 369 -36.68 8.78 14.69
CA GLY A 369 -36.99 8.45 13.32
C GLY A 369 -38.37 7.86 13.10
N SER A 370 -39.10 7.64 14.19
CA SER A 370 -40.44 7.09 14.10
C SER A 370 -41.48 8.22 13.99
N GLN A 371 -42.75 7.83 13.88
CA GLN A 371 -43.84 8.80 13.84
C GLN A 371 -43.70 9.73 12.64
N GLY A 372 -43.26 9.17 11.51
CA GLY A 372 -43.10 9.95 10.30
C GLY A 372 -44.43 10.41 9.74
N PHE A 373 -44.41 11.53 9.02
CA PHE A 373 -45.63 12.09 8.46
C PHE A 373 -45.33 13.21 7.47
N THR A 374 -45.95 13.16 6.30
CA THR A 374 -45.76 14.20 5.29
C THR A 374 -46.77 15.33 5.49
N VAL A 375 -46.26 16.55 5.59
CA VAL A 375 -47.10 17.72 5.85
C VAL A 375 -47.48 18.48 4.57
N VAL A 376 -46.61 18.42 3.57
CA VAL A 376 -46.89 19.05 2.28
C VAL A 376 -46.49 18.17 1.11
N VAL A 377 -47.44 17.92 0.21
CA VAL A 377 -47.19 17.15 -1.01
C VAL A 377 -47.83 17.86 -2.19
N SER A 378 -47.49 17.44 -3.41
CA SER A 378 -48.05 18.05 -4.61
C SER A 378 -48.87 17.05 -5.43
N GLU A 386 -47.33 23.04 -10.44
CA GLU A 386 -46.52 22.12 -9.65
C GLU A 386 -45.91 22.80 -8.43
N ILE A 387 -45.83 22.08 -7.32
CA ILE A 387 -45.26 22.62 -6.10
C ILE A 387 -43.79 22.22 -5.95
N GLN A 388 -42.97 23.15 -5.46
CA GLN A 388 -41.53 22.90 -5.34
C GLN A 388 -40.92 23.70 -4.20
N PRO A 389 -41.06 23.21 -2.96
CA PRO A 389 -40.55 23.84 -1.73
C PRO A 389 -39.05 24.15 -1.82
N TYR A 390 -38.67 25.32 -1.33
CA TYR A 390 -37.28 25.74 -1.36
C TYR A 390 -36.69 25.85 0.04
N ASP A 391 -37.37 26.61 0.89
CA ASP A 391 -36.96 26.79 2.29
C ASP A 391 -38.18 26.86 3.19
N LEU A 392 -37.97 26.54 4.48
CA LEU A 392 -39.08 26.57 5.44
C LEU A 392 -38.67 27.19 6.78
N SER A 393 -39.67 27.65 7.53
CA SER A 393 -39.44 28.25 8.84
C SER A 393 -40.70 28.11 9.70
N ILE A 394 -40.53 27.55 10.90
CA ILE A 394 -41.67 27.24 11.75
C ILE A 394 -42.03 28.35 12.74
N ASP A 395 -43.31 28.69 12.79
CA ASP A 395 -43.85 29.55 13.83
C ASP A 395 -44.30 28.65 14.97
N ILE A 396 -43.42 28.45 15.95
CA ILE A 396 -43.67 27.50 17.03
C ILE A 396 -44.86 27.87 17.91
N TYR A 397 -45.33 29.10 17.79
CA TYR A 397 -46.45 29.58 18.58
C TYR A 397 -47.79 29.35 17.90
N SER A 398 -47.96 29.95 16.74
CA SER A 398 -49.22 29.85 16.00
C SER A 398 -49.46 28.42 15.53
N ARG A 399 -48.39 27.62 15.50
CA ARG A 399 -48.48 26.21 15.13
C ARG A 399 -48.67 26.00 13.63
N TYR A 400 -47.85 26.68 12.82
CA TYR A 400 -47.83 26.44 11.38
C TYR A 400 -46.48 26.73 10.73
N ILE A 401 -46.32 26.29 9.49
CA ILE A 401 -45.04 26.39 8.81
C ILE A 401 -45.08 27.34 7.62
N TYR A 402 -44.19 28.32 7.62
CA TYR A 402 -43.99 29.19 6.47
C TYR A 402 -42.95 28.54 5.56
N TRP A 403 -43.21 28.55 4.26
CA TRP A 403 -42.25 28.02 3.30
C TRP A 403 -42.38 28.68 1.95
N THR A 404 -41.27 28.74 1.21
CA THR A 404 -41.24 29.36 -0.10
C THR A 404 -41.24 28.32 -1.22
N CYS A 405 -41.92 28.63 -2.31
CA CYS A 405 -41.99 27.73 -3.46
C CYS A 405 -41.18 28.26 -4.63
N GLU A 406 -40.29 27.42 -5.16
CA GLU A 406 -39.39 27.82 -6.24
C GLU A 406 -40.12 27.87 -7.59
N ALA A 407 -41.22 27.14 -7.69
CA ALA A 407 -41.96 27.06 -8.95
C ALA A 407 -42.96 28.20 -9.09
N THR A 408 -43.81 28.38 -8.09
CA THR A 408 -44.84 29.42 -8.15
C THR A 408 -44.38 30.74 -7.51
N ASN A 409 -43.22 30.73 -6.88
CA ASN A 409 -42.64 31.93 -6.28
C ASN A 409 -43.54 32.63 -5.27
N VAL A 410 -43.99 31.89 -4.27
CA VAL A 410 -44.83 32.44 -3.22
C VAL A 410 -44.34 32.04 -1.83
N ILE A 411 -44.96 32.62 -0.81
CA ILE A 411 -44.73 32.20 0.56
C ILE A 411 -46.03 31.57 1.10
N ASN A 412 -46.02 30.24 1.18
CA ASN A 412 -47.17 29.47 1.60
C ASN A 412 -47.10 29.23 3.10
N VAL A 413 -48.24 29.20 3.77
CA VAL A 413 -48.30 28.86 5.18
C VAL A 413 -49.16 27.63 5.41
N THR A 414 -48.68 26.69 6.21
CA THR A 414 -49.35 25.41 6.40
C THR A 414 -49.26 24.94 7.86
N ARG A 415 -50.39 24.53 8.42
CA ARG A 415 -50.42 24.03 9.79
C ARG A 415 -49.54 22.79 9.92
N LEU A 416 -49.06 22.52 11.12
CA LEU A 416 -48.19 21.37 11.37
C LEU A 416 -48.88 20.03 11.07
N ASP A 417 -50.19 20.07 10.88
CA ASP A 417 -50.95 18.84 10.61
C ASP A 417 -51.34 18.71 9.14
N GLY A 418 -50.64 19.45 8.29
CA GLY A 418 -50.87 19.38 6.86
C GLY A 418 -52.01 20.27 6.39
N ARG A 419 -52.92 20.59 7.31
CA ARG A 419 -54.06 21.46 7.01
C ARG A 419 -53.55 22.79 6.48
N SER A 420 -53.98 23.16 5.28
CA SER A 420 -53.49 24.37 4.64
C SER A 420 -54.07 25.62 5.30
N VAL A 421 -53.28 26.69 5.29
CA VAL A 421 -53.72 27.99 5.77
C VAL A 421 -53.94 28.91 4.57
N GLY A 422 -52.93 29.00 3.71
CA GLY A 422 -53.04 29.80 2.50
C GLY A 422 -51.74 30.48 2.11
N VAL A 423 -51.82 31.39 1.15
CA VAL A 423 -50.66 32.16 0.71
C VAL A 423 -50.66 33.53 1.38
N VAL A 424 -49.48 34.00 1.76
CA VAL A 424 -49.36 35.29 2.45
C VAL A 424 -48.50 36.29 1.68
N LEU A 425 -47.74 35.82 0.71
CA LEU A 425 -46.95 36.72 -0.12
C LEU A 425 -46.81 36.19 -1.53
N LYS A 426 -47.42 36.90 -2.48
CA LYS A 426 -47.32 36.55 -3.90
C LYS A 426 -47.42 37.79 -4.76
N GLY A 427 -46.28 38.25 -5.24
CA GLY A 427 -46.23 39.39 -6.14
C GLY A 427 -45.49 39.02 -7.39
N GLU A 428 -45.96 39.51 -8.53
CA GLU A 428 -45.28 39.25 -9.79
C GLU A 428 -43.91 39.92 -9.75
N GLN A 429 -42.93 39.27 -10.37
CA GLN A 429 -41.56 39.79 -10.46
C GLN A 429 -40.66 39.40 -9.29
N ASP A 430 -41.25 39.24 -8.10
CA ASP A 430 -40.45 38.91 -6.92
C ASP A 430 -40.41 37.41 -6.62
N ARG A 431 -39.30 36.96 -6.02
CA ARG A 431 -39.07 35.54 -5.83
C ARG A 431 -38.52 35.23 -4.44
N PRO A 432 -39.42 34.81 -3.52
CA PRO A 432 -39.02 34.46 -2.16
C PRO A 432 -38.18 33.18 -2.13
N ARG A 433 -37.10 33.20 -1.37
CA ARG A 433 -36.21 32.05 -1.26
C ARG A 433 -35.90 31.69 0.18
N ALA A 434 -34.90 32.32 0.77
CA ALA A 434 -34.59 32.07 2.17
C ALA A 434 -35.63 32.75 3.06
N ILE A 435 -35.99 32.10 4.15
CA ILE A 435 -37.01 32.65 5.05
C ILE A 435 -36.83 32.22 6.50
N VAL A 436 -36.94 33.19 7.40
CA VAL A 436 -36.97 32.92 8.83
C VAL A 436 -38.05 33.80 9.48
N VAL A 437 -38.95 33.18 10.22
CA VAL A 437 -40.00 33.93 10.90
C VAL A 437 -39.54 34.37 12.29
N ASN A 438 -40.03 35.53 12.73
CA ASN A 438 -39.75 36.04 14.05
C ASN A 438 -41.04 36.39 14.79
N PRO A 439 -41.81 35.35 15.14
CA PRO A 439 -43.15 35.49 15.73
C PRO A 439 -43.18 36.35 16.99
N GLU A 440 -42.06 36.37 17.72
CA GLU A 440 -41.99 37.17 18.95
C GLU A 440 -42.35 38.62 18.65
N LYS A 441 -42.09 39.05 17.42
CA LYS A 441 -42.36 40.42 17.02
C LYS A 441 -43.28 40.49 15.79
N GLY A 442 -43.95 39.39 15.50
CA GLY A 442 -44.90 39.31 14.40
C GLY A 442 -44.34 39.66 13.05
N TYR A 443 -43.06 39.38 12.84
CA TYR A 443 -42.39 39.67 11.57
C TYR A 443 -41.94 38.39 10.87
N MET A 444 -41.46 38.55 9.65
CA MET A 444 -40.79 37.48 8.92
C MET A 444 -39.72 38.07 8.00
N TYR A 445 -38.55 37.44 7.97
CA TYR A 445 -37.46 37.89 7.12
C TYR A 445 -37.25 36.89 5.99
N PHE A 446 -37.02 37.41 4.78
CA PHE A 446 -36.79 36.54 3.63
C PHE A 446 -35.90 37.22 2.59
N THR A 447 -35.23 36.42 1.78
CA THR A 447 -34.46 36.95 0.68
C THR A 447 -35.35 36.99 -0.55
N ASN A 448 -35.20 38.03 -1.36
CA ASN A 448 -36.00 38.19 -2.56
C ASN A 448 -35.13 38.23 -3.80
N LEU A 449 -34.97 37.07 -4.45
CA LEU A 449 -34.08 36.95 -5.60
C LEU A 449 -34.80 37.36 -6.89
N GLN A 450 -35.10 38.65 -7.01
CA GLN A 450 -35.74 39.18 -8.21
C GLN A 450 -34.80 39.11 -9.41
N GLU A 451 -35.40 38.99 -10.59
CA GLU A 451 -34.66 38.73 -11.83
C GLU A 451 -33.38 39.54 -12.00
N ARG A 452 -33.42 40.82 -11.64
CA ARG A 452 -32.26 41.69 -11.87
C ARG A 452 -31.70 42.32 -10.60
N SER A 453 -32.48 42.32 -9.53
CA SER A 453 -32.04 42.92 -8.27
C SER A 453 -32.49 42.10 -7.07
N PRO A 454 -31.53 41.47 -6.39
CA PRO A 454 -31.80 40.69 -5.17
C PRO A 454 -31.85 41.61 -3.96
N LYS A 455 -32.75 41.31 -3.02
CA LYS A 455 -32.80 42.08 -1.78
C LYS A 455 -33.24 41.23 -0.60
N ILE A 456 -33.00 41.74 0.61
CA ILE A 456 -33.48 41.12 1.84
C ILE A 456 -34.65 41.94 2.36
N GLU A 457 -35.79 41.29 2.56
CA GLU A 457 -37.00 42.01 2.97
C GLU A 457 -37.53 41.58 4.33
N ARG A 458 -38.49 42.35 4.84
CA ARG A 458 -39.22 41.99 6.05
C ARG A 458 -40.70 42.30 5.86
N ALA A 459 -41.54 41.61 6.61
CA ALA A 459 -42.99 41.80 6.55
C ALA A 459 -43.65 41.21 7.79
N ALA A 460 -44.94 41.48 7.95
CA ALA A 460 -45.70 40.85 9.02
C ALA A 460 -46.00 39.41 8.62
N LEU A 461 -46.26 38.57 9.61
CA LEU A 461 -46.56 37.17 9.36
C LEU A 461 -47.81 36.97 8.48
N ASP A 462 -48.47 38.06 8.12
CA ASP A 462 -49.63 37.99 7.24
C ASP A 462 -49.31 38.52 5.85
N GLY A 463 -48.03 38.80 5.61
CA GLY A 463 -47.57 39.22 4.30
C GLY A 463 -47.69 40.72 4.05
N THR A 464 -48.27 41.45 5.00
CA THR A 464 -48.42 42.89 4.87
C THR A 464 -47.20 43.63 5.42
N GLU A 465 -47.24 44.95 5.32
CA GLU A 465 -46.18 45.80 5.85
C GLU A 465 -44.81 45.37 5.32
N ARG A 466 -44.70 45.23 4.01
CA ARG A 466 -43.44 44.87 3.38
C ARG A 466 -42.48 46.06 3.36
N GLU A 467 -41.19 45.76 3.48
CA GLU A 467 -40.14 46.78 3.40
C GLU A 467 -38.79 46.14 3.13
N VAL A 468 -38.02 46.77 2.24
CA VAL A 468 -36.70 46.26 1.89
C VAL A 468 -35.65 46.72 2.90
N LEU A 469 -34.99 45.75 3.54
CA LEU A 469 -33.96 46.06 4.53
C LEU A 469 -32.63 46.37 3.86
N PHE A 470 -32.26 45.58 2.86
CA PHE A 470 -31.02 45.78 2.14
C PHE A 470 -31.21 45.44 0.66
N PHE A 471 -30.56 46.19 -0.22
CA PHE A 471 -30.62 45.91 -1.64
C PHE A 471 -29.24 45.97 -2.31
N SER A 472 -28.28 46.59 -1.63
CA SER A 472 -26.92 46.69 -2.12
C SER A 472 -26.06 45.56 -1.54
N GLY A 473 -24.90 45.33 -2.15
CA GLY A 473 -23.99 44.30 -1.71
C GLY A 473 -24.62 42.92 -1.70
N LEU A 474 -25.47 42.65 -2.69
CA LEU A 474 -26.19 41.39 -2.78
C LEU A 474 -26.26 40.89 -4.22
N SER A 475 -25.82 39.65 -4.43
CA SER A 475 -25.98 38.99 -5.73
C SER A 475 -26.75 37.69 -5.57
N LYS A 476 -26.55 37.00 -4.45
CA LYS A 476 -27.29 35.78 -4.16
C LYS A 476 -27.37 35.46 -2.66
N PRO A 477 -28.23 36.18 -1.93
CA PRO A 477 -28.53 35.88 -0.53
C PRO A 477 -29.21 34.52 -0.41
N ILE A 478 -28.52 33.54 0.14
CA ILE A 478 -29.02 32.16 0.13
C ILE A 478 -29.35 31.61 1.51
N ALA A 479 -28.87 32.25 2.57
CA ALA A 479 -29.11 31.78 3.92
C ALA A 479 -29.44 32.92 4.90
N LEU A 480 -30.43 32.70 5.76
CA LEU A 480 -30.80 33.68 6.76
C LEU A 480 -30.76 33.08 8.17
N ALA A 481 -30.52 33.93 9.16
CA ALA A 481 -30.59 33.53 10.56
C ALA A 481 -30.71 34.78 11.43
N LEU A 482 -31.26 34.62 12.63
CA LEU A 482 -31.39 35.74 13.54
C LEU A 482 -31.44 35.30 15.00
N ASP A 483 -31.06 36.20 15.90
CA ASP A 483 -31.07 35.90 17.32
C ASP A 483 -31.59 37.10 18.10
N SER A 484 -32.68 36.89 18.84
CA SER A 484 -33.30 37.97 19.61
C SER A 484 -32.32 38.53 20.65
N ARG A 485 -31.60 37.64 21.33
CA ARG A 485 -30.69 38.04 22.38
C ARG A 485 -29.61 38.97 21.85
N LEU A 486 -29.02 38.60 20.72
CA LEU A 486 -27.94 39.40 20.13
C LEU A 486 -28.51 40.59 19.38
N GLY A 487 -29.80 40.54 19.08
CA GLY A 487 -30.47 41.59 18.32
C GLY A 487 -29.91 41.73 16.92
N LYS A 488 -29.55 40.60 16.32
CA LYS A 488 -28.88 40.61 15.02
C LYS A 488 -29.63 39.82 13.95
N LEU A 489 -29.47 40.25 12.70
CA LEU A 489 -29.91 39.48 11.55
C LEU A 489 -28.67 39.04 10.78
N PHE A 490 -28.61 37.76 10.41
CA PHE A 490 -27.45 37.22 9.72
C PHE A 490 -27.81 36.70 8.34
N TRP A 491 -26.90 36.86 7.39
CA TRP A 491 -27.09 36.30 6.05
C TRP A 491 -25.77 35.99 5.36
N ALA A 492 -25.80 35.02 4.45
CA ALA A 492 -24.62 34.67 3.67
C ALA A 492 -24.89 34.78 2.17
N ASP A 493 -23.90 35.26 1.42
CA ASP A 493 -24.04 35.39 -0.02
C ASP A 493 -23.10 34.43 -0.74
N SER A 494 -23.67 33.55 -1.56
CA SER A 494 -22.91 32.55 -2.30
C SER A 494 -21.90 33.17 -3.26
N ASP A 495 -22.35 34.12 -4.06
CA ASP A 495 -21.53 34.74 -5.09
C ASP A 495 -20.47 35.65 -4.51
N LEU A 496 -20.82 36.40 -3.47
CA LEU A 496 -19.90 37.34 -2.85
C LEU A 496 -19.03 36.68 -1.79
N ARG A 497 -19.29 35.39 -1.54
CA ARG A 497 -18.47 34.59 -0.66
C ARG A 497 -18.17 35.29 0.67
N ARG A 498 -19.23 35.57 1.44
CA ARG A 498 -19.08 36.31 2.68
C ARG A 498 -20.34 36.24 3.54
N ILE A 499 -20.16 36.37 4.85
CA ILE A 499 -21.27 36.39 5.78
C ILE A 499 -21.42 37.78 6.38
N GLU A 500 -22.65 38.30 6.37
CA GLU A 500 -22.91 39.64 6.89
C GLU A 500 -23.88 39.61 8.06
N SER A 501 -23.95 40.73 8.76
CA SER A 501 -24.80 40.86 9.94
C SER A 501 -25.34 42.29 10.05
N SER A 502 -26.47 42.44 10.73
CA SER A 502 -27.01 43.76 11.05
C SER A 502 -28.02 43.61 12.17
N ASP A 503 -28.60 44.73 12.61
CA ASP A 503 -29.64 44.69 13.62
C ASP A 503 -30.96 44.28 12.95
N LEU A 504 -31.86 43.68 13.71
CA LEU A 504 -33.17 43.31 13.17
C LEU A 504 -33.84 44.51 12.50
N SER A 505 -33.52 45.70 12.99
CA SER A 505 -34.07 46.94 12.44
C SER A 505 -33.54 47.23 11.04
N GLY A 506 -32.38 46.67 10.71
CA GLY A 506 -31.75 46.92 9.44
C GLY A 506 -30.58 47.88 9.55
N ALA A 507 -30.32 48.35 10.76
CA ALA A 507 -29.22 49.28 11.01
C ALA A 507 -27.92 48.53 11.31
N ASN A 508 -26.81 49.26 11.32
CA ASN A 508 -25.51 48.72 11.70
C ASN A 508 -25.10 47.45 10.97
N ARG A 509 -25.12 47.52 9.64
CA ARG A 509 -24.72 46.41 8.79
C ARG A 509 -23.20 46.30 8.75
N ILE A 510 -22.68 45.10 9.01
CA ILE A 510 -21.24 44.85 8.95
C ILE A 510 -20.96 43.51 8.28
N VAL A 511 -19.75 43.36 7.77
CA VAL A 511 -19.31 42.09 7.20
C VAL A 511 -18.63 41.27 8.28
N LEU A 512 -19.21 40.12 8.60
CA LEU A 512 -18.65 39.24 9.64
C LEU A 512 -17.40 38.53 9.16
N GLU A 513 -17.44 37.99 7.95
CA GLU A 513 -16.28 37.34 7.38
C GLU A 513 -16.40 37.17 5.86
N ASP A 514 -15.38 37.65 5.15
CA ASP A 514 -15.36 37.56 3.69
C ASP A 514 -14.15 36.76 3.23
N SER A 515 -13.33 36.35 4.19
CA SER A 515 -12.11 35.62 3.91
C SER A 515 -12.31 34.12 4.09
N ASN A 516 -11.68 33.34 3.23
CA ASN A 516 -11.70 31.88 3.34
C ASN A 516 -13.12 31.32 3.30
N ILE A 517 -13.96 31.91 2.44
CA ILE A 517 -15.33 31.45 2.27
C ILE A 517 -15.58 31.06 0.82
N LEU A 518 -16.14 29.88 0.61
CA LEU A 518 -16.36 29.36 -0.74
C LEU A 518 -17.83 29.29 -1.12
N GLN A 519 -18.59 28.48 -0.37
CA GLN A 519 -20.00 28.28 -0.68
C GLN A 519 -20.85 28.13 0.59
N PRO A 520 -21.24 29.26 1.19
CA PRO A 520 -22.09 29.24 2.40
C PRO A 520 -23.53 28.94 2.01
N VAL A 521 -24.12 27.93 2.64
CA VAL A 521 -25.48 27.56 2.31
C VAL A 521 -26.38 27.56 3.54
N GLY A 522 -25.77 27.64 4.72
CA GLY A 522 -26.52 27.59 5.95
C GLY A 522 -25.93 28.39 7.09
N LEU A 523 -26.81 29.09 7.81
CA LEU A 523 -26.42 29.86 8.98
C LEU A 523 -27.32 29.52 10.15
N THR A 524 -26.76 29.59 11.35
CA THR A 524 -27.56 29.43 12.56
C THR A 524 -26.81 29.99 13.76
N VAL A 525 -27.54 30.26 14.83
CA VAL A 525 -26.93 30.81 16.04
C VAL A 525 -27.16 29.86 17.21
N PHE A 526 -26.06 29.42 17.81
CA PHE A 526 -26.13 28.51 18.94
C PHE A 526 -25.28 29.07 20.08
N GLU A 527 -25.90 29.25 21.24
CA GLU A 527 -25.26 29.93 22.34
C GLU A 527 -24.97 31.37 21.93
N ASN A 528 -23.68 31.70 21.83
CA ASN A 528 -23.27 33.02 21.38
C ASN A 528 -22.35 32.91 20.17
N TRP A 529 -22.42 31.80 19.47
CA TRP A 529 -21.62 31.56 18.28
C TRP A 529 -22.47 31.56 17.02
N LEU A 530 -21.84 31.88 15.90
CA LEU A 530 -22.51 31.80 14.60
C LEU A 530 -21.92 30.63 13.79
N TYR A 531 -22.69 29.56 13.68
CA TYR A 531 -22.29 28.39 12.90
C TYR A 531 -22.73 28.53 11.46
N TRP A 532 -21.85 28.16 10.52
CA TRP A 532 -22.23 28.10 9.11
C TRP A 532 -21.61 26.91 8.41
N ILE A 533 -22.33 26.36 7.44
CA ILE A 533 -21.83 25.23 6.67
C ILE A 533 -21.34 25.66 5.30
N ASP A 534 -20.18 25.15 4.91
CA ASP A 534 -19.61 25.43 3.60
C ASP A 534 -19.68 24.19 2.73
N LYS A 535 -20.60 24.20 1.77
CA LYS A 535 -20.87 23.01 0.96
C LYS A 535 -19.67 22.55 0.15
N GLN A 536 -18.89 23.52 -0.35
CA GLN A 536 -17.73 23.21 -1.18
C GLN A 536 -16.52 22.81 -0.34
N GLN A 537 -16.22 23.62 0.68
CA GLN A 537 -15.13 23.30 1.59
C GLN A 537 -15.48 22.13 2.49
N GLN A 538 -16.74 21.68 2.42
CA GLN A 538 -17.22 20.56 3.23
C GLN A 538 -16.90 20.76 4.71
N MET A 539 -17.14 21.96 5.22
CA MET A 539 -16.82 22.27 6.61
C MET A 539 -17.98 22.92 7.37
N ILE A 540 -17.88 22.83 8.69
CA ILE A 540 -18.75 23.58 9.59
C ILE A 540 -17.86 24.46 10.45
N GLU A 541 -18.03 25.77 10.32
CA GLU A 541 -17.23 26.71 11.09
C GLU A 541 -18.11 27.60 11.95
N LYS A 542 -17.51 28.25 12.94
CA LYS A 542 -18.25 29.13 13.82
C LYS A 542 -17.42 30.34 14.23
N ILE A 543 -18.08 31.48 14.39
CA ILE A 543 -17.42 32.69 14.88
C ILE A 543 -18.03 33.12 16.21
N ASP A 544 -17.19 33.63 17.10
CA ASP A 544 -17.66 34.09 18.40
C ASP A 544 -18.23 35.50 18.29
N MET A 545 -19.50 35.66 18.67
CA MET A 545 -20.16 36.96 18.59
C MET A 545 -19.83 37.81 19.81
N THR A 546 -19.04 37.25 20.73
CA THR A 546 -18.56 37.99 21.89
C THR A 546 -17.21 38.61 21.56
N GLY A 547 -16.57 38.11 20.52
CA GLY A 547 -15.29 38.62 20.07
C GLY A 547 -14.16 38.28 21.02
N ARG A 548 -14.23 37.10 21.64
CA ARG A 548 -13.23 36.69 22.61
C ARG A 548 -12.45 35.46 22.15
N GLU A 549 -13.09 34.62 21.34
CA GLU A 549 -12.50 33.35 20.94
C GLU A 549 -12.11 33.33 19.46
N GLY A 550 -12.60 34.29 18.68
CA GLY A 550 -12.25 34.39 17.28
C GLY A 550 -12.96 33.37 16.41
N ARG A 551 -12.23 32.82 15.43
CA ARG A 551 -12.80 31.87 14.48
C ARG A 551 -12.16 30.49 14.57
N THR A 552 -12.99 29.47 14.76
CA THR A 552 -12.53 28.10 14.82
C THR A 552 -13.37 27.18 13.95
N LYS A 553 -12.84 26.01 13.62
CA LYS A 553 -13.56 25.03 12.82
C LYS A 553 -14.22 23.99 13.72
N VAL A 554 -15.35 23.47 13.28
CA VAL A 554 -16.14 22.52 14.08
C VAL A 554 -15.96 21.10 13.56
N GLN A 555 -16.19 20.91 12.26
CA GLN A 555 -15.99 19.61 11.63
C GLN A 555 -15.39 19.73 10.24
N ALA A 556 -14.64 18.71 9.82
CA ALA A 556 -14.06 18.69 8.49
C ALA A 556 -14.58 17.54 7.66
N ARG A 557 -14.56 17.72 6.34
CA ARG A 557 -14.94 16.66 5.42
C ARG A 557 -16.36 16.15 5.66
N ILE A 558 -17.34 17.04 5.52
CA ILE A 558 -18.74 16.63 5.56
C ILE A 558 -19.38 16.88 4.20
N ALA A 559 -19.61 15.80 3.45
CA ALA A 559 -20.03 15.92 2.07
C ALA A 559 -21.52 16.24 1.92
N GLN A 560 -21.82 17.14 0.98
CA GLN A 560 -23.19 17.44 0.59
C GLN A 560 -24.00 18.14 1.69
N LEU A 561 -23.36 19.08 2.39
CA LEU A 561 -24.04 19.89 3.39
C LEU A 561 -25.16 20.70 2.74
N SER A 562 -26.35 20.66 3.35
CA SER A 562 -27.50 21.37 2.81
C SER A 562 -28.09 22.43 3.75
N ASP A 563 -28.06 22.17 5.05
CA ASP A 563 -28.59 23.12 6.03
C ASP A 563 -28.12 22.83 7.46
N ILE A 564 -28.14 23.86 8.30
CA ILE A 564 -27.77 23.72 9.72
C ILE A 564 -28.73 24.50 10.62
N HIS A 565 -29.22 23.87 11.68
CA HIS A 565 -30.24 24.46 12.53
C HIS A 565 -29.98 24.27 14.03
N ALA A 566 -30.02 25.36 14.78
CA ALA A 566 -29.79 25.30 16.23
C ALA A 566 -31.09 25.14 16.99
N VAL A 567 -31.04 24.35 18.07
CA VAL A 567 -32.22 24.10 18.89
C VAL A 567 -31.93 24.46 20.34
N LYS A 568 -32.70 25.42 20.86
CA LYS A 568 -32.57 25.83 22.26
C LYS A 568 -33.72 25.25 23.06
N GLU A 569 -33.47 24.95 24.32
CA GLU A 569 -34.53 24.44 25.18
C GLU A 569 -35.69 25.43 25.23
N LEU A 570 -36.90 24.91 25.10
CA LEU A 570 -38.09 25.77 25.11
C LEU A 570 -38.50 26.08 26.55
N ASN A 571 -38.55 27.36 26.87
CA ASN A 571 -39.01 27.81 28.17
C ASN A 571 -40.53 27.87 28.20
N LEU A 572 -41.15 26.77 28.61
CA LEU A 572 -42.61 26.66 28.63
C LEU A 572 -43.27 27.78 29.42
N GLN A 573 -42.69 28.15 30.55
CA GLN A 573 -43.22 29.22 31.38
C GLN A 573 -43.27 30.52 30.61
N GLU A 574 -42.38 30.65 29.62
CA GLU A 574 -42.26 31.88 28.84
C GLU A 574 -42.99 31.75 27.51
N TYR A 575 -43.05 30.52 27.00
CA TYR A 575 -43.73 30.24 25.74
C TYR A 575 -45.24 30.45 25.85
N ARG A 576 -45.81 30.00 26.97
CA ARG A 576 -47.25 30.11 27.19
C ARG A 576 -47.72 31.55 27.28
N GLN A 577 -46.77 32.45 27.53
CA GLN A 577 -47.08 33.88 27.66
C GLN A 577 -47.31 34.57 26.32
N HIS A 578 -47.08 33.85 25.23
CA HIS A 578 -47.37 34.39 23.91
C HIS A 578 -48.88 34.31 23.65
N PRO A 579 -49.49 35.45 23.34
CA PRO A 579 -50.95 35.54 23.17
C PRO A 579 -51.45 34.67 22.00
N CYS A 580 -50.59 34.40 21.04
CA CYS A 580 -50.99 33.65 19.86
C CYS A 580 -50.64 32.17 19.99
N ALA A 581 -50.37 31.75 21.23
CA ALA A 581 -49.91 30.39 21.50
C ALA A 581 -51.04 29.38 21.61
N GLN A 582 -51.83 29.46 22.68
CA GLN A 582 -52.91 28.51 22.89
C GLN A 582 -54.13 28.83 22.04
N ASP A 583 -54.75 27.79 21.49
CA ASP A 583 -55.92 27.94 20.63
C ASP A 583 -55.69 28.96 19.53
N ASN A 584 -54.43 29.21 19.22
CA ASN A 584 -54.04 30.16 18.19
C ASN A 584 -54.69 31.52 18.40
N GLY A 585 -54.91 31.87 19.66
CA GLY A 585 -55.53 33.14 20.00
C GLY A 585 -56.94 33.27 19.49
N GLY A 586 -57.58 32.13 19.26
CA GLY A 586 -58.95 32.10 18.77
C GLY A 586 -59.06 32.54 17.32
N CYS A 587 -57.92 32.61 16.65
CA CYS A 587 -57.87 33.05 15.25
C CYS A 587 -58.12 31.89 14.29
N SER A 588 -58.83 32.18 13.22
CA SER A 588 -59.18 31.18 12.21
C SER A 588 -57.97 30.72 11.42
N HIS A 589 -57.10 31.66 11.06
CA HIS A 589 -55.95 31.35 10.22
C HIS A 589 -54.65 31.91 10.80
N ILE A 590 -54.33 33.15 10.46
CA ILE A 590 -53.11 33.78 10.95
C ILE A 590 -53.34 34.51 12.28
N CYS A 591 -52.44 34.26 13.23
CA CYS A 591 -52.39 35.02 14.47
C CYS A 591 -51.01 35.63 14.60
N LEU A 592 -50.94 36.94 14.78
CA LEU A 592 -49.65 37.60 14.95
C LEU A 592 -49.65 38.62 16.08
N VAL A 593 -48.46 38.96 16.55
CA VAL A 593 -48.31 39.91 17.65
C VAL A 593 -47.18 40.88 17.41
N LYS A 594 -47.51 42.17 17.34
CA LYS A 594 -46.52 43.22 17.14
C LYS A 594 -45.63 43.38 18.38
N GLY A 595 -44.58 44.20 18.25
CA GLY A 595 -43.69 44.47 19.35
C GLY A 595 -44.30 45.42 20.35
N ASP A 596 -45.31 46.16 19.92
CA ASP A 596 -46.03 47.08 20.80
C ASP A 596 -47.17 46.38 21.55
N GLY A 597 -47.10 45.06 21.64
CA GLY A 597 -48.08 44.28 22.37
C GLY A 597 -49.34 43.95 21.59
N THR A 598 -49.62 44.74 20.56
CA THR A 598 -50.83 44.57 19.76
C THR A 598 -50.91 43.19 19.14
N THR A 599 -51.97 42.45 19.48
CA THR A 599 -52.21 41.13 18.91
C THR A 599 -53.46 41.20 18.05
N ARG A 600 -53.50 40.37 17.00
CA ARG A 600 -54.62 40.41 16.07
C ARG A 600 -54.66 39.18 15.18
N CYS A 601 -55.86 38.81 14.75
CA CYS A 601 -56.02 37.75 13.76
C CYS A 601 -55.89 38.33 12.38
N SER A 602 -55.24 37.61 11.48
CA SER A 602 -55.13 38.03 10.09
C SER A 602 -55.44 36.88 9.16
N CYS A 603 -55.44 37.14 7.87
CA CYS A 603 -55.91 36.17 6.89
C CYS A 603 -54.95 36.00 5.72
N PRO A 604 -55.04 34.85 5.04
CA PRO A 604 -54.32 34.62 3.78
C PRO A 604 -54.96 35.45 2.67
N MET A 605 -54.28 35.57 1.53
CA MET A 605 -54.71 36.47 0.46
C MET A 605 -56.08 36.17 -0.15
N HIS A 606 -56.46 34.90 -0.19
CA HIS A 606 -57.73 34.50 -0.81
C HIS A 606 -58.92 34.66 0.13
N LEU A 607 -58.66 35.11 1.35
CA LEU A 607 -59.72 35.35 2.32
C LEU A 607 -59.64 36.77 2.88
N VAL A 608 -60.56 37.09 3.79
CA VAL A 608 -60.58 38.41 4.42
C VAL A 608 -61.02 38.27 5.87
N LEU A 609 -60.56 39.17 6.72
CA LEU A 609 -60.94 39.16 8.13
C LEU A 609 -62.41 39.56 8.28
N LEU A 610 -63.16 38.76 9.03
CA LEU A 610 -64.60 38.98 9.17
C LEU A 610 -64.95 39.99 10.25
N GLN A 611 -66.22 39.99 10.64
CA GLN A 611 -66.75 40.99 11.55
C GLN A 611 -66.36 40.70 13.00
N ASP A 612 -66.23 39.42 13.33
CA ASP A 612 -65.83 39.00 14.68
C ASP A 612 -64.35 39.23 14.91
N GLU A 613 -63.65 39.63 13.85
CA GLU A 613 -62.21 39.93 13.92
C GLU A 613 -61.42 38.73 14.44
N LEU A 614 -61.99 37.55 14.25
CA LEU A 614 -61.36 36.27 14.55
C LEU A 614 -61.34 35.40 13.29
N SER A 615 -62.52 35.25 12.68
CA SER A 615 -62.68 34.29 11.58
C SER A 615 -62.37 34.91 10.23
N CYS A 616 -62.00 34.07 9.27
CA CYS A 616 -61.74 34.50 7.90
C CYS A 616 -62.77 33.93 6.94
N GLY A 617 -63.25 34.76 6.02
CA GLY A 617 -64.24 34.33 5.05
C GLY A 617 -63.94 34.83 3.65
N GLU A 618 -64.68 34.34 2.67
CA GLU A 618 -64.51 34.75 1.28
C GLU A 618 -64.92 36.20 1.08
N PRO A 619 -64.22 36.91 0.17
CA PRO A 619 -64.54 38.30 -0.18
C PRO A 619 -65.78 38.39 -1.05
N ALA B 1 -6.05 -3.98 -38.05
CA ALA B 1 -6.28 -5.34 -38.51
C ALA B 1 -7.74 -5.75 -38.30
N ASP B 2 -8.18 -6.74 -39.07
CA ASP B 2 -9.56 -7.21 -38.99
C ASP B 2 -9.91 -7.98 -37.72
N PRO B 3 -8.97 -8.81 -37.21
CA PRO B 3 -9.34 -9.62 -36.04
C PRO B 3 -9.85 -8.78 -34.90
N GLU B 4 -10.92 -9.24 -34.25
CA GLU B 4 -11.51 -8.52 -33.12
C GLU B 4 -10.50 -8.34 -31.99
N ALA B 5 -10.70 -7.28 -31.21
CA ALA B 5 -9.89 -7.05 -30.03
C ALA B 5 -10.30 -8.02 -28.93
N PHE B 6 -9.33 -8.73 -28.38
CA PHE B 6 -9.61 -9.63 -27.26
C PHE B 6 -8.69 -9.33 -26.07
N LEU B 7 -9.05 -9.88 -24.91
CA LEU B 7 -8.36 -9.55 -23.67
C LEU B 7 -7.41 -10.66 -23.24
N LEU B 8 -6.16 -10.30 -22.97
CA LEU B 8 -5.17 -11.23 -22.44
C LEU B 8 -4.80 -10.84 -21.02
N PHE B 9 -4.61 -11.83 -20.16
CA PHE B 9 -4.20 -11.56 -18.79
C PHE B 9 -3.36 -12.69 -18.19
N SER B 10 -2.38 -12.31 -17.37
CA SER B 10 -1.53 -13.30 -16.71
C SER B 10 -2.18 -13.74 -15.41
N ARG B 11 -1.91 -14.98 -15.00
CA ARG B 11 -2.54 -15.52 -13.81
C ARG B 11 -1.71 -16.63 -13.19
N ARG B 12 -0.58 -16.25 -12.61
CA ARG B 12 0.32 -17.18 -11.94
C ARG B 12 0.81 -18.31 -12.85
N ALA B 13 0.16 -19.46 -12.78
CA ALA B 13 0.63 -20.63 -13.52
C ALA B 13 0.32 -20.56 -15.00
N ASP B 14 -0.61 -19.70 -15.40
CA ASP B 14 -1.01 -19.62 -16.80
C ASP B 14 -1.42 -18.22 -17.29
N ILE B 15 -1.40 -18.05 -18.60
CA ILE B 15 -1.84 -16.83 -19.25
C ILE B 15 -3.06 -17.16 -20.11
N ARG B 16 -4.12 -16.38 -19.98
CA ARG B 16 -5.40 -16.71 -20.60
C ARG B 16 -5.95 -15.59 -21.50
N ARG B 17 -6.88 -15.96 -22.38
CA ARG B 17 -7.55 -14.98 -23.23
C ARG B 17 -9.07 -15.04 -23.13
N ILE B 18 -9.70 -13.87 -23.12
CA ILE B 18 -11.15 -13.77 -23.07
C ILE B 18 -11.62 -12.68 -24.03
N SER B 19 -12.92 -12.65 -24.31
CA SER B 19 -13.49 -11.61 -25.16
C SER B 19 -13.99 -10.43 -24.33
N LEU B 20 -14.41 -9.37 -25.00
CA LEU B 20 -14.92 -8.19 -24.31
C LEU B 20 -16.32 -8.47 -23.75
N GLU B 21 -16.85 -9.64 -24.06
CA GLU B 21 -18.21 -10.01 -23.67
C GLU B 21 -18.30 -10.57 -22.25
N THR B 22 -19.37 -10.19 -21.55
CA THR B 22 -19.61 -10.66 -20.19
C THR B 22 -19.84 -12.17 -20.12
N ASN B 23 -19.09 -12.82 -19.23
CA ASN B 23 -19.25 -14.26 -18.98
C ASN B 23 -18.89 -15.15 -20.16
N ASN B 24 -18.18 -14.60 -21.13
CA ASN B 24 -17.77 -15.34 -22.33
C ASN B 24 -16.66 -16.34 -22.01
N ASN B 25 -16.33 -17.18 -22.98
CA ASN B 25 -15.34 -18.24 -22.79
C ASN B 25 -13.95 -17.76 -22.35
N ASN B 26 -13.32 -18.56 -21.51
CA ASN B 26 -12.03 -18.21 -20.89
C ASN B 26 -11.02 -19.33 -21.11
N VAL B 27 -10.09 -19.14 -22.03
CA VAL B 27 -9.16 -20.20 -22.43
C VAL B 27 -7.69 -19.87 -22.12
N ALA B 28 -6.95 -20.87 -21.67
CA ALA B 28 -5.54 -20.70 -21.36
C ALA B 28 -4.65 -20.91 -22.59
N ILE B 29 -3.69 -20.03 -22.76
CA ILE B 29 -2.69 -20.17 -23.82
C ILE B 29 -1.80 -21.39 -23.54
N PRO B 30 -1.75 -22.33 -24.48
CA PRO B 30 -1.00 -23.58 -24.31
C PRO B 30 0.50 -23.35 -24.12
N LEU B 31 0.91 -23.00 -22.91
CA LEU B 31 2.32 -22.78 -22.60
C LEU B 31 2.86 -23.86 -21.67
N THR B 32 4.18 -23.93 -21.54
CA THR B 32 4.80 -24.98 -20.73
C THR B 32 5.83 -24.42 -19.75
N GLY B 33 5.85 -24.96 -18.54
CA GLY B 33 6.86 -24.61 -17.57
C GLY B 33 6.70 -23.24 -16.95
N VAL B 34 5.49 -22.68 -17.05
CA VAL B 34 5.23 -21.38 -16.44
C VAL B 34 4.92 -21.56 -14.96
N LYS B 35 5.69 -20.89 -14.12
CA LYS B 35 5.54 -21.02 -12.68
C LYS B 35 4.74 -19.85 -12.08
N GLU B 36 5.20 -18.63 -12.32
CA GLU B 36 4.55 -17.45 -11.76
C GLU B 36 4.62 -16.27 -12.71
N ALA B 37 3.72 -16.24 -13.69
CA ALA B 37 3.68 -15.16 -14.67
C ALA B 37 3.20 -13.87 -14.04
N SER B 38 3.89 -12.77 -14.33
CA SER B 38 3.48 -11.48 -13.78
C SER B 38 3.27 -10.45 -14.90
N ALA B 39 4.32 -9.75 -15.28
CA ALA B 39 4.21 -8.72 -16.31
C ALA B 39 3.89 -9.34 -17.66
N LEU B 40 3.11 -8.64 -18.46
CA LEU B 40 2.61 -9.19 -19.71
C LEU B 40 2.49 -8.13 -20.81
N ASP B 41 2.99 -8.46 -22.00
CA ASP B 41 2.80 -7.60 -23.16
C ASP B 41 2.73 -8.45 -24.43
N PHE B 42 2.72 -7.81 -25.60
CA PHE B 42 2.54 -8.54 -26.85
C PHE B 42 3.12 -7.83 -28.07
N ASP B 43 3.14 -8.55 -29.18
CA ASP B 43 3.60 -8.02 -30.46
C ASP B 43 2.68 -8.53 -31.57
N VAL B 44 1.61 -7.79 -31.81
CA VAL B 44 0.57 -8.22 -32.75
C VAL B 44 1.10 -8.51 -34.15
N THR B 45 2.04 -7.71 -34.62
CA THR B 45 2.60 -7.89 -35.95
C THR B 45 3.33 -9.23 -36.09
N ASP B 46 3.89 -9.71 -34.98
CA ASP B 46 4.62 -10.96 -34.97
C ASP B 46 3.78 -12.07 -34.37
N ASN B 47 2.59 -11.71 -33.90
CA ASN B 47 1.68 -12.66 -33.24
C ASN B 47 2.35 -13.35 -32.06
N ARG B 48 2.91 -12.56 -31.17
CA ARG B 48 3.72 -13.09 -30.07
C ARG B 48 3.32 -12.48 -28.74
N ILE B 49 3.47 -13.27 -27.67
CA ILE B 49 3.27 -12.75 -26.33
C ILE B 49 4.54 -12.84 -25.50
N TYR B 50 4.79 -11.80 -24.71
CA TYR B 50 5.93 -11.77 -23.80
C TYR B 50 5.41 -11.70 -22.36
N TRP B 51 6.06 -12.45 -21.47
CA TRP B 51 5.67 -12.41 -20.06
C TRP B 51 6.88 -12.63 -19.15
N THR B 52 6.82 -12.08 -17.95
CA THR B 52 7.87 -12.27 -16.97
C THR B 52 7.43 -13.30 -15.94
N ASP B 53 8.38 -14.05 -15.41
CA ASP B 53 8.10 -15.04 -14.39
C ASP B 53 8.97 -14.76 -13.16
N ILE B 54 8.33 -14.30 -12.08
CA ILE B 54 9.08 -13.87 -10.91
C ILE B 54 9.51 -15.02 -10.02
N SER B 55 9.14 -16.23 -10.41
CA SER B 55 9.61 -17.43 -9.73
C SER B 55 10.80 -18.03 -10.49
N LEU B 56 10.68 -18.07 -11.81
CA LEU B 56 11.76 -18.52 -12.67
C LEU B 56 12.85 -17.46 -12.81
N LYS B 57 12.49 -16.22 -12.51
CA LYS B 57 13.41 -15.10 -12.67
C LYS B 57 13.83 -15.01 -14.14
N THR B 58 12.84 -14.94 -15.02
CA THR B 58 13.07 -14.89 -16.46
C THR B 58 12.04 -14.04 -17.20
N ILE B 59 12.36 -13.71 -18.45
CA ILE B 59 11.40 -13.10 -19.35
C ILE B 59 11.31 -13.99 -20.59
N SER B 60 10.09 -14.42 -20.92
CA SER B 60 9.88 -15.39 -21.99
C SER B 60 8.94 -14.89 -23.08
N ARG B 61 8.93 -15.60 -24.20
CA ARG B 61 8.04 -15.27 -25.31
C ARG B 61 7.65 -16.52 -26.08
N ALA B 62 6.53 -16.43 -26.79
CA ALA B 62 6.04 -17.53 -27.63
C ALA B 62 4.93 -17.01 -28.52
N PHE B 63 4.58 -17.78 -29.54
CA PHE B 63 3.44 -17.42 -30.39
C PHE B 63 2.13 -17.74 -29.69
N MET B 64 1.04 -17.16 -30.16
CA MET B 64 -0.28 -17.39 -29.57
C MET B 64 -0.65 -18.87 -29.60
N ASN B 65 -0.05 -19.61 -30.53
CA ASN B 65 -0.30 -21.05 -30.61
C ASN B 65 0.61 -21.84 -29.67
N GLY B 66 1.23 -21.14 -28.73
CA GLY B 66 2.07 -21.75 -27.70
C GLY B 66 3.43 -22.20 -28.21
N SER B 67 3.60 -22.20 -29.52
CA SER B 67 4.84 -22.68 -30.13
C SER B 67 5.98 -21.70 -29.92
N ALA B 68 7.20 -22.20 -30.10
CA ALA B 68 8.40 -21.37 -30.03
C ALA B 68 8.68 -20.78 -28.65
N LEU B 69 8.32 -21.53 -27.61
CA LEU B 69 8.57 -21.12 -26.23
C LEU B 69 10.07 -20.94 -26.00
N GLU B 70 10.49 -19.70 -25.79
CA GLU B 70 11.89 -19.42 -25.54
C GLU B 70 12.08 -18.37 -24.45
N HIS B 71 13.17 -18.49 -23.71
CA HIS B 71 13.53 -17.52 -22.69
C HIS B 71 14.42 -16.46 -23.30
N VAL B 72 14.04 -15.20 -23.12
CA VAL B 72 14.72 -14.08 -23.75
C VAL B 72 15.71 -13.40 -22.79
N VAL B 73 15.35 -13.40 -21.51
CA VAL B 73 16.22 -12.92 -20.45
C VAL B 73 16.15 -13.91 -19.30
N GLU B 74 17.29 -14.46 -18.89
CA GLU B 74 17.30 -15.43 -17.80
C GLU B 74 18.41 -15.20 -16.78
N PHE B 75 19.12 -14.08 -16.91
CA PHE B 75 20.15 -13.70 -15.94
C PHE B 75 19.89 -12.34 -15.32
N GLY B 76 20.48 -12.11 -14.15
CA GLY B 76 20.44 -10.81 -13.52
C GLY B 76 19.05 -10.26 -13.27
N LEU B 77 18.10 -11.15 -12.98
CA LEU B 77 16.75 -10.74 -12.63
C LEU B 77 16.42 -11.16 -11.20
N ASP B 78 15.66 -10.31 -10.52
CA ASP B 78 15.26 -10.57 -9.15
C ASP B 78 13.73 -10.57 -9.10
N TYR B 79 13.14 -9.45 -9.48
CA TYR B 79 11.68 -9.33 -9.56
C TYR B 79 11.27 -8.47 -10.75
N PRO B 80 11.22 -9.07 -11.94
CA PRO B 80 10.85 -8.39 -13.19
C PRO B 80 9.37 -8.03 -13.20
N GLU B 81 8.96 -7.15 -12.29
CA GLU B 81 7.55 -6.81 -12.14
C GLU B 81 7.00 -5.99 -13.30
N GLY B 82 7.88 -5.27 -13.99
CA GLY B 82 7.48 -4.44 -15.11
C GLY B 82 8.15 -4.81 -16.42
N MET B 83 7.40 -4.76 -17.51
CA MET B 83 7.91 -5.19 -18.80
C MET B 83 7.02 -4.74 -19.96
N ALA B 84 7.63 -4.18 -21.00
CA ALA B 84 6.89 -3.63 -22.12
C ALA B 84 7.58 -3.86 -23.45
N VAL B 85 6.79 -3.94 -24.51
CA VAL B 85 7.30 -4.21 -25.85
C VAL B 85 7.31 -2.95 -26.71
N ASP B 86 8.45 -2.66 -27.33
CA ASP B 86 8.57 -1.55 -28.27
C ASP B 86 8.39 -2.09 -29.68
N TRP B 87 7.15 -2.11 -30.15
CA TRP B 87 6.81 -2.77 -31.41
C TRP B 87 7.40 -2.08 -32.63
N LEU B 88 7.89 -0.85 -32.45
CA LEU B 88 8.46 -0.10 -33.56
C LEU B 88 9.96 -0.38 -33.73
N GLY B 89 10.74 -0.12 -32.69
CA GLY B 89 12.17 -0.40 -32.74
C GLY B 89 12.47 -1.87 -32.49
N LYS B 90 11.42 -2.66 -32.26
CA LYS B 90 11.56 -4.08 -31.96
C LYS B 90 12.48 -4.33 -30.76
N ASN B 91 12.20 -3.64 -29.67
CA ASN B 91 12.99 -3.76 -28.45
C ASN B 91 12.13 -4.20 -27.28
N LEU B 92 12.77 -4.77 -26.27
CA LEU B 92 12.07 -5.20 -25.07
C LEU B 92 12.54 -4.43 -23.85
N TYR B 93 11.62 -3.70 -23.22
CA TYR B 93 11.92 -2.96 -22.00
C TYR B 93 11.37 -3.73 -20.80
N TRP B 94 12.07 -3.62 -19.67
CA TRP B 94 11.58 -4.20 -18.42
C TRP B 94 12.18 -3.51 -17.20
N ALA B 95 11.48 -3.65 -16.08
CA ALA B 95 11.91 -3.04 -14.83
C ALA B 95 11.95 -4.11 -13.75
N ASP B 96 12.89 -3.98 -12.82
CA ASP B 96 13.05 -4.99 -11.77
C ASP B 96 13.12 -4.31 -10.41
N THR B 97 12.15 -4.61 -9.55
CA THR B 97 12.07 -3.97 -8.24
C THR B 97 13.18 -4.43 -7.30
N GLY B 98 13.74 -5.60 -7.57
CA GLY B 98 14.78 -6.16 -6.74
C GLY B 98 16.16 -5.65 -7.08
N THR B 99 16.44 -5.49 -8.38
CA THR B 99 17.73 -5.01 -8.84
C THR B 99 17.72 -3.49 -9.05
N ASN B 100 16.53 -2.89 -8.97
CA ASN B 100 16.37 -1.46 -9.19
C ASN B 100 16.99 -0.98 -10.49
N ARG B 101 16.51 -1.54 -11.59
CA ARG B 101 17.04 -1.23 -12.91
C ARG B 101 15.91 -1.24 -13.92
N ILE B 102 15.96 -0.29 -14.85
CA ILE B 102 15.14 -0.36 -16.05
C ILE B 102 16.05 -0.72 -17.22
N GLU B 103 15.83 -1.89 -17.81
CA GLU B 103 16.70 -2.38 -18.87
C GLU B 103 15.99 -2.49 -20.21
N VAL B 104 16.77 -2.64 -21.27
CA VAL B 104 16.24 -2.81 -22.61
C VAL B 104 17.11 -3.77 -23.41
N SER B 105 16.51 -4.38 -24.43
CA SER B 105 17.25 -5.24 -25.33
C SER B 105 16.40 -5.48 -26.57
N LYS B 106 16.96 -6.19 -27.54
CA LYS B 106 16.18 -6.59 -28.70
C LYS B 106 15.12 -7.57 -28.24
N LEU B 107 14.07 -7.73 -29.03
CA LEU B 107 12.97 -8.61 -28.66
C LEU B 107 13.42 -10.06 -28.46
N ASP B 108 14.53 -10.44 -29.09
CA ASP B 108 15.05 -11.80 -28.94
C ASP B 108 16.03 -11.91 -27.77
N GLY B 109 16.35 -10.77 -27.17
CA GLY B 109 17.12 -10.75 -25.94
C GLY B 109 18.56 -10.27 -26.02
N GLN B 110 19.10 -10.17 -27.23
CA GLN B 110 20.51 -9.81 -27.39
C GLN B 110 20.76 -8.30 -27.38
N HIS B 111 21.98 -7.93 -27.03
CA HIS B 111 22.38 -6.53 -26.85
C HIS B 111 21.63 -5.88 -25.69
N ARG B 112 21.59 -6.58 -24.56
CA ARG B 112 20.97 -6.03 -23.35
C ARG B 112 21.77 -4.84 -22.82
N GLN B 113 21.06 -3.85 -22.31
CA GLN B 113 21.68 -2.64 -21.78
C GLN B 113 20.85 -2.06 -20.66
N VAL B 114 21.50 -1.43 -19.70
CA VAL B 114 20.82 -0.78 -18.60
C VAL B 114 20.54 0.68 -18.92
N LEU B 115 19.28 1.10 -18.77
CA LEU B 115 18.89 2.46 -19.10
C LEU B 115 18.79 3.39 -17.88
N VAL B 116 18.32 2.85 -16.77
CA VAL B 116 18.22 3.61 -15.52
C VAL B 116 18.69 2.74 -14.36
N TRP B 117 19.66 3.23 -13.59
CA TRP B 117 20.17 2.47 -12.45
C TRP B 117 20.41 3.32 -11.20
N LYS B 118 20.54 4.63 -11.38
CA LYS B 118 20.75 5.55 -10.26
C LYS B 118 19.42 6.13 -9.78
N ASP B 119 19.30 6.30 -8.47
CA ASP B 119 18.13 6.91 -7.86
C ASP B 119 16.84 6.17 -8.20
N LEU B 120 16.93 4.84 -8.29
CA LEU B 120 15.75 4.01 -8.52
C LEU B 120 15.33 3.27 -7.27
N ASP B 121 14.04 3.36 -6.95
CA ASP B 121 13.50 2.78 -5.74
C ASP B 121 12.25 1.96 -6.06
N SER B 122 12.47 0.77 -6.61
CA SER B 122 11.38 -0.15 -6.95
C SER B 122 10.48 0.33 -8.09
N PRO B 123 10.98 0.26 -9.33
CA PRO B 123 10.16 0.57 -10.51
C PRO B 123 9.18 -0.59 -10.74
N ARG B 124 7.89 -0.28 -10.84
CA ARG B 124 6.88 -1.34 -10.95
C ARG B 124 6.35 -1.50 -12.37
N ALA B 125 5.36 -0.69 -12.74
CA ALA B 125 4.72 -0.81 -14.04
C ALA B 125 5.42 0.05 -15.09
N LEU B 126 5.31 -0.35 -16.35
CA LEU B 126 6.05 0.29 -17.43
C LEU B 126 5.19 0.42 -18.67
N ALA B 127 5.09 1.63 -19.21
CA ALA B 127 4.33 1.87 -20.42
C ALA B 127 5.17 2.60 -21.46
N LEU B 128 5.13 2.12 -22.70
CA LEU B 128 5.95 2.71 -23.75
C LEU B 128 5.13 3.52 -24.75
N ASP B 129 5.76 4.54 -25.32
CA ASP B 129 5.14 5.33 -26.37
C ASP B 129 6.17 5.64 -27.47
N PRO B 130 6.60 4.59 -28.20
CA PRO B 130 7.66 4.71 -29.20
C PRO B 130 7.39 5.77 -30.27
N ALA B 131 6.13 6.11 -30.47
CA ALA B 131 5.77 7.11 -31.46
C ALA B 131 6.27 8.50 -31.06
N GLU B 132 6.27 8.77 -29.75
CA GLU B 132 6.71 10.05 -29.22
C GLU B 132 8.15 9.99 -28.70
N GLY B 133 8.64 8.78 -28.45
CA GLY B 133 9.98 8.60 -27.93
C GLY B 133 10.06 8.74 -26.42
N PHE B 134 8.94 8.51 -25.74
CA PHE B 134 8.90 8.56 -24.28
C PHE B 134 8.56 7.22 -23.67
N MET B 135 9.09 6.98 -22.47
CA MET B 135 8.68 5.83 -21.66
C MET B 135 8.21 6.32 -20.30
N TYR B 136 7.20 5.65 -19.75
CA TYR B 136 6.65 6.00 -18.45
C TYR B 136 6.70 4.80 -17.52
N TRP B 137 6.89 5.04 -16.23
CA TRP B 137 6.84 3.95 -15.26
C TRP B 137 6.36 4.43 -13.89
N THR B 138 5.81 3.49 -13.11
CA THR B 138 5.43 3.76 -11.72
C THR B 138 6.55 3.31 -10.81
N GLU B 139 6.71 3.99 -9.68
CA GLU B 139 7.77 3.68 -8.74
C GLU B 139 7.19 3.52 -7.33
N TRP B 140 7.61 2.46 -6.63
CA TRP B 140 7.02 2.08 -5.35
C TRP B 140 8.03 2.14 -4.21
N GLY B 141 8.58 3.31 -3.95
CA GLY B 141 9.57 3.40 -2.88
C GLY B 141 8.97 3.90 -1.59
N GLY B 142 9.75 4.67 -0.84
CA GLY B 142 9.24 5.34 0.34
C GLY B 142 8.34 6.47 -0.10
N LYS B 143 8.62 6.99 -1.29
CA LYS B 143 7.85 8.10 -1.85
C LYS B 143 7.43 7.76 -3.27
N PRO B 144 6.41 6.91 -3.43
CA PRO B 144 5.97 6.45 -4.74
C PRO B 144 5.71 7.61 -5.68
N LYS B 145 5.88 7.38 -6.98
CA LYS B 145 5.67 8.41 -7.98
C LYS B 145 5.53 7.79 -9.36
N ILE B 146 5.18 8.60 -10.36
CA ILE B 146 5.18 8.17 -11.74
C ILE B 146 6.16 9.02 -12.54
N ASP B 147 7.25 8.40 -12.98
CA ASP B 147 8.28 9.12 -13.72
C ASP B 147 8.16 8.95 -15.22
N ARG B 148 8.90 9.77 -15.95
CA ARG B 148 8.93 9.71 -17.41
C ARG B 148 10.37 9.89 -17.85
N ALA B 149 10.69 9.41 -19.05
CA ALA B 149 12.02 9.61 -19.61
C ALA B 149 12.03 9.27 -21.09
N ALA B 150 13.07 9.72 -21.79
CA ALA B 150 13.27 9.31 -23.17
C ALA B 150 13.49 7.80 -23.19
N MET B 151 13.18 7.17 -24.30
CA MET B 151 13.30 5.71 -24.38
C MET B 151 14.74 5.25 -24.53
N ASP B 152 15.68 6.14 -24.19
CA ASP B 152 17.09 5.77 -24.07
C ASP B 152 17.55 5.94 -22.63
N GLY B 153 16.64 6.41 -21.77
CA GLY B 153 16.94 6.60 -20.37
C GLY B 153 17.32 8.02 -20.03
N SER B 154 17.26 8.90 -21.04
CA SER B 154 17.65 10.29 -20.89
C SER B 154 16.46 11.17 -20.48
N GLU B 155 16.76 12.29 -19.83
CA GLU B 155 15.75 13.30 -19.51
C GLU B 155 14.72 12.80 -18.48
N ARG B 156 15.17 11.96 -17.56
CA ARG B 156 14.29 11.42 -16.52
C ARG B 156 13.71 12.53 -15.65
N THR B 157 12.40 12.45 -15.39
CA THR B 157 11.71 13.42 -14.55
C THR B 157 10.42 12.85 -13.99
N THR B 158 10.02 13.32 -12.81
CA THR B 158 8.78 12.86 -12.16
C THR B 158 7.56 13.58 -12.72
N LEU B 159 6.60 12.79 -13.20
CA LEU B 159 5.42 13.33 -13.87
C LEU B 159 4.26 13.55 -12.89
N VAL B 160 4.13 12.67 -11.91
CA VAL B 160 3.12 12.84 -10.85
C VAL B 160 3.63 12.29 -9.53
N PRO B 161 3.87 13.20 -8.57
CA PRO B 161 4.54 12.94 -7.29
C PRO B 161 3.62 12.52 -6.15
N ASN B 162 2.35 12.93 -6.19
CA ASN B 162 1.44 12.70 -5.07
C ASN B 162 0.55 11.48 -5.24
N VAL B 163 1.15 10.30 -5.19
CA VAL B 163 0.44 9.06 -5.48
C VAL B 163 0.99 7.91 -4.63
N GLY B 164 0.19 6.85 -4.47
CA GLY B 164 0.63 5.67 -3.76
C GLY B 164 1.26 4.67 -4.71
N ARG B 165 1.25 3.40 -4.35
CA ARG B 165 1.73 2.35 -5.26
C ARG B 165 0.83 2.22 -6.49
N ALA B 166 1.28 2.80 -7.61
CA ALA B 166 0.49 2.77 -8.84
C ALA B 166 0.82 1.52 -9.65
N ASN B 167 -0.18 1.01 -10.36
CA ASN B 167 -0.04 -0.21 -11.13
C ASN B 167 -0.83 -0.14 -12.43
N GLY B 168 -0.65 -1.14 -13.28
CA GLY B 168 -1.36 -1.20 -14.53
C GLY B 168 -1.27 0.07 -15.35
N LEU B 169 -0.12 0.73 -15.28
CA LEU B 169 0.10 1.96 -16.02
C LEU B 169 -0.12 1.75 -17.50
N THR B 170 -1.16 2.39 -18.03
CA THR B 170 -1.52 2.21 -19.44
C THR B 170 -1.81 3.55 -20.11
N ILE B 171 -1.46 3.64 -21.39
CA ILE B 171 -1.61 4.89 -22.15
C ILE B 171 -2.76 4.81 -23.15
N ASP B 172 -3.64 5.81 -23.12
CA ASP B 172 -4.66 5.97 -24.15
C ASP B 172 -4.06 6.81 -25.27
N TYR B 173 -3.44 6.16 -26.24
CA TYR B 173 -2.69 6.84 -27.29
C TYR B 173 -3.53 7.82 -28.10
N ALA B 174 -4.72 7.38 -28.49
CA ALA B 174 -5.59 8.19 -29.33
C ALA B 174 -6.00 9.50 -28.67
N LYS B 175 -6.26 9.45 -27.37
CA LYS B 175 -6.74 10.64 -26.67
C LYS B 175 -5.72 11.20 -25.66
N ARG B 176 -4.46 10.82 -25.86
CA ARG B 176 -3.34 11.36 -25.08
C ARG B 176 -3.58 11.46 -23.57
N ARG B 177 -3.72 10.31 -22.92
CA ARG B 177 -3.90 10.28 -21.47
C ARG B 177 -3.24 9.06 -20.83
N LEU B 178 -3.03 9.13 -19.52
CA LEU B 178 -2.48 8.03 -18.76
C LEU B 178 -3.48 7.54 -17.72
N TYR B 179 -3.64 6.22 -17.63
CA TYR B 179 -4.49 5.63 -16.61
C TYR B 179 -3.65 4.73 -15.70
N TRP B 180 -4.03 4.66 -14.43
CA TRP B 180 -3.37 3.76 -13.49
C TRP B 180 -4.27 3.46 -12.30
N THR B 181 -3.99 2.34 -11.64
CA THR B 181 -4.64 2.02 -10.38
C THR B 181 -3.74 2.49 -9.25
N ASP B 182 -4.30 2.58 -8.05
CA ASP B 182 -3.53 2.93 -6.86
C ASP B 182 -3.84 1.95 -5.75
N LEU B 183 -2.85 1.15 -5.38
CA LEU B 183 -3.05 0.07 -4.41
C LEU B 183 -3.15 0.56 -2.97
N ASP B 184 -2.91 1.85 -2.76
CA ASP B 184 -2.95 2.41 -1.41
C ASP B 184 -4.22 3.21 -1.15
N THR B 185 -4.85 3.70 -2.22
CA THR B 185 -6.08 4.47 -2.09
C THR B 185 -7.23 3.83 -2.87
N ASN B 186 -6.98 2.63 -3.40
CA ASN B 186 -8.02 1.83 -4.05
C ASN B 186 -8.85 2.58 -5.08
N LEU B 187 -8.19 3.34 -5.95
CA LEU B 187 -8.91 4.06 -7.00
C LEU B 187 -8.19 4.02 -8.34
N ILE B 188 -8.93 4.36 -9.39
CA ILE B 188 -8.38 4.42 -10.75
C ILE B 188 -8.35 5.88 -11.20
N GLU B 189 -7.14 6.38 -11.46
CA GLU B 189 -6.97 7.78 -11.83
C GLU B 189 -6.54 7.93 -13.27
N SER B 190 -6.53 9.17 -13.73
CA SER B 190 -6.15 9.48 -15.10
C SER B 190 -5.52 10.86 -15.17
N SER B 191 -4.66 11.07 -16.16
CA SER B 191 -4.06 12.38 -16.41
C SER B 191 -3.55 12.45 -17.84
N ASN B 192 -3.34 13.66 -18.34
CA ASN B 192 -2.72 13.83 -19.64
C ASN B 192 -1.26 13.38 -19.62
N MET B 193 -0.63 13.36 -20.79
CA MET B 193 0.72 12.82 -20.93
C MET B 193 1.76 13.64 -20.16
N LEU B 194 1.31 14.67 -19.44
CA LEU B 194 2.23 15.54 -18.70
C LEU B 194 2.00 15.45 -17.20
N GLY B 195 1.07 14.58 -16.80
CA GLY B 195 0.78 14.38 -15.38
C GLY B 195 -0.16 15.42 -14.82
N LEU B 196 -0.73 16.24 -15.70
CA LEU B 196 -1.66 17.29 -15.30
C LEU B 196 -3.11 16.87 -15.60
N ASN B 197 -4.04 17.75 -15.26
CA ASN B 197 -5.45 17.45 -15.43
C ASN B 197 -5.79 16.09 -14.82
N ARG B 198 -5.48 15.96 -13.54
CA ARG B 198 -5.58 14.69 -12.83
C ARG B 198 -6.98 14.46 -12.28
N GLU B 199 -7.71 13.51 -12.87
CA GLU B 199 -9.07 13.19 -12.44
C GLU B 199 -9.15 11.79 -11.85
N VAL B 200 -10.14 11.58 -10.98
CA VAL B 200 -10.39 10.25 -10.44
C VAL B 200 -11.56 9.58 -11.17
N ILE B 201 -11.25 8.51 -11.89
CA ILE B 201 -12.26 7.82 -12.69
C ILE B 201 -13.21 6.98 -11.82
N ALA B 202 -12.65 6.26 -10.86
CA ALA B 202 -13.45 5.41 -9.96
C ALA B 202 -12.82 5.33 -8.58
N ASP B 203 -13.65 5.48 -7.55
CA ASP B 203 -13.13 5.49 -6.17
C ASP B 203 -13.75 4.41 -5.28
N ASP B 204 -14.97 4.01 -5.59
CA ASP B 204 -15.66 3.03 -4.77
C ASP B 204 -15.25 1.59 -5.10
N LEU B 205 -13.95 1.38 -5.27
CA LEU B 205 -13.42 0.05 -5.61
C LEU B 205 -12.67 -0.55 -4.43
N PRO B 206 -12.98 -1.80 -4.08
CA PRO B 206 -12.40 -2.46 -2.90
C PRO B 206 -10.93 -2.80 -3.06
N HIS B 207 -10.52 -3.35 -4.20
CA HIS B 207 -9.15 -3.83 -4.35
C HIS B 207 -8.70 -3.88 -5.82
N PRO B 208 -8.66 -2.72 -6.48
CA PRO B 208 -8.27 -2.68 -7.89
C PRO B 208 -6.79 -3.03 -8.04
N PHE B 209 -6.44 -3.74 -9.10
CA PHE B 209 -5.05 -4.12 -9.31
C PHE B 209 -4.58 -3.92 -10.75
N GLY B 210 -5.08 -4.75 -11.66
CA GLY B 210 -4.71 -4.64 -13.06
C GLY B 210 -5.51 -3.59 -13.78
N LEU B 211 -5.01 -3.14 -14.93
CA LEU B 211 -5.71 -2.12 -15.70
C LEU B 211 -5.30 -2.13 -17.17
N THR B 212 -6.23 -1.70 -18.01
CA THR B 212 -5.97 -1.51 -19.43
C THR B 212 -7.15 -0.78 -20.05
N GLN B 213 -7.00 -0.30 -21.28
CA GLN B 213 -8.09 0.41 -21.92
C GLN B 213 -8.14 0.11 -23.42
N TYR B 214 -9.32 0.32 -24.00
CA TYR B 214 -9.52 0.12 -25.42
C TYR B 214 -10.79 0.86 -25.81
N GLN B 215 -10.69 1.68 -26.86
CA GLN B 215 -11.81 2.51 -27.29
C GLN B 215 -12.28 3.40 -26.15
N ASP B 216 -13.54 3.28 -25.75
CA ASP B 216 -14.07 4.19 -24.74
C ASP B 216 -14.27 3.56 -23.36
N TYR B 217 -13.64 2.41 -23.13
CA TYR B 217 -13.74 1.73 -21.84
C TYR B 217 -12.38 1.47 -21.22
N ILE B 218 -12.33 1.43 -19.89
CA ILE B 218 -11.17 0.90 -19.18
C ILE B 218 -11.55 -0.43 -18.54
N TYR B 219 -10.61 -1.38 -18.56
CA TYR B 219 -10.82 -2.67 -17.91
C TYR B 219 -9.83 -2.80 -16.75
N TRP B 220 -10.30 -3.28 -15.61
CA TRP B 220 -9.42 -3.50 -14.47
C TRP B 220 -9.73 -4.82 -13.77
N THR B 221 -8.81 -5.23 -12.89
CA THR B 221 -9.04 -6.43 -12.09
C THR B 221 -9.25 -6.03 -10.63
N ASP B 222 -9.85 -6.93 -9.86
CA ASP B 222 -10.05 -6.67 -8.45
C ASP B 222 -9.84 -7.95 -7.66
N TRP B 223 -8.84 -7.91 -6.78
CA TRP B 223 -8.45 -9.07 -6.00
C TRP B 223 -9.52 -9.48 -4.97
N SER B 224 -10.28 -8.50 -4.49
CA SER B 224 -11.30 -8.76 -3.49
C SER B 224 -12.56 -9.35 -4.12
N ARG B 225 -12.98 -8.78 -5.24
CA ARG B 225 -14.20 -9.24 -5.91
C ARG B 225 -13.88 -10.31 -6.95
N ARG B 226 -12.61 -10.71 -7.01
CA ARG B 226 -12.15 -11.77 -7.90
C ARG B 226 -12.75 -11.62 -9.30
N SER B 227 -12.46 -10.51 -9.96
CA SER B 227 -13.19 -10.14 -11.16
C SER B 227 -12.39 -9.33 -12.17
N ILE B 228 -12.92 -9.27 -13.39
CA ILE B 228 -12.46 -8.33 -14.41
C ILE B 228 -13.65 -7.47 -14.80
N GLU B 229 -13.59 -6.19 -14.46
CA GLU B 229 -14.69 -5.27 -14.72
C GLU B 229 -14.29 -4.17 -15.69
N ARG B 230 -15.26 -3.55 -16.35
CA ARG B 230 -15.00 -2.41 -17.23
C ARG B 230 -15.94 -1.24 -16.94
N ALA B 231 -15.59 -0.06 -17.46
CA ALA B 231 -16.38 1.13 -17.24
C ALA B 231 -16.03 2.23 -18.25
N ASN B 232 -16.87 3.25 -18.32
CA ASN B 232 -16.62 4.43 -19.12
C ASN B 232 -15.27 5.04 -18.74
N LYS B 233 -14.38 5.18 -19.71
CA LYS B 233 -13.02 5.64 -19.44
C LYS B 233 -12.93 7.10 -18.96
N THR B 234 -13.92 7.90 -19.34
CA THR B 234 -13.95 9.29 -18.88
C THR B 234 -14.92 9.46 -17.71
N SER B 235 -16.06 8.77 -17.79
CA SER B 235 -17.10 8.87 -16.77
C SER B 235 -16.81 8.02 -15.54
N GLY B 236 -16.56 6.73 -15.76
CA GLY B 236 -16.36 5.80 -14.67
C GLY B 236 -17.65 5.06 -14.36
N GLN B 237 -18.69 5.35 -15.12
CA GLN B 237 -19.99 4.70 -14.95
C GLN B 237 -20.27 3.72 -16.07
N ASN B 238 -21.53 3.35 -16.23
CA ASN B 238 -21.90 2.30 -17.17
C ASN B 238 -21.03 1.07 -16.91
N ARG B 239 -20.90 0.71 -15.64
CA ARG B 239 -20.02 -0.38 -15.23
C ARG B 239 -20.68 -1.75 -15.36
N THR B 240 -19.93 -2.70 -15.91
CA THR B 240 -20.38 -4.09 -15.97
C THR B 240 -19.21 -5.01 -15.61
N ILE B 241 -19.54 -6.22 -15.20
CA ILE B 241 -18.51 -7.22 -14.90
C ILE B 241 -18.31 -8.12 -16.12
N ILE B 242 -17.06 -8.25 -16.56
CA ILE B 242 -16.78 -9.06 -17.74
C ILE B 242 -16.56 -10.51 -17.33
N GLN B 243 -15.92 -10.71 -16.19
CA GLN B 243 -15.62 -12.04 -15.70
C GLN B 243 -15.58 -12.08 -14.17
N GLY B 244 -16.16 -13.14 -13.60
CA GLY B 244 -16.16 -13.31 -12.16
C GLY B 244 -15.46 -14.57 -11.72
N HIS B 245 -15.18 -14.67 -10.43
CA HIS B 245 -14.55 -15.86 -9.86
C HIS B 245 -13.16 -16.13 -10.44
N LEU B 246 -12.39 -15.07 -10.63
CA LEU B 246 -11.02 -15.19 -11.10
C LEU B 246 -10.04 -14.83 -9.99
N ASP B 247 -9.27 -15.82 -9.54
CA ASP B 247 -8.33 -15.62 -8.44
C ASP B 247 -6.96 -15.18 -8.94
N TYR B 248 -6.41 -14.15 -8.30
CA TYR B 248 -5.04 -13.70 -8.55
C TYR B 248 -4.76 -13.34 -10.02
N VAL B 249 -5.46 -12.34 -10.54
CA VAL B 249 -5.20 -11.89 -11.90
C VAL B 249 -4.13 -10.80 -11.89
N MET B 250 -2.94 -11.16 -12.31
CA MET B 250 -1.78 -10.29 -12.15
C MET B 250 -1.82 -9.09 -13.09
N ASP B 251 -1.65 -9.33 -14.38
CA ASP B 251 -1.60 -8.25 -15.37
C ASP B 251 -2.62 -8.49 -16.47
N ILE B 252 -3.17 -7.42 -17.02
CA ILE B 252 -4.17 -7.53 -18.09
C ILE B 252 -3.84 -6.56 -19.23
N LEU B 253 -4.36 -6.85 -20.42
CA LEU B 253 -3.98 -6.09 -21.60
C LEU B 253 -4.97 -6.30 -22.75
N VAL B 254 -4.98 -5.37 -23.70
CA VAL B 254 -5.87 -5.50 -24.86
C VAL B 254 -5.07 -5.85 -26.10
N PHE B 255 -5.30 -7.06 -26.63
CA PHE B 255 -4.59 -7.53 -27.81
C PHE B 255 -5.33 -7.11 -29.07
N HIS B 256 -4.89 -6.00 -29.67
CA HIS B 256 -5.46 -5.54 -30.93
C HIS B 256 -4.44 -4.70 -31.68
N SER B 257 -4.51 -4.73 -33.01
CA SER B 257 -3.57 -4.00 -33.84
C SER B 257 -3.60 -2.50 -33.58
N SER B 258 -4.78 -1.97 -33.26
CA SER B 258 -4.94 -0.53 -33.03
C SER B 258 -4.14 -0.06 -31.82
N ARG B 259 -3.77 -0.98 -30.94
CA ARG B 259 -3.00 -0.66 -29.75
C ARG B 259 -1.53 -0.42 -30.10
N GLN B 260 -1.07 -1.06 -31.17
CA GLN B 260 0.33 -0.91 -31.58
C GLN B 260 0.44 -0.30 -32.98
N SER B 261 0.15 0.98 -33.10
CA SER B 261 0.25 1.70 -34.36
C SER B 261 1.41 2.69 -34.33
N GLY B 262 1.31 3.75 -35.14
CA GLY B 262 2.32 4.79 -35.16
C GLY B 262 3.58 4.40 -35.90
N TRP B 263 4.59 5.26 -35.84
CA TRP B 263 5.82 5.03 -36.59
C TRP B 263 6.97 5.93 -36.13
N ASN B 264 8.20 5.48 -36.36
CA ASN B 264 9.39 6.29 -36.10
C ASN B 264 10.58 5.87 -36.98
N GLU B 265 11.69 6.58 -36.85
CA GLU B 265 12.86 6.31 -37.68
C GLU B 265 13.45 4.93 -37.41
N CYS B 266 13.15 4.35 -36.25
CA CYS B 266 13.67 3.04 -35.87
C CYS B 266 12.96 1.89 -36.58
N ALA B 267 11.72 2.12 -36.98
CA ALA B 267 10.95 1.08 -37.64
C ALA B 267 11.49 0.82 -39.05
N SER B 268 12.33 1.74 -39.53
CA SER B 268 12.86 1.67 -40.88
C SER B 268 14.36 1.40 -40.89
N SER B 269 14.73 0.18 -41.22
CA SER B 269 16.14 -0.22 -41.28
C SER B 269 16.82 -0.05 -39.91
N ASN B 270 16.03 -0.10 -38.84
CA ASN B 270 16.54 0.02 -37.48
C ASN B 270 17.41 1.26 -37.27
N GLY B 271 17.10 2.33 -38.00
CA GLY B 271 17.84 3.57 -37.90
C GLY B 271 19.30 3.41 -38.32
N HIS B 272 19.58 2.33 -39.05
CA HIS B 272 20.94 2.02 -39.48
C HIS B 272 21.85 1.77 -38.27
N CYS B 273 21.23 1.53 -37.13
CA CYS B 273 21.96 1.28 -35.89
C CYS B 273 22.54 -0.13 -35.86
N SER B 274 23.82 -0.22 -35.47
CA SER B 274 24.53 -1.48 -35.43
C SER B 274 23.90 -2.46 -34.43
N HIS B 275 23.46 -1.94 -33.30
CA HIS B 275 22.92 -2.79 -32.24
C HIS B 275 21.50 -2.38 -31.80
N LEU B 276 21.41 -1.31 -31.03
CA LEU B 276 20.12 -0.85 -30.53
C LEU B 276 19.65 0.44 -31.20
N CYS B 277 18.35 0.51 -31.50
CA CYS B 277 17.75 1.74 -31.97
C CYS B 277 16.76 2.25 -30.93
N LEU B 278 17.10 3.37 -30.29
CA LEU B 278 16.29 3.90 -29.21
C LEU B 278 15.65 5.23 -29.58
N ALA B 279 14.32 5.25 -29.61
CA ALA B 279 13.58 6.47 -29.93
C ALA B 279 13.74 7.52 -28.83
N VAL B 280 13.78 8.78 -29.24
CA VAL B 280 13.87 9.91 -28.31
C VAL B 280 12.92 11.01 -28.77
N PRO B 281 12.40 11.80 -27.83
CA PRO B 281 11.44 12.87 -28.18
C PRO B 281 12.05 13.93 -29.09
N VAL B 282 13.25 14.38 -28.75
CA VAL B 282 13.94 15.41 -29.52
C VAL B 282 15.09 14.83 -30.35
N GLY B 283 14.88 14.67 -31.64
CA GLY B 283 15.90 14.15 -32.53
C GLY B 283 15.54 12.85 -33.20
N GLY B 284 14.30 12.39 -32.99
CA GLY B 284 13.81 11.17 -33.61
C GLY B 284 14.24 9.91 -32.88
N PHE B 285 15.53 9.63 -32.89
CA PHE B 285 16.06 8.44 -32.24
C PHE B 285 17.56 8.57 -32.00
N VAL B 286 18.09 7.71 -31.15
CA VAL B 286 19.53 7.64 -30.92
C VAL B 286 19.98 6.18 -31.00
N CYS B 287 21.21 5.95 -31.46
CA CYS B 287 21.75 4.58 -31.48
C CYS B 287 22.28 4.20 -30.12
N GLY B 288 22.05 2.95 -29.72
CA GLY B 288 22.52 2.45 -28.44
C GLY B 288 23.42 1.24 -28.60
N CYS B 289 24.08 0.86 -27.52
CA CYS B 289 24.99 -0.29 -27.53
C CYS B 289 24.74 -1.20 -26.34
N PRO B 290 25.26 -2.44 -26.39
CA PRO B 290 25.15 -3.34 -25.24
C PRO B 290 25.85 -2.75 -24.02
N ALA B 291 25.58 -3.31 -22.85
CA ALA B 291 26.21 -2.84 -21.62
C ALA B 291 27.74 -2.76 -21.75
N HIS B 292 28.31 -1.62 -21.37
CA HIS B 292 29.75 -1.40 -21.35
C HIS B 292 30.38 -1.12 -22.72
N TYR B 293 29.60 -1.27 -23.79
CA TYR B 293 30.08 -0.96 -25.14
C TYR B 293 30.10 0.54 -25.38
N SER B 294 31.01 0.98 -26.24
CA SER B 294 31.10 2.39 -26.61
C SER B 294 30.45 2.63 -27.98
N LEU B 295 29.75 3.75 -28.12
CA LEU B 295 29.22 4.13 -29.43
C LEU B 295 30.31 4.83 -30.21
N ASN B 296 30.72 4.23 -31.33
CA ASN B 296 31.82 4.76 -32.13
C ASN B 296 31.52 6.13 -32.73
N ALA B 297 32.56 6.78 -33.24
CA ALA B 297 32.44 8.14 -33.77
C ALA B 297 31.37 8.25 -34.85
N ASP B 298 31.03 7.13 -35.48
CA ASP B 298 30.03 7.14 -36.55
C ASP B 298 28.60 7.24 -36.03
N ASN B 299 28.44 7.24 -34.71
CA ASN B 299 27.11 7.35 -34.09
C ASN B 299 26.20 6.17 -34.46
N ARG B 300 26.79 5.11 -35.01
CA ARG B 300 26.00 3.98 -35.49
C ARG B 300 26.51 2.62 -35.02
N THR B 301 27.82 2.46 -34.94
CA THR B 301 28.40 1.17 -34.54
C THR B 301 28.95 1.19 -33.11
N CYS B 302 29.17 0.01 -32.55
CA CYS B 302 29.63 -0.11 -31.18
C CYS B 302 30.91 -0.91 -31.07
N SER B 303 31.67 -0.65 -30.01
CA SER B 303 32.89 -1.41 -29.72
C SER B 303 32.84 -1.92 -28.29
N ALA B 304 33.21 -3.18 -28.11
CA ALA B 304 33.23 -3.80 -26.78
C ALA B 304 34.23 -3.09 -25.88
N PRO B 305 34.05 -3.23 -24.55
CA PRO B 305 35.00 -2.65 -23.60
C PRO B 305 36.38 -3.30 -23.73
N THR B 306 37.43 -2.49 -23.65
CA THR B 306 38.79 -2.99 -23.78
C THR B 306 39.36 -3.44 -22.43
N THR B 307 39.26 -2.55 -21.44
CA THR B 307 39.67 -2.88 -20.09
C THR B 307 38.48 -2.85 -19.14
N PHE B 308 38.46 -3.79 -18.21
CA PHE B 308 37.39 -3.88 -17.25
C PHE B 308 37.84 -4.73 -16.06
N LEU B 309 36.92 -4.94 -15.13
CA LEU B 309 37.24 -5.65 -13.91
C LEU B 309 36.26 -6.80 -13.69
N LEU B 310 36.78 -7.97 -13.37
CA LEU B 310 35.93 -9.14 -13.13
C LEU B 310 35.90 -9.50 -11.66
N PHE B 311 34.71 -9.53 -11.08
CA PHE B 311 34.54 -10.04 -9.73
C PHE B 311 33.49 -11.13 -9.70
N SER B 312 33.87 -12.24 -9.08
CA SER B 312 33.01 -13.41 -8.98
C SER B 312 32.42 -13.52 -7.57
N GLN B 313 31.25 -14.13 -7.53
CA GLN B 313 30.55 -14.48 -6.31
C GLN B 313 30.50 -15.99 -6.30
N LYS B 314 29.64 -16.56 -5.46
CA LYS B 314 29.45 -18.00 -5.43
C LYS B 314 28.74 -18.53 -6.69
N SER B 315 27.71 -17.82 -7.14
CA SER B 315 26.87 -18.30 -8.24
C SER B 315 26.96 -17.47 -9.50
N ALA B 316 27.83 -16.47 -9.50
CA ALA B 316 27.91 -15.56 -10.64
C ALA B 316 29.27 -14.92 -10.81
N ILE B 317 29.60 -14.59 -12.05
CA ILE B 317 30.77 -13.78 -12.37
C ILE B 317 30.27 -12.49 -13.00
N ASN B 318 30.68 -11.36 -12.45
CA ASN B 318 30.21 -10.07 -12.92
C ASN B 318 31.32 -9.30 -13.64
N ARG B 319 30.92 -8.39 -14.52
CA ARG B 319 31.88 -7.48 -15.14
C ARG B 319 31.46 -6.05 -14.81
N MET B 320 32.42 -5.22 -14.46
CA MET B 320 32.14 -3.81 -14.23
C MET B 320 33.24 -2.92 -14.81
N VAL B 321 32.84 -1.81 -15.40
CA VAL B 321 33.79 -0.88 -15.99
C VAL B 321 34.09 0.26 -15.02
N ILE B 322 35.21 0.93 -15.24
CA ILE B 322 35.54 2.09 -14.46
C ILE B 322 35.28 3.36 -15.26
N ASP B 323 34.07 3.88 -15.13
CA ASP B 323 33.64 5.07 -15.87
C ASP B 323 33.46 6.25 -14.92
N GLU B 324 33.51 7.45 -15.48
CA GLU B 324 33.13 8.66 -14.75
C GLU B 324 31.62 8.59 -14.50
N GLN B 325 30.93 7.90 -15.41
CA GLN B 325 29.47 7.77 -15.36
C GLN B 325 29.03 6.77 -14.29
N GLN B 326 29.96 5.96 -13.82
CA GLN B 326 29.65 4.92 -12.84
C GLN B 326 28.71 3.89 -13.43
N SER B 327 29.02 3.42 -14.64
CA SER B 327 28.19 2.42 -15.31
C SER B 327 27.97 1.19 -14.42
N PRO B 328 26.74 0.65 -14.45
CA PRO B 328 26.38 -0.51 -13.61
C PRO B 328 27.13 -1.78 -14.01
N ASP B 329 27.50 -2.57 -13.01
CA ASP B 329 28.06 -3.89 -13.26
C ASP B 329 26.97 -4.79 -13.83
N ILE B 330 27.36 -5.82 -14.57
CA ILE B 330 26.40 -6.76 -15.10
C ILE B 330 26.82 -8.21 -14.83
N ILE B 331 25.84 -9.09 -14.80
CA ILE B 331 26.08 -10.52 -14.61
C ILE B 331 26.34 -11.17 -15.97
N LEU B 332 27.47 -11.85 -16.09
CA LEU B 332 27.81 -12.56 -17.32
C LEU B 332 26.95 -13.80 -17.49
N PRO B 333 26.37 -13.97 -18.68
CA PRO B 333 25.42 -15.07 -18.94
C PRO B 333 26.10 -16.41 -19.19
N ILE B 334 26.89 -16.87 -18.22
CA ILE B 334 27.48 -18.20 -18.31
C ILE B 334 26.54 -19.22 -17.67
N HIS B 335 26.00 -20.12 -18.49
CA HIS B 335 25.08 -21.15 -18.01
C HIS B 335 25.81 -22.19 -17.19
N SER B 336 27.08 -22.41 -17.50
CA SER B 336 27.89 -23.43 -16.85
C SER B 336 28.15 -23.14 -15.36
N LEU B 337 28.00 -21.88 -14.96
CA LEU B 337 28.35 -21.47 -13.59
C LEU B 337 27.49 -22.14 -12.52
N ARG B 338 28.12 -22.58 -11.44
CA ARG B 338 27.39 -23.10 -10.28
C ARG B 338 28.03 -22.67 -8.95
N ASN B 339 29.32 -22.95 -8.79
CA ASN B 339 29.99 -22.66 -7.52
C ASN B 339 31.43 -22.22 -7.72
N VAL B 340 31.62 -20.98 -8.18
CA VAL B 340 32.96 -20.49 -8.50
C VAL B 340 33.77 -20.19 -7.25
N ARG B 341 35.06 -20.49 -7.32
CA ARG B 341 35.96 -20.35 -6.19
C ARG B 341 37.11 -19.42 -6.53
N ALA B 342 37.47 -19.38 -7.81
CA ALA B 342 38.53 -18.51 -8.30
C ALA B 342 38.36 -18.23 -9.79
N ILE B 343 38.80 -17.07 -10.23
CA ILE B 343 38.69 -16.71 -11.65
C ILE B 343 40.00 -16.18 -12.21
N ASP B 344 40.19 -16.40 -13.51
CA ASP B 344 41.31 -15.81 -14.24
C ASP B 344 40.80 -15.43 -15.62
N TYR B 345 41.66 -14.82 -16.43
CA TYR B 345 41.23 -14.40 -17.76
C TYR B 345 42.39 -14.43 -18.75
N ASP B 346 42.16 -15.09 -19.88
CA ASP B 346 43.11 -15.08 -20.98
C ASP B 346 42.80 -13.93 -21.93
N PRO B 347 43.65 -12.90 -21.92
CA PRO B 347 43.45 -11.72 -22.78
C PRO B 347 43.71 -12.03 -24.26
N LEU B 348 44.58 -13.00 -24.52
CA LEU B 348 44.92 -13.37 -25.89
C LEU B 348 43.66 -13.80 -26.65
N ASP B 349 43.05 -14.91 -26.25
CA ASP B 349 41.83 -15.39 -26.89
C ASP B 349 40.56 -14.77 -26.30
N LYS B 350 40.73 -13.89 -25.31
CA LYS B 350 39.61 -13.22 -24.66
C LYS B 350 38.60 -14.19 -24.06
N GLN B 351 39.06 -15.07 -23.18
CA GLN B 351 38.17 -16.04 -22.55
C GLN B 351 38.30 -16.11 -21.04
N LEU B 352 37.21 -16.50 -20.39
CA LEU B 352 37.11 -16.46 -18.94
C LEU B 352 37.27 -17.86 -18.33
N TYR B 353 38.16 -17.99 -17.36
CA TYR B 353 38.41 -19.26 -16.69
C TYR B 353 37.95 -19.19 -15.23
N TRP B 354 37.40 -20.29 -14.72
CA TRP B 354 37.04 -20.37 -13.31
C TRP B 354 37.10 -21.78 -12.75
N ILE B 355 37.14 -21.87 -11.42
CA ILE B 355 37.13 -23.15 -10.71
C ILE B 355 35.77 -23.40 -10.07
N ASP B 356 35.15 -24.52 -10.44
CA ASP B 356 33.90 -24.95 -9.80
C ASP B 356 34.26 -25.83 -8.60
N SER B 357 33.96 -25.34 -7.40
CA SER B 357 34.36 -26.02 -6.17
C SER B 357 33.53 -27.26 -5.88
N ARG B 358 32.34 -27.35 -6.49
CA ARG B 358 31.47 -28.49 -6.26
C ARG B 358 31.69 -29.61 -7.27
N GLN B 359 31.66 -29.27 -8.56
CA GLN B 359 31.93 -30.24 -9.61
C GLN B 359 33.43 -30.47 -9.74
N ASN B 360 34.20 -29.71 -8.96
CA ASN B 360 35.66 -29.82 -8.92
C ASN B 360 36.33 -29.85 -10.29
N MET B 361 36.15 -28.78 -11.05
CA MET B 361 36.74 -28.69 -12.38
C MET B 361 37.14 -27.25 -12.70
N ILE B 362 38.06 -27.10 -13.66
CA ILE B 362 38.38 -25.78 -14.17
C ILE B 362 37.73 -25.62 -15.54
N ARG B 363 36.72 -24.77 -15.61
CA ARG B 363 35.98 -24.57 -16.87
C ARG B 363 36.40 -23.30 -17.60
N LYS B 364 35.96 -23.20 -18.84
CA LYS B 364 36.30 -22.06 -19.69
C LYS B 364 35.08 -21.64 -20.50
N ALA B 365 35.04 -20.35 -20.84
CA ALA B 365 33.97 -19.78 -21.65
C ALA B 365 34.27 -18.31 -21.88
N GLN B 366 33.84 -17.78 -23.03
CA GLN B 366 33.93 -16.35 -23.26
C GLN B 366 32.82 -15.63 -22.50
N GLU B 367 32.98 -14.33 -22.31
CA GLU B 367 32.02 -13.54 -21.54
C GLU B 367 30.60 -13.74 -22.08
N ASP B 368 30.52 -14.07 -23.37
CA ASP B 368 29.26 -14.33 -24.05
C ASP B 368 28.52 -15.52 -23.41
N GLY B 369 29.29 -16.42 -22.82
CA GLY B 369 28.74 -17.62 -22.22
C GLY B 369 28.89 -18.83 -23.15
N SER B 370 29.17 -18.54 -24.41
CA SER B 370 29.33 -19.58 -25.41
C SER B 370 30.76 -20.12 -25.43
N GLN B 371 30.99 -21.11 -26.28
CA GLN B 371 32.31 -21.73 -26.41
C GLN B 371 32.84 -22.25 -25.08
N GLY B 372 31.93 -22.76 -24.25
CA GLY B 372 32.30 -23.35 -22.97
C GLY B 372 33.07 -24.65 -23.16
N PHE B 373 34.02 -24.89 -22.29
CA PHE B 373 34.87 -26.08 -22.40
C PHE B 373 35.57 -26.38 -21.07
N THR B 374 35.49 -27.64 -20.65
CA THR B 374 36.17 -28.07 -19.42
C THR B 374 37.62 -28.43 -19.71
N VAL B 375 38.54 -27.84 -18.95
CA VAL B 375 39.97 -28.04 -19.18
C VAL B 375 40.64 -28.91 -18.11
N VAL B 376 39.95 -29.10 -16.98
CA VAL B 376 40.41 -30.02 -15.94
C VAL B 376 39.25 -30.72 -15.24
N VAL B 377 39.25 -32.06 -15.25
CA VAL B 377 38.22 -32.85 -14.57
C VAL B 377 38.84 -34.07 -13.89
N SER B 378 38.07 -34.69 -13.00
CA SER B 378 38.52 -35.90 -12.32
C SER B 378 37.63 -37.08 -12.67
N GLU B 386 41.84 -38.49 -6.91
CA GLU B 386 40.90 -37.39 -6.75
C GLU B 386 41.58 -36.04 -7.01
N ILE B 387 40.79 -35.10 -7.52
CA ILE B 387 41.28 -33.75 -7.83
C ILE B 387 40.38 -32.70 -7.21
N GLN B 388 40.98 -31.67 -6.60
CA GLN B 388 40.22 -30.62 -5.93
C GLN B 388 40.90 -29.26 -6.07
N PRO B 389 40.76 -28.64 -7.26
CA PRO B 389 41.43 -27.38 -7.58
C PRO B 389 41.10 -26.27 -6.60
N TYR B 390 42.12 -25.55 -6.15
CA TYR B 390 41.94 -24.50 -5.15
C TYR B 390 42.11 -23.12 -5.78
N ASP B 391 43.17 -22.94 -6.55
CA ASP B 391 43.43 -21.65 -7.18
C ASP B 391 44.19 -21.84 -8.48
N LEU B 392 44.00 -20.91 -9.40
CA LEU B 392 44.63 -20.99 -10.71
C LEU B 392 45.28 -19.67 -11.13
N SER B 393 46.33 -19.77 -11.93
CA SER B 393 47.00 -18.59 -12.47
C SER B 393 47.50 -18.88 -13.87
N ILE B 394 46.97 -18.16 -14.85
CA ILE B 394 47.28 -18.41 -16.26
C ILE B 394 48.58 -17.79 -16.74
N ASP B 395 49.44 -18.63 -17.31
CA ASP B 395 50.61 -18.16 -18.04
C ASP B 395 50.21 -17.92 -19.50
N ILE B 396 49.89 -16.67 -19.83
CA ILE B 396 49.33 -16.33 -21.14
C ILE B 396 50.34 -16.46 -22.28
N TYR B 397 51.62 -16.59 -21.93
CA TYR B 397 52.67 -16.70 -22.92
C TYR B 397 52.90 -18.14 -23.38
N SER B 398 53.05 -19.05 -22.43
CA SER B 398 53.24 -20.46 -22.76
C SER B 398 51.89 -21.16 -22.90
N ARG B 399 50.81 -20.39 -22.77
CA ARG B 399 49.46 -20.92 -22.88
C ARG B 399 49.22 -22.01 -21.84
N TYR B 400 49.66 -21.75 -20.61
CA TYR B 400 49.55 -22.74 -19.54
C TYR B 400 48.74 -22.23 -18.35
N ILE B 401 48.09 -23.15 -17.64
CA ILE B 401 47.44 -22.82 -16.39
C ILE B 401 48.19 -23.46 -15.24
N TYR B 402 48.68 -22.62 -14.32
CA TYR B 402 49.26 -23.13 -13.08
C TYR B 402 48.17 -23.15 -12.02
N TRP B 403 47.91 -24.33 -11.46
CA TRP B 403 46.89 -24.45 -10.42
C TRP B 403 47.34 -25.29 -9.23
N THR B 404 46.62 -25.15 -8.13
CA THR B 404 46.94 -25.86 -6.91
C THR B 404 45.82 -26.82 -6.54
N CYS B 405 46.18 -27.98 -6.03
CA CYS B 405 45.20 -28.99 -5.64
C CYS B 405 45.12 -29.13 -4.13
N GLU B 406 43.92 -28.92 -3.60
CA GLU B 406 43.69 -29.01 -2.16
C GLU B 406 43.72 -30.46 -1.68
N ALA B 407 43.66 -31.39 -2.62
CA ALA B 407 43.61 -32.82 -2.28
C ALA B 407 45.00 -33.46 -2.24
N THR B 408 45.74 -33.32 -3.34
CA THR B 408 47.08 -33.92 -3.43
C THR B 408 48.19 -32.93 -3.08
N ASN B 409 47.80 -31.71 -2.69
CA ASN B 409 48.75 -30.69 -2.26
C ASN B 409 49.92 -30.47 -3.21
N VAL B 410 49.63 -30.21 -4.48
CA VAL B 410 50.67 -30.01 -5.47
C VAL B 410 50.39 -28.79 -6.33
N ILE B 411 51.42 -28.29 -7.01
CA ILE B 411 51.22 -27.30 -8.05
C ILE B 411 51.27 -28.00 -9.41
N ASN B 412 50.11 -28.05 -10.06
CA ASN B 412 49.93 -28.75 -11.32
C ASN B 412 49.84 -27.72 -12.44
N VAL B 413 50.38 -28.03 -13.61
CA VAL B 413 50.28 -27.11 -14.75
C VAL B 413 49.71 -27.79 -16.00
N THR B 414 48.67 -27.17 -16.56
CA THR B 414 47.90 -27.75 -17.65
C THR B 414 47.78 -26.80 -18.83
N ARG B 415 47.87 -27.34 -20.04
CA ARG B 415 47.69 -26.55 -21.26
C ARG B 415 46.24 -26.09 -21.36
N LEU B 416 46.03 -25.01 -22.10
CA LEU B 416 44.69 -24.43 -22.24
C LEU B 416 43.71 -25.34 -22.96
N ASP B 417 44.23 -26.32 -23.71
CA ASP B 417 43.38 -27.22 -24.49
C ASP B 417 42.91 -28.44 -23.70
N GLY B 418 43.59 -28.74 -22.61
CA GLY B 418 43.17 -29.82 -21.75
C GLY B 418 44.26 -30.81 -21.36
N ARG B 419 45.27 -30.95 -22.20
CA ARG B 419 46.33 -31.93 -21.92
C ARG B 419 47.37 -31.41 -20.93
N SER B 420 47.79 -32.30 -20.04
CA SER B 420 48.67 -31.96 -18.93
C SER B 420 50.11 -31.69 -19.33
N VAL B 421 50.77 -30.79 -18.61
CA VAL B 421 52.21 -30.65 -18.69
C VAL B 421 52.87 -31.42 -17.55
N GLY B 422 52.28 -31.31 -16.36
CA GLY B 422 52.76 -32.05 -15.21
C GLY B 422 52.90 -31.23 -13.94
N VAL B 423 53.22 -31.91 -12.84
CA VAL B 423 53.45 -31.24 -11.56
C VAL B 423 54.80 -30.53 -11.56
N VAL B 424 54.87 -29.37 -10.93
CA VAL B 424 56.12 -28.64 -10.83
C VAL B 424 56.51 -28.41 -9.37
N LEU B 425 55.63 -28.78 -8.46
CA LEU B 425 55.92 -28.65 -7.03
C LEU B 425 55.09 -29.60 -6.18
N LYS B 426 55.77 -30.51 -5.50
CA LYS B 426 55.13 -31.44 -4.58
C LYS B 426 56.03 -31.66 -3.37
N GLY B 427 55.43 -31.75 -2.19
CA GLY B 427 56.20 -31.93 -0.97
C GLY B 427 55.37 -32.63 0.09
N GLU B 428 56.07 -33.32 0.99
CA GLU B 428 55.41 -34.02 2.07
C GLU B 428 54.61 -33.07 2.97
N GLN B 429 55.26 -32.00 3.41
CA GLN B 429 54.63 -31.05 4.33
C GLN B 429 54.14 -29.80 3.60
N ASP B 430 54.32 -29.76 2.29
CA ASP B 430 53.91 -28.61 1.49
C ASP B 430 52.40 -28.63 1.20
N ARG B 431 51.79 -27.46 1.31
CA ARG B 431 50.39 -27.29 0.97
C ARG B 431 50.16 -25.96 0.25
N PRO B 432 50.34 -25.97 -1.08
CA PRO B 432 50.17 -24.77 -1.89
C PRO B 432 48.69 -24.43 -2.08
N ARG B 433 48.34 -23.17 -1.85
CA ARG B 433 46.97 -22.71 -2.00
C ARG B 433 46.87 -21.58 -3.02
N ALA B 434 47.01 -20.34 -2.58
CA ALA B 434 46.97 -19.21 -3.50
C ALA B 434 48.19 -19.25 -4.41
N ILE B 435 47.99 -18.93 -5.69
CA ILE B 435 49.07 -18.99 -6.67
C ILE B 435 48.97 -17.87 -7.72
N VAL B 436 50.11 -17.25 -8.02
CA VAL B 436 50.20 -16.29 -9.13
C VAL B 436 51.53 -16.40 -9.86
N VAL B 437 51.45 -16.54 -11.19
CA VAL B 437 52.63 -16.72 -12.02
C VAL B 437 53.11 -15.40 -12.60
N ASN B 438 54.42 -15.25 -12.69
CA ASN B 438 55.03 -14.06 -13.28
C ASN B 438 56.00 -14.46 -14.39
N PRO B 439 55.46 -15.00 -15.49
CA PRO B 439 56.26 -15.55 -16.59
C PRO B 439 57.16 -14.52 -17.27
N GLU B 440 56.92 -13.24 -17.02
CA GLU B 440 57.77 -12.20 -17.58
C GLU B 440 59.16 -12.23 -16.95
N LYS B 441 59.22 -12.59 -15.67
CA LYS B 441 60.49 -12.66 -14.94
C LYS B 441 60.96 -14.10 -14.71
N GLY B 442 60.05 -15.06 -14.87
CA GLY B 442 60.40 -16.47 -14.78
C GLY B 442 60.08 -17.13 -13.44
N TYR B 443 59.37 -16.43 -12.57
CA TYR B 443 59.05 -16.95 -11.25
C TYR B 443 57.55 -17.14 -11.05
N MET B 444 57.20 -17.84 -9.98
CA MET B 444 55.80 -17.95 -9.53
C MET B 444 55.74 -17.73 -8.02
N TYR B 445 54.64 -17.16 -7.56
CA TYR B 445 54.47 -16.88 -6.13
C TYR B 445 53.22 -17.57 -5.61
N PHE B 446 53.31 -18.12 -4.40
CA PHE B 446 52.19 -18.86 -3.84
C PHE B 446 52.22 -18.87 -2.33
N THR B 447 51.06 -19.14 -1.72
CA THR B 447 50.98 -19.31 -0.28
C THR B 447 51.14 -20.78 0.06
N ASN B 448 51.91 -21.06 1.11
CA ASN B 448 52.14 -22.42 1.56
C ASN B 448 51.62 -22.62 2.97
N LEU B 449 50.38 -23.10 3.08
CA LEU B 449 49.72 -23.23 4.38
C LEU B 449 50.12 -24.50 5.12
N GLN B 450 51.40 -24.59 5.49
CA GLN B 450 51.92 -25.68 6.31
C GLN B 450 51.26 -25.64 7.67
N GLU B 451 51.15 -26.79 8.35
CA GLU B 451 50.39 -26.84 9.59
C GLU B 451 51.02 -26.02 10.70
N ARG B 452 50.31 -24.99 11.15
CA ARG B 452 50.73 -24.09 12.24
C ARG B 452 51.86 -23.11 11.92
N SER B 453 52.34 -23.14 10.69
CA SER B 453 53.33 -22.16 10.24
C SER B 453 53.10 -21.79 8.78
N PRO B 454 52.19 -20.82 8.54
CA PRO B 454 51.88 -20.37 7.18
C PRO B 454 53.03 -19.57 6.61
N LYS B 455 53.22 -19.61 5.29
CA LYS B 455 54.29 -18.82 4.68
C LYS B 455 54.04 -18.50 3.21
N ILE B 456 54.72 -17.48 2.72
CA ILE B 456 54.65 -17.07 1.32
C ILE B 456 55.97 -17.36 0.61
N GLU B 457 55.91 -18.14 -0.46
CA GLU B 457 57.13 -18.59 -1.12
C GLU B 457 57.21 -18.17 -2.58
N ARG B 458 58.42 -18.26 -3.12
CA ARG B 458 58.66 -18.03 -4.54
C ARG B 458 59.42 -19.22 -5.11
N ALA B 459 59.41 -19.35 -6.43
CA ALA B 459 60.14 -20.41 -7.11
C ALA B 459 60.09 -20.17 -8.61
N ALA B 460 60.98 -20.83 -9.34
CA ALA B 460 60.96 -20.76 -10.79
C ALA B 460 59.75 -21.54 -11.28
N LEU B 461 59.27 -21.19 -12.48
CA LEU B 461 58.07 -21.79 -13.02
C LEU B 461 58.19 -23.30 -13.25
N ASP B 462 59.36 -23.87 -12.96
CA ASP B 462 59.55 -25.32 -13.08
C ASP B 462 59.60 -26.00 -11.71
N GLY B 463 59.60 -25.20 -10.64
CA GLY B 463 59.58 -25.73 -9.29
C GLY B 463 60.91 -25.61 -8.57
N THR B 464 61.92 -25.10 -9.25
CA THR B 464 63.25 -24.97 -8.67
C THR B 464 63.50 -23.58 -8.09
N GLU B 465 64.63 -23.41 -7.42
CA GLU B 465 64.99 -22.14 -6.82
C GLU B 465 63.96 -21.68 -5.80
N ARG B 466 63.37 -22.65 -5.09
CA ARG B 466 62.42 -22.35 -4.03
C ARG B 466 63.08 -21.52 -2.94
N GLU B 467 62.31 -20.61 -2.37
CA GLU B 467 62.77 -19.83 -1.22
C GLU B 467 61.56 -19.29 -0.47
N VAL B 468 61.73 -19.07 0.83
CA VAL B 468 60.66 -18.49 1.63
C VAL B 468 60.82 -16.98 1.70
N LEU B 469 59.81 -16.26 1.22
CA LEU B 469 59.82 -14.81 1.26
C LEU B 469 59.43 -14.30 2.64
N PHE B 470 58.35 -14.86 3.19
CA PHE B 470 57.84 -14.43 4.49
C PHE B 470 57.30 -15.60 5.31
N PHE B 471 57.64 -15.64 6.59
CA PHE B 471 57.20 -16.70 7.47
C PHE B 471 56.61 -16.16 8.78
N SER B 472 56.81 -14.88 9.04
CA SER B 472 56.25 -14.26 10.24
C SER B 472 55.27 -13.15 9.85
N GLY B 473 54.38 -12.82 10.78
CA GLY B 473 53.35 -11.83 10.53
C GLY B 473 52.27 -12.39 9.62
N LEU B 474 52.10 -13.71 9.67
CA LEU B 474 51.11 -14.39 8.85
C LEU B 474 50.26 -15.34 9.68
N SER B 475 48.99 -15.45 9.31
CA SER B 475 48.07 -16.36 9.97
C SER B 475 47.17 -17.04 8.94
N LYS B 476 46.64 -16.23 8.02
CA LYS B 476 45.88 -16.76 6.89
C LYS B 476 46.15 -16.01 5.60
N PRO B 477 47.36 -16.20 5.03
CA PRO B 477 47.65 -15.67 3.70
C PRO B 477 46.63 -16.25 2.72
N ILE B 478 45.68 -15.44 2.29
CA ILE B 478 44.50 -15.94 1.60
C ILE B 478 44.41 -15.50 0.14
N ALA B 479 45.16 -14.47 -0.23
CA ALA B 479 45.12 -13.96 -1.60
C ALA B 479 46.43 -13.31 -2.02
N LEU B 480 46.82 -13.51 -3.28
CA LEU B 480 48.01 -12.88 -3.82
C LEU B 480 47.69 -12.06 -5.07
N ALA B 481 48.53 -11.07 -5.31
CA ALA B 481 48.41 -10.23 -6.50
C ALA B 481 49.77 -9.59 -6.74
N LEU B 482 50.16 -9.45 -8.00
CA LEU B 482 51.42 -8.80 -8.30
C LEU B 482 51.31 -7.78 -9.43
N ASP B 483 52.24 -6.84 -9.43
CA ASP B 483 52.36 -5.85 -10.50
C ASP B 483 53.73 -6.03 -11.14
N SER B 484 53.76 -6.66 -12.30
CA SER B 484 55.01 -6.95 -12.99
C SER B 484 55.80 -5.68 -13.34
N ARG B 485 55.08 -4.64 -13.76
CA ARG B 485 55.72 -3.39 -14.17
C ARG B 485 56.50 -2.75 -13.03
N LEU B 486 55.94 -2.77 -11.83
CA LEU B 486 56.58 -2.14 -10.67
C LEU B 486 57.24 -3.15 -9.74
N GLY B 487 57.28 -4.40 -10.16
CA GLY B 487 57.91 -5.46 -9.38
C GLY B 487 57.41 -5.54 -7.95
N LYS B 488 56.11 -5.44 -7.77
CA LYS B 488 55.51 -5.45 -6.45
C LYS B 488 54.69 -6.72 -6.20
N LEU B 489 54.67 -7.15 -4.95
CA LEU B 489 53.82 -8.26 -4.54
C LEU B 489 52.83 -7.78 -3.49
N PHE B 490 51.61 -8.29 -3.54
CA PHE B 490 50.59 -7.95 -2.56
C PHE B 490 49.94 -9.21 -2.01
N TRP B 491 49.67 -9.22 -0.71
CA TRP B 491 48.91 -10.31 -0.12
C TRP B 491 47.93 -9.83 0.93
N ALA B 492 46.88 -10.62 1.14
CA ALA B 492 45.86 -10.32 2.13
C ALA B 492 45.77 -11.46 3.13
N ASP B 493 45.68 -11.11 4.42
CA ASP B 493 45.61 -12.09 5.48
C ASP B 493 44.26 -12.00 6.19
N SER B 494 43.44 -13.05 6.09
CA SER B 494 42.10 -13.06 6.65
C SER B 494 42.08 -12.90 8.17
N ASP B 495 43.02 -13.55 8.85
CA ASP B 495 43.04 -13.54 10.30
C ASP B 495 43.59 -12.23 10.84
N LEU B 496 44.63 -11.71 10.18
CA LEU B 496 45.26 -10.48 10.62
C LEU B 496 44.56 -9.24 10.09
N ARG B 497 43.55 -9.43 9.24
CA ARG B 497 42.72 -8.34 8.74
C ARG B 497 43.56 -7.19 8.19
N ARG B 498 44.38 -7.47 7.20
CA ARG B 498 45.26 -6.45 6.65
C ARG B 498 45.79 -6.80 5.26
N ILE B 499 46.12 -5.77 4.50
CA ILE B 499 46.73 -5.95 3.18
C ILE B 499 48.18 -5.45 3.21
N GLU B 500 49.10 -6.34 2.85
CA GLU B 500 50.52 -6.02 2.87
C GLU B 500 51.12 -6.04 1.47
N SER B 501 52.28 -5.41 1.33
CA SER B 501 52.98 -5.32 0.05
C SER B 501 54.47 -5.56 0.21
N SER B 502 55.14 -5.86 -0.90
CA SER B 502 56.59 -6.02 -0.89
C SER B 502 57.16 -6.07 -2.30
N ASP B 503 58.48 -6.01 -2.39
CA ASP B 503 59.14 -6.23 -3.67
C ASP B 503 59.06 -7.71 -4.00
N LEU B 504 59.14 -8.03 -5.28
CA LEU B 504 59.12 -9.43 -5.71
C LEU B 504 60.22 -10.20 -5.00
N SER B 505 61.31 -9.51 -4.67
CA SER B 505 62.43 -10.11 -3.96
C SER B 505 62.04 -10.47 -2.52
N GLY B 506 61.14 -9.68 -1.96
CA GLY B 506 60.70 -9.88 -0.59
C GLY B 506 61.17 -8.75 0.33
N ALA B 507 61.88 -7.78 -0.24
CA ALA B 507 62.35 -6.64 0.52
C ALA B 507 61.26 -5.55 0.59
N ASN B 508 61.42 -4.64 1.55
CA ASN B 508 60.53 -3.49 1.67
C ASN B 508 59.09 -3.89 1.98
N ARG B 509 58.93 -4.79 2.95
CA ARG B 509 57.61 -5.23 3.39
C ARG B 509 56.87 -4.10 4.10
N ILE B 510 55.69 -3.77 3.59
CA ILE B 510 54.92 -2.65 4.10
C ILE B 510 53.43 -2.95 4.18
N VAL B 511 52.82 -2.64 5.32
CA VAL B 511 51.38 -2.76 5.50
C VAL B 511 50.66 -1.61 4.78
N LEU B 512 49.75 -1.95 3.87
CA LEU B 512 48.99 -0.95 3.15
C LEU B 512 47.76 -0.50 3.93
N GLU B 513 46.96 -1.48 4.35
CA GLU B 513 45.75 -1.19 5.10
C GLU B 513 45.52 -2.25 6.17
N ASP B 514 45.24 -1.80 7.39
CA ASP B 514 45.01 -2.72 8.50
C ASP B 514 43.88 -2.23 9.40
N SER B 515 43.07 -1.32 8.88
CA SER B 515 41.91 -0.81 9.62
C SER B 515 40.62 -0.91 8.80
N ASN B 516 39.53 -1.20 9.49
CA ASN B 516 38.22 -1.33 8.85
C ASN B 516 38.21 -2.40 7.75
N ILE B 517 38.98 -3.45 7.98
CA ILE B 517 38.99 -4.64 7.14
C ILE B 517 38.60 -5.84 7.99
N LEU B 518 37.79 -6.74 7.42
CA LEU B 518 37.33 -7.90 8.17
C LEU B 518 37.77 -9.22 7.55
N GLN B 519 37.59 -9.36 6.24
CA GLN B 519 37.83 -10.63 5.57
C GLN B 519 38.16 -10.45 4.09
N PRO B 520 39.40 -10.04 3.80
CA PRO B 520 39.88 -9.93 2.42
C PRO B 520 40.00 -11.33 1.85
N VAL B 521 39.59 -11.53 0.60
CA VAL B 521 39.65 -12.85 0.00
C VAL B 521 40.09 -12.79 -1.45
N GLY B 522 40.26 -11.57 -1.96
CA GLY B 522 40.64 -11.36 -3.34
C GLY B 522 41.43 -10.08 -3.53
N LEU B 523 42.42 -10.14 -4.40
CA LEU B 523 43.23 -8.96 -4.74
C LEU B 523 43.40 -8.85 -6.24
N THR B 524 43.55 -7.63 -6.73
CA THR B 524 43.85 -7.39 -8.14
C THR B 524 44.33 -5.95 -8.36
N VAL B 525 45.31 -5.80 -9.23
CA VAL B 525 45.85 -4.49 -9.56
C VAL B 525 45.24 -3.95 -10.84
N PHE B 526 44.66 -2.76 -10.77
CA PHE B 526 44.02 -2.14 -11.92
C PHE B 526 44.56 -0.72 -12.12
N GLU B 527 45.47 -0.57 -13.07
CA GLU B 527 46.21 0.69 -13.26
C GLU B 527 47.12 0.97 -12.06
N ASN B 528 46.85 2.07 -11.36
CA ASN B 528 47.65 2.43 -10.20
C ASN B 528 46.93 2.11 -8.89
N TRP B 529 45.82 1.38 -9.00
CA TRP B 529 44.98 1.09 -7.84
C TRP B 529 45.04 -0.38 -7.44
N LEU B 530 44.93 -0.63 -6.14
CA LEU B 530 44.80 -1.99 -5.65
C LEU B 530 43.36 -2.25 -5.21
N TYR B 531 42.62 -3.02 -6.01
CA TYR B 531 41.26 -3.41 -5.68
C TYR B 531 41.27 -4.67 -4.82
N TRP B 532 40.36 -4.74 -3.86
CA TRP B 532 40.22 -5.94 -3.04
C TRP B 532 38.78 -6.12 -2.63
N ILE B 533 38.40 -7.35 -2.28
CA ILE B 533 37.02 -7.64 -1.90
C ILE B 533 36.92 -8.17 -0.48
N ASP B 534 35.94 -7.67 0.27
CA ASP B 534 35.72 -8.13 1.64
C ASP B 534 34.43 -8.95 1.73
N LYS B 535 34.61 -10.25 1.93
CA LYS B 535 33.49 -11.21 1.97
C LYS B 535 32.43 -10.79 2.99
N GLN B 536 32.86 -10.50 4.22
CA GLN B 536 31.91 -10.15 5.28
C GLN B 536 31.36 -8.73 5.15
N GLN B 537 32.24 -7.78 4.84
CA GLN B 537 31.79 -6.41 4.62
C GLN B 537 30.99 -6.30 3.34
N GLN B 538 31.08 -7.34 2.51
CA GLN B 538 30.33 -7.37 1.25
C GLN B 538 30.68 -6.16 0.38
N MET B 539 31.95 -5.79 0.36
CA MET B 539 32.38 -4.61 -0.38
C MET B 539 33.54 -4.85 -1.34
N ILE B 540 33.60 -4.01 -2.36
CA ILE B 540 34.77 -3.88 -3.20
C ILE B 540 35.39 -2.52 -2.85
N GLU B 541 36.66 -2.52 -2.47
CA GLU B 541 37.32 -1.27 -2.15
C GLU B 541 38.64 -1.17 -2.92
N LYS B 542 39.25 0.01 -2.87
CA LYS B 542 40.50 0.23 -3.57
C LYS B 542 41.34 1.29 -2.87
N ILE B 543 42.65 1.12 -2.92
CA ILE B 543 43.57 2.16 -2.47
C ILE B 543 44.53 2.51 -3.60
N ASP B 544 45.03 3.74 -3.56
CA ASP B 544 46.03 4.19 -4.53
C ASP B 544 47.41 3.68 -4.09
N MET B 545 48.03 2.87 -4.95
CA MET B 545 49.35 2.32 -4.65
C MET B 545 50.39 3.42 -4.47
N THR B 546 50.13 4.59 -5.05
CA THR B 546 51.04 5.73 -4.95
C THR B 546 50.75 6.55 -3.68
N GLY B 547 49.57 6.32 -3.09
CA GLY B 547 49.22 6.98 -1.86
C GLY B 547 48.72 8.40 -2.05
N ARG B 548 48.70 8.86 -3.30
CA ARG B 548 48.26 10.22 -3.60
C ARG B 548 46.78 10.43 -3.26
N GLU B 549 45.93 9.53 -3.76
CA GLU B 549 44.52 9.57 -3.42
C GLU B 549 44.20 8.57 -2.31
N GLY B 550 42.99 8.66 -1.76
CA GLY B 550 42.65 7.90 -0.58
C GLY B 550 41.78 6.69 -0.83
N ARG B 551 41.76 5.80 0.15
CA ARG B 551 40.94 4.59 0.11
C ARG B 551 39.51 4.92 -0.34
N THR B 552 39.02 4.18 -1.33
CA THR B 552 37.72 4.45 -1.95
C THR B 552 36.83 3.21 -2.04
N LYS B 553 35.56 3.36 -1.68
CA LYS B 553 34.57 2.30 -1.86
C LYS B 553 34.13 2.24 -3.33
N VAL B 554 34.03 1.03 -3.87
CA VAL B 554 33.61 0.86 -5.25
C VAL B 554 32.17 0.37 -5.33
N GLN B 555 31.89 -0.73 -4.64
CA GLN B 555 30.53 -1.25 -4.55
C GLN B 555 30.27 -1.91 -3.20
N ALA B 556 29.05 -1.77 -2.71
CA ALA B 556 28.66 -2.34 -1.44
C ALA B 556 27.55 -3.37 -1.63
N ARG B 557 27.23 -4.08 -0.55
CA ARG B 557 26.17 -5.09 -0.57
C ARG B 557 26.33 -6.12 -1.69
N ILE B 558 27.51 -6.71 -1.79
CA ILE B 558 27.73 -7.83 -2.71
C ILE B 558 27.93 -9.10 -1.89
N ALA B 559 26.98 -10.02 -1.98
CA ALA B 559 26.99 -11.22 -1.16
C ALA B 559 27.84 -12.34 -1.75
N GLN B 560 28.51 -13.07 -0.86
CA GLN B 560 29.26 -14.25 -1.26
C GLN B 560 30.37 -13.98 -2.26
N LEU B 561 31.18 -12.96 -1.99
CA LEU B 561 32.32 -12.64 -2.84
C LEU B 561 33.37 -13.73 -2.76
N SER B 562 33.90 -14.13 -3.92
CA SER B 562 34.87 -15.22 -3.98
C SER B 562 36.18 -14.79 -4.60
N ASP B 563 36.12 -14.00 -5.66
CA ASP B 563 37.33 -13.57 -6.35
C ASP B 563 37.11 -12.33 -7.19
N ILE B 564 38.18 -11.58 -7.42
CA ILE B 564 38.14 -10.37 -8.23
C ILE B 564 39.38 -10.35 -9.14
N HIS B 565 39.22 -9.86 -10.35
CA HIS B 565 40.31 -9.95 -11.33
C HIS B 565 40.27 -8.83 -12.38
N ALA B 566 41.36 -8.09 -12.49
CA ALA B 566 41.47 -7.00 -13.44
C ALA B 566 41.93 -7.48 -14.81
N VAL B 567 41.27 -6.97 -15.85
CA VAL B 567 41.63 -7.30 -17.23
C VAL B 567 42.03 -6.04 -17.99
N LYS B 568 43.29 -5.97 -18.39
CA LYS B 568 43.79 -4.86 -19.20
C LYS B 568 43.90 -5.29 -20.65
N GLU B 569 43.76 -4.34 -21.57
CA GLU B 569 43.87 -4.64 -23.00
C GLU B 569 45.27 -5.19 -23.32
N LEU B 570 45.32 -6.29 -24.05
CA LEU B 570 46.59 -6.93 -24.37
C LEU B 570 47.33 -6.16 -25.45
N ASN B 571 48.61 -5.87 -25.18
CA ASN B 571 49.48 -5.26 -26.17
C ASN B 571 50.09 -6.35 -27.05
N LEU B 572 49.42 -6.68 -28.15
CA LEU B 572 49.85 -7.77 -29.01
C LEU B 572 51.31 -7.70 -29.41
N GLN B 573 51.78 -6.49 -29.70
CA GLN B 573 53.17 -6.31 -30.11
C GLN B 573 54.11 -6.54 -28.92
N GLU B 574 53.77 -5.91 -27.80
CA GLU B 574 54.55 -6.07 -26.58
C GLU B 574 54.46 -7.51 -26.09
N TYR B 575 53.40 -8.20 -26.48
CA TYR B 575 53.19 -9.59 -26.10
C TYR B 575 54.15 -10.52 -26.82
N ARG B 576 54.38 -10.25 -28.10
CA ARG B 576 55.22 -11.10 -28.94
C ARG B 576 56.71 -10.92 -28.65
N GLN B 577 57.04 -9.87 -27.92
CA GLN B 577 58.42 -9.63 -27.51
C GLN B 577 58.88 -10.72 -26.55
N HIS B 578 57.92 -11.32 -25.85
CA HIS B 578 58.22 -12.40 -24.91
C HIS B 578 58.75 -13.63 -25.65
N PRO B 579 59.87 -14.17 -25.16
CA PRO B 579 60.59 -15.28 -25.80
C PRO B 579 59.80 -16.58 -25.87
N CYS B 580 58.70 -16.67 -25.12
CA CYS B 580 57.91 -17.89 -25.10
C CYS B 580 56.62 -17.74 -25.88
N ALA B 581 56.41 -16.55 -26.45
CA ALA B 581 55.16 -16.21 -27.12
C ALA B 581 54.80 -17.16 -28.27
N GLN B 582 55.79 -17.48 -29.10
CA GLN B 582 55.58 -18.38 -30.22
C GLN B 582 56.44 -19.63 -30.11
N ASP B 583 55.89 -20.77 -30.51
CA ASP B 583 56.60 -22.05 -30.47
C ASP B 583 57.05 -22.41 -29.06
N ASN B 584 56.63 -21.62 -28.07
CA ASN B 584 56.95 -21.88 -26.67
C ASN B 584 58.46 -21.93 -26.43
N GLY B 585 59.19 -21.10 -27.16
CA GLY B 585 60.64 -21.00 -26.99
C GLY B 585 61.39 -22.23 -27.48
N GLY B 586 60.71 -23.04 -28.28
CA GLY B 586 61.30 -24.27 -28.80
C GLY B 586 61.35 -25.38 -27.75
N CYS B 587 60.60 -25.21 -26.68
CA CYS B 587 60.58 -26.18 -25.59
C CYS B 587 59.39 -27.13 -25.70
N SER B 588 59.52 -28.32 -25.11
CA SER B 588 58.45 -29.30 -25.14
C SER B 588 57.43 -29.03 -24.04
N HIS B 589 57.93 -28.63 -22.87
CA HIS B 589 57.06 -28.38 -21.72
C HIS B 589 57.20 -26.96 -21.18
N ILE B 590 57.97 -26.78 -20.12
CA ILE B 590 58.14 -25.48 -19.50
C ILE B 590 59.20 -24.61 -20.18
N CYS B 591 58.87 -23.33 -20.37
CA CYS B 591 59.81 -22.37 -20.94
C CYS B 591 60.16 -21.30 -19.91
N LEU B 592 61.37 -21.37 -19.36
CA LEU B 592 61.82 -20.42 -18.36
C LEU B 592 62.54 -19.23 -18.99
N VAL B 593 62.52 -18.09 -18.31
CA VAL B 593 63.15 -16.87 -18.81
C VAL B 593 64.34 -16.48 -17.95
N LYS B 594 65.53 -16.57 -18.51
CA LYS B 594 66.75 -16.16 -17.81
C LYS B 594 66.74 -14.66 -17.54
N GLY B 595 67.56 -14.22 -16.60
CA GLY B 595 67.65 -12.81 -16.26
C GLY B 595 68.03 -11.94 -17.43
N ASP B 596 68.66 -12.53 -18.44
CA ASP B 596 69.13 -11.80 -19.61
C ASP B 596 68.17 -11.92 -20.80
N GLY B 597 66.90 -12.17 -20.52
CA GLY B 597 65.89 -12.26 -21.56
C GLY B 597 66.05 -13.47 -22.46
N THR B 598 66.90 -14.41 -22.05
CA THR B 598 67.09 -15.66 -22.80
C THR B 598 66.22 -16.75 -22.19
N THR B 599 65.99 -17.82 -22.96
CA THR B 599 65.09 -18.88 -22.50
C THR B 599 65.72 -20.27 -22.47
N ARG B 600 65.56 -20.93 -21.33
CA ARG B 600 65.97 -22.33 -21.17
C ARG B 600 64.74 -23.20 -21.33
N CYS B 601 64.92 -24.50 -21.20
CA CYS B 601 63.79 -25.43 -21.21
C CYS B 601 63.86 -26.34 -19.98
N SER B 602 62.73 -26.47 -19.30
CA SER B 602 62.66 -27.32 -18.10
C SER B 602 61.49 -28.29 -18.21
N CYS B 603 61.30 -29.10 -17.18
CA CYS B 603 60.32 -30.17 -17.22
C CYS B 603 59.57 -30.33 -15.89
N PRO B 604 58.42 -31.02 -15.93
CA PRO B 604 57.69 -31.39 -14.72
C PRO B 604 58.48 -32.34 -13.82
N MET B 605 57.95 -32.65 -12.65
CA MET B 605 58.65 -33.48 -11.67
C MET B 605 58.99 -34.88 -12.18
N HIS B 606 58.21 -35.37 -13.15
CA HIS B 606 58.34 -36.75 -13.60
C HIS B 606 59.19 -36.91 -14.86
N LEU B 607 59.55 -35.79 -15.49
CA LEU B 607 60.38 -35.82 -16.68
C LEU B 607 61.76 -35.22 -16.43
N VAL B 608 62.66 -35.39 -17.40
CA VAL B 608 64.01 -34.85 -17.32
C VAL B 608 64.38 -34.23 -18.66
N LEU B 609 65.17 -33.16 -18.61
CA LEU B 609 65.61 -32.50 -19.85
C LEU B 609 66.62 -33.36 -20.59
N LEU B 610 66.42 -33.52 -21.90
CA LEU B 610 67.27 -34.38 -22.71
C LEU B 610 68.46 -33.62 -23.30
N GLN B 611 69.18 -34.27 -24.21
CA GLN B 611 70.35 -33.68 -24.84
C GLN B 611 69.98 -32.52 -25.75
N ASP B 612 68.77 -32.56 -26.28
CA ASP B 612 68.26 -31.47 -27.10
C ASP B 612 68.22 -30.18 -26.30
N GLU B 613 68.13 -30.32 -24.97
CA GLU B 613 67.94 -29.18 -24.09
C GLU B 613 66.64 -28.47 -24.44
N LEU B 614 65.76 -29.19 -25.13
CA LEU B 614 64.46 -28.67 -25.52
C LEU B 614 63.37 -29.68 -25.18
N SER B 615 63.71 -30.96 -25.26
CA SER B 615 62.75 -32.04 -25.04
C SER B 615 62.80 -32.59 -23.62
N CYS B 616 61.69 -33.18 -23.20
CA CYS B 616 61.58 -33.78 -21.88
C CYS B 616 61.22 -35.26 -21.99
N GLY B 617 62.08 -36.12 -21.47
CA GLY B 617 61.82 -37.54 -21.48
C GLY B 617 61.83 -38.12 -20.08
N GLU B 618 61.80 -39.44 -19.99
CA GLU B 618 61.74 -40.13 -18.71
C GLU B 618 63.10 -40.72 -18.35
N PRO B 619 63.42 -40.75 -17.04
CA PRO B 619 64.66 -41.37 -16.56
C PRO B 619 64.68 -42.88 -16.81
N LYS C 8 23.37 -12.37 9.00
CA LYS C 8 21.91 -12.40 8.93
C LYS C 8 21.37 -11.83 7.63
N GLY C 9 20.07 -12.01 7.40
CA GLY C 9 19.43 -11.64 6.15
C GLY C 9 19.54 -10.16 5.79
N GLN C 10 19.89 -9.91 4.54
CA GLN C 10 19.97 -8.55 4.00
C GLN C 10 18.70 -8.23 3.21
N GLU C 11 18.59 -6.99 2.74
CA GLU C 11 17.44 -6.59 1.94
C GLU C 11 17.33 -7.46 0.69
N GLY C 12 16.15 -7.99 0.44
CA GLY C 12 15.92 -8.85 -0.70
C GLY C 12 16.13 -10.32 -0.40
N SER C 13 16.88 -10.60 0.66
CA SER C 13 17.16 -11.98 1.05
C SER C 13 15.88 -12.71 1.45
N VAL C 14 15.78 -13.98 1.07
CA VAL C 14 14.67 -14.82 1.49
C VAL C 14 14.68 -14.98 3.00
N CYS C 15 13.52 -14.80 3.62
CA CYS C 15 13.39 -14.92 5.07
C CYS C 15 12.13 -15.70 5.42
N LEU C 16 11.97 -16.00 6.70
CA LEU C 16 10.79 -16.69 7.20
C LEU C 16 10.19 -15.92 8.35
N ARG C 17 11.06 -15.37 9.19
CA ARG C 17 10.64 -14.57 10.34
C ARG C 17 11.51 -13.32 10.39
N SER C 18 10.97 -12.25 10.95
CA SER C 18 11.71 -10.99 11.05
C SER C 18 13.06 -11.19 11.74
N SER C 19 13.17 -12.23 12.54
CA SER C 19 14.41 -12.52 13.26
C SER C 19 15.52 -12.96 12.30
N ASP C 20 15.13 -13.45 11.13
CA ASP C 20 16.10 -13.90 10.13
C ASP C 20 16.73 -12.73 9.40
N CYS C 21 16.21 -11.53 9.64
CA CYS C 21 16.65 -10.34 8.92
C CYS C 21 17.58 -9.45 9.76
N ALA C 22 18.23 -8.49 9.11
CA ALA C 22 19.16 -7.58 9.79
C ALA C 22 18.44 -6.57 10.69
N SER C 23 19.20 -5.65 11.27
CA SER C 23 18.67 -4.68 12.25
C SER C 23 17.51 -3.82 11.75
N GLY C 24 17.73 -3.13 10.63
CA GLY C 24 16.74 -2.20 10.12
C GLY C 24 15.82 -2.81 9.07
N LEU C 25 15.55 -4.11 9.20
CA LEU C 25 14.72 -4.82 8.24
C LEU C 25 13.69 -5.71 8.91
N CYS C 26 12.63 -6.04 8.19
CA CYS C 26 11.62 -6.97 8.68
C CYS C 26 11.29 -7.98 7.59
N CYS C 27 10.67 -9.09 7.97
CA CYS C 27 10.31 -10.12 7.01
C CYS C 27 8.89 -9.89 6.48
N ALA C 28 8.81 -9.33 5.28
CA ALA C 28 7.53 -9.01 4.66
C ALA C 28 7.35 -9.85 3.40
N ARG C 29 6.12 -10.23 3.10
CA ARG C 29 5.89 -11.05 1.92
C ARG C 29 5.90 -10.25 0.62
N HIS C 30 6.53 -10.82 -0.39
CA HIS C 30 6.54 -10.26 -1.73
C HIS C 30 6.12 -11.37 -2.68
N PHE C 31 4.94 -11.21 -3.27
CA PHE C 31 4.31 -12.27 -4.03
C PHE C 31 4.00 -13.46 -3.13
N TRP C 32 4.61 -14.62 -3.40
CA TRP C 32 4.27 -15.82 -2.65
C TRP C 32 5.40 -16.43 -1.83
N SER C 33 6.32 -15.57 -1.41
CA SER C 33 7.35 -15.92 -0.45
C SER C 33 7.65 -14.66 0.35
N LYS C 34 8.55 -14.75 1.31
CA LYS C 34 8.89 -13.58 2.10
C LYS C 34 10.36 -13.22 1.94
N ILE C 35 10.63 -11.92 1.86
CA ILE C 35 11.99 -11.42 1.76
C ILE C 35 12.22 -10.31 2.75
N CYS C 36 13.47 -10.05 3.08
CA CYS C 36 13.80 -8.99 4.04
C CYS C 36 13.61 -7.61 3.43
N LYS C 37 12.74 -6.83 4.04
CA LYS C 37 12.48 -5.46 3.59
C LYS C 37 12.83 -4.48 4.70
N PRO C 38 13.19 -3.25 4.32
CA PRO C 38 13.57 -2.20 5.26
C PRO C 38 12.38 -1.63 6.03
N VAL C 39 12.59 -1.25 7.29
CA VAL C 39 11.57 -0.56 8.06
C VAL C 39 11.39 0.83 7.47
N LEU C 40 10.22 1.42 7.68
CA LEU C 40 9.94 2.75 7.14
C LEU C 40 10.51 3.86 8.03
N LYS C 41 10.85 4.98 7.41
CA LYS C 41 11.39 6.14 8.13
C LYS C 41 10.43 7.33 8.02
N GLU C 42 10.70 8.38 8.77
CA GLU C 42 9.80 9.53 8.79
C GLU C 42 9.57 10.08 7.39
N GLY C 43 8.30 10.32 7.05
CA GLY C 43 7.94 10.86 5.74
C GLY C 43 7.59 9.81 4.71
N GLN C 44 8.06 8.59 4.93
CA GLN C 44 7.84 7.49 3.97
C GLN C 44 6.43 6.92 4.05
N VAL C 45 5.85 6.62 2.90
CA VAL C 45 4.48 6.13 2.80
C VAL C 45 4.32 4.75 3.45
N CYS C 46 3.30 4.61 4.29
CA CYS C 46 3.04 3.33 4.96
C CYS C 46 1.65 2.78 4.63
N THR C 47 1.44 1.49 4.91
CA THR C 47 0.20 0.81 4.56
C THR C 47 -0.91 1.04 5.56
N LYS C 48 -2.13 1.26 5.05
CA LYS C 48 -3.32 1.40 5.88
C LYS C 48 -4.47 0.61 5.25
N HIS C 49 -4.84 -0.50 5.90
CA HIS C 49 -5.87 -1.39 5.35
C HIS C 49 -7.29 -0.91 5.68
N ARG C 50 -8.17 -0.95 4.68
CA ARG C 50 -9.57 -0.60 4.89
C ARG C 50 -10.31 -1.77 5.51
N ARG C 51 -10.40 -2.86 4.75
CA ARG C 51 -11.06 -4.06 5.24
C ARG C 51 -10.04 -5.02 5.87
N LYS C 52 -10.46 -5.68 6.94
CA LYS C 52 -9.64 -6.67 7.62
C LYS C 52 -9.11 -7.71 6.62
N GLY C 53 -9.97 -8.11 5.69
CA GLY C 53 -9.60 -9.09 4.69
C GLY C 53 -8.51 -8.64 3.73
N SER C 54 -8.41 -7.34 3.51
CA SER C 54 -7.42 -6.83 2.57
C SER C 54 -6.01 -7.12 3.08
N HIS C 55 -5.91 -7.36 4.38
CA HIS C 55 -4.63 -7.71 4.98
C HIS C 55 -4.21 -9.12 4.58
N GLY C 56 -5.18 -10.03 4.51
CA GLY C 56 -4.91 -11.40 4.12
C GLY C 56 -4.57 -11.54 2.65
N LEU C 57 -5.00 -10.57 1.86
CA LEU C 57 -4.83 -10.62 0.41
C LEU C 57 -3.54 -9.94 -0.04
N GLU C 58 -3.04 -9.03 0.77
CA GLU C 58 -1.82 -8.29 0.45
C GLU C 58 -0.67 -9.24 0.10
N ILE C 59 -0.10 -9.07 -1.09
CA ILE C 59 1.08 -9.83 -1.48
C ILE C 59 2.28 -8.90 -1.63
N PHE C 60 2.02 -7.59 -1.56
CA PHE C 60 3.09 -6.60 -1.55
C PHE C 60 3.08 -5.89 -0.20
N GLN C 61 3.69 -6.54 0.79
CA GLN C 61 3.65 -6.09 2.17
C GLN C 61 4.79 -5.14 2.49
N ARG C 62 4.46 -3.99 3.06
CA ARG C 62 5.47 -3.06 3.59
C ARG C 62 5.82 -3.46 5.01
N CYS C 63 6.95 -2.96 5.50
CA CYS C 63 7.29 -3.11 6.90
C CYS C 63 6.61 -2.04 7.73
N TYR C 64 6.63 -2.22 9.04
CA TYR C 64 6.06 -1.24 9.95
C TYR C 64 6.90 0.04 9.98
N CYS C 65 6.39 1.06 10.66
CA CYS C 65 7.14 2.30 10.86
C CYS C 65 8.20 2.13 11.95
N GLY C 66 9.34 2.79 11.76
CA GLY C 66 10.47 2.65 12.65
C GLY C 66 10.21 3.13 14.07
N GLU C 67 11.24 3.01 14.92
CA GLU C 67 11.15 3.41 16.32
C GLU C 67 10.70 4.86 16.47
N GLY C 68 9.66 5.08 17.25
CA GLY C 68 9.17 6.42 17.54
C GLY C 68 8.40 7.02 16.37
N LEU C 69 7.95 6.16 15.46
CA LEU C 69 7.16 6.61 14.32
C LEU C 69 5.79 5.94 14.33
N SER C 70 4.78 6.68 13.88
CA SER C 70 3.42 6.17 13.86
C SER C 70 2.82 6.35 12.46
N CYS C 71 2.10 5.34 11.98
CA CYS C 71 1.49 5.42 10.65
C CYS C 71 0.21 6.25 10.70
N ARG C 72 0.33 7.53 10.39
CA ARG C 72 -0.80 8.46 10.42
C ARG C 72 -1.07 9.02 9.03
N ILE C 73 -2.22 9.68 8.87
CA ILE C 73 -2.58 10.26 7.59
C ILE C 73 -1.90 11.61 7.38
N GLN C 74 -1.62 11.95 6.13
CA GLN C 74 -1.05 13.24 5.78
C GLN C 74 -2.06 14.36 5.97
N LYS C 75 -1.59 15.56 6.27
CA LYS C 75 -2.48 16.70 6.41
C LYS C 75 -2.03 17.87 5.56
N ARG C 85 -5.58 10.39 -0.55
CA ARG C 85 -5.07 10.56 0.80
C ARG C 85 -4.17 9.39 1.22
N LEU C 86 -2.88 9.67 1.39
CA LEU C 86 -1.91 8.66 1.79
C LEU C 86 -1.62 8.71 3.28
N HIS C 87 -0.93 7.69 3.77
CA HIS C 87 -0.45 7.66 5.14
C HIS C 87 1.08 7.63 5.14
N THR C 88 1.68 8.40 6.03
CA THR C 88 3.13 8.46 6.14
C THR C 88 3.57 8.20 7.57
N CYS C 89 4.83 7.79 7.74
CA CYS C 89 5.38 7.57 9.08
C CYS C 89 5.69 8.92 9.71
N GLN C 90 5.02 9.22 10.82
CA GLN C 90 5.20 10.48 11.51
C GLN C 90 5.51 10.26 12.98
N ARG C 91 6.16 11.23 13.62
CA ARG C 91 6.51 11.12 15.04
C ARG C 91 5.32 11.46 15.93
N HIS C 92 5.23 10.77 17.06
CA HIS C 92 4.14 10.97 18.01
C HIS C 92 4.04 12.42 18.46
C1 NAG D . -36.90 -20.86 16.08
C2 NAG D . -38.38 -21.21 15.95
C3 NAG D . -39.27 -20.48 16.95
C4 NAG D . -38.67 -20.39 18.34
C5 NAG D . -37.19 -20.01 18.26
C6 NAG D . -36.54 -19.91 19.64
C7 NAG D . -39.43 -21.78 13.84
C8 NAG D . -39.95 -21.28 12.52
N2 NAG D . -38.82 -20.88 14.61
O3 NAG D . -40.52 -21.14 17.00
O4 NAG D . -39.35 -19.41 19.09
O5 NAG D . -36.47 -20.90 17.43
O6 NAG D . -35.78 -21.05 19.98
O7 NAG D . -39.57 -22.96 14.17
C1 NAG D . -40.52 -19.98 19.71
C2 NAG D . -40.62 -19.48 21.15
C3 NAG D . -41.89 -19.98 21.84
C4 NAG D . -43.10 -19.71 20.96
C5 NAG D . -42.87 -20.27 19.56
C6 NAG D . -44.06 -20.00 18.66
C7 NAG D . -38.87 -19.02 22.78
C8 NAG D . -37.66 -19.52 23.50
N2 NAG D . -39.44 -19.85 21.92
O3 NAG D . -42.04 -19.32 23.08
O4 NAG D . -44.24 -20.32 21.53
O5 NAG D . -41.71 -19.68 19.00
O6 NAG D . -43.78 -20.43 17.34
O7 NAG D . -39.29 -17.88 22.99
C1 FUC D . -36.63 -22.20 20.19
C2 FUC D . -35.98 -23.45 19.61
C3 FUC D . -34.68 -23.75 20.32
C4 FUC D . -34.88 -23.77 21.82
C5 FUC D . -35.66 -22.54 22.28
C6 FUC D . -35.98 -22.62 23.77
O2 FUC D . -35.74 -23.27 18.22
O3 FUC D . -34.19 -25.01 19.90
O4 FUC D . -35.56 -24.94 22.20
O5 FUC D . -36.87 -22.41 21.56
C1 NAG E . -49.93 25.85 -0.17
C2 NAG E . -50.04 25.56 -1.66
C3 NAG E . -51.42 24.99 -2.00
C4 NAG E . -51.74 23.79 -1.11
C5 NAG E . -51.36 24.01 0.37
C6 NAG E . -51.31 22.66 1.09
C7 NAG E . -50.58 27.58 -3.01
C8 NAG E . -50.05 28.44 -4.11
N2 NAG E . -49.71 26.76 -2.43
O3 NAG E . -51.45 24.59 -3.35
O4 NAG E . -53.13 23.53 -1.17
O5 NAG E . -50.10 24.65 0.54
O6 NAG E . -50.43 22.72 2.20
O7 NAG E . -51.76 27.66 -2.67
C1 NAG E . -53.38 22.47 -2.11
C2 NAG E . -54.39 21.50 -1.50
C3 NAG E . -54.78 20.41 -2.50
C4 NAG E . -55.18 21.01 -3.82
C5 NAG E . -54.09 21.95 -4.32
C6 NAG E . -54.47 22.60 -5.65
C7 NAG E . -54.53 21.05 0.88
C8 NAG E . -53.99 20.28 2.05
N2 NAG E . -53.89 20.92 -0.28
O3 NAG E . -55.86 19.65 -1.98
O4 NAG E . -55.40 20.00 -4.77
O5 NAG E . -53.83 22.96 -3.36
O6 NAG E . -53.30 23.02 -6.31
O7 NAG E . -55.53 21.77 1.03
C1 NAG F . 2.31 -20.64 -34.63
C2 NAG F . 2.50 -21.73 -35.68
C3 NAG F . 3.74 -21.49 -36.55
C4 NAG F . 3.81 -20.05 -37.04
C5 NAG F . 3.58 -19.09 -35.88
C6 NAG F . 3.67 -17.63 -36.32
C7 NAG F . 1.67 -23.95 -35.14
C8 NAG F . 1.94 -25.24 -34.42
N2 NAG F . 2.63 -23.02 -35.03
O3 NAG F . 3.71 -22.37 -37.65
O4 NAG F . 5.08 -19.82 -37.59
O5 NAG F . 2.35 -19.36 -35.23
O6 NAG F . 2.40 -17.05 -36.52
O7 NAG F . 0.64 -23.78 -35.77
C1 NAG F . 4.98 -19.66 -39.01
C2 NAG F . 6.25 -19.01 -39.55
C3 NAG F . 6.18 -18.83 -41.07
C4 NAG F . 5.83 -20.17 -41.71
C5 NAG F . 4.56 -20.74 -41.08
C6 NAG F . 4.18 -22.08 -41.71
C7 NAG F . 5.85 -16.62 -39.04
C8 NAG F . 6.27 -15.46 -38.19
N2 NAG F . 6.53 -17.76 -38.86
O3 NAG F . 7.42 -18.37 -41.57
O4 NAG F . 5.65 -19.99 -43.10
O5 NAG F . 4.72 -20.88 -39.68
O6 NAG F . 5.05 -23.09 -41.25
O7 NAG F . 4.93 -16.50 -39.84
C1 FUC F . 2.05 -17.08 -37.92
C2 FUC F . 0.56 -17.40 -38.05
C3 FUC F . -0.28 -16.28 -37.47
C4 FUC F . 0.15 -14.93 -38.06
C5 FUC F . 1.67 -14.76 -37.95
C6 FUC F . 2.12 -13.45 -38.61
O2 FUC F . 0.28 -18.58 -37.35
O3 FUC F . -1.63 -16.50 -37.77
O4 FUC F . -0.23 -14.86 -39.41
O5 FUC F . 2.32 -15.86 -38.56
C1 NAG G . 47.73 -32.76 -12.84
C2 NAG G . 47.02 -33.88 -12.08
C3 NAG G . 46.88 -35.12 -12.95
C4 NAG G . 46.23 -34.79 -14.30
C5 NAG G . 46.71 -33.47 -14.90
C6 NAG G . 45.68 -32.96 -15.91
C7 NAG G . 48.88 -34.81 -10.76
C8 NAG G . 49.39 -35.06 -9.36
N2 NAG G . 47.71 -34.17 -10.83
O3 NAG G . 46.09 -36.08 -12.28
O4 NAG G . 46.56 -35.82 -15.21
O5 NAG G . 46.94 -32.43 -13.97
O6 NAG G . 46.00 -31.66 -16.31
O7 NAG G . 49.54 -35.20 -11.73
C1 NAG G . 45.58 -36.88 -15.14
C2 NAG G . 45.18 -37.26 -16.57
C3 NAG G . 44.31 -38.52 -16.61
C4 NAG G . 44.94 -39.63 -15.80
C5 NAG G . 45.21 -39.12 -14.39
C6 NAG G . 45.82 -40.22 -13.52
C7 NAG G . 44.97 -35.60 -18.33
C8 NAG G . 44.03 -34.69 -19.08
N2 NAG G . 44.49 -36.15 -17.21
O3 NAG G . 44.16 -38.94 -17.96
O4 NAG G . 44.08 -40.74 -15.76
O5 NAG G . 46.08 -38.01 -14.43
O6 NAG G . 45.75 -39.83 -12.16
O7 NAG G . 46.11 -35.79 -18.74
C1 NAG H . -1.64 -29.58 26.61
C2 NAG H . -1.92 -31.02 27.06
C3 NAG H . -1.34 -31.33 28.44
C4 NAG H . 0.10 -30.85 28.56
C5 NAG H . 0.18 -29.38 28.17
C6 NAG H . 1.62 -28.88 28.23
C7 NAG H . -3.93 -32.06 26.18
C8 NAG H . -5.41 -32.27 26.34
N2 NAG H . -3.35 -31.26 27.07
O3 NAG H . -1.39 -32.73 28.66
O4 NAG H . 0.55 -31.01 29.89
O5 NAG H . -0.29 -29.20 26.86
O6 NAG H . 2.39 -29.52 27.24
O7 NAG H . -3.30 -32.62 25.28
C1 NAG I . 0.46 -34.21 22.66
C2 NAG I . 0.18 -35.48 23.45
C3 NAG I . 1.25 -35.76 24.50
C4 NAG I . 2.64 -35.69 23.86
C5 NAG I . 2.80 -34.35 23.16
C6 NAG I . 4.19 -34.21 22.52
C7 NAG I . -2.20 -36.01 23.61
C8 NAG I . -3.47 -35.83 24.37
N2 NAG I . -1.13 -35.39 24.09
O3 NAG I . 1.07 -37.01 25.10
O4 NAG I . 3.63 -35.87 24.84
O5 NAG I . 1.80 -34.21 22.17
O6 NAG I . 4.30 -35.01 21.37
O7 NAG I . -2.18 -36.71 22.60
C1 NAG J . -25.01 9.37 42.04
C2 NAG J . -25.39 9.24 43.53
C3 NAG J . -24.49 10.10 44.42
C4 NAG J . -23.02 9.85 44.09
C5 NAG J . -22.79 10.01 42.60
C6 NAG J . -21.32 9.71 42.26
C7 NAG J . -27.68 8.74 44.16
C8 NAG J . -29.08 9.26 44.32
N2 NAG J . -26.78 9.62 43.72
O3 NAG J . -24.74 9.79 45.77
O4 NAG J . -22.21 10.75 44.82
O5 NAG J . -23.63 9.15 41.86
O6 NAG J . -20.93 8.49 42.84
O7 NAG J . -27.40 7.58 44.43
C1 GOL K . -32.75 27.91 10.60
O1 GOL K . -31.35 27.89 10.41
C2 GOL K . -33.43 27.30 9.38
O2 GOL K . -32.46 26.94 8.43
C3 GOL K . -34.40 28.30 8.78
O3 GOL K . -35.44 28.56 9.70
C1 NAG L . -18.96 7.93 -21.35
C2 NAG L . -20.13 7.58 -22.27
C3 NAG L . -20.28 8.62 -23.36
C4 NAG L . -20.38 10.02 -22.75
C5 NAG L . -19.26 10.26 -21.74
C6 NAG L . -19.48 11.57 -21.00
C7 NAG L . -19.55 5.89 -23.98
C8 NAG L . -19.89 4.49 -24.44
N2 NAG L . -19.99 6.21 -22.76
O3 NAG L . -21.45 8.37 -24.11
O4 NAG L . -20.32 10.99 -23.76
O5 NAG L . -19.17 9.22 -20.79
O6 NAG L . -19.24 11.38 -19.63
O7 NAG L . -18.91 6.65 -24.71
C1 NAG M . -24.40 5.23 -19.33
C2 NAG M . -25.30 5.03 -20.55
C3 NAG M . -26.03 6.33 -20.90
C4 NAG M . -26.74 6.88 -19.68
C5 NAG M . -25.79 6.97 -18.48
C6 NAG M . -26.56 7.40 -17.24
C7 NAG M . -24.01 5.15 -22.66
C8 NAG M . -23.45 4.32 -23.78
N2 NAG M . -24.55 4.46 -21.66
O3 NAG M . -26.97 6.08 -21.93
O4 NAG M . -27.27 8.15 -19.97
O5 NAG M . -25.14 5.73 -18.24
O6 NAG M . -25.82 7.07 -16.07
O7 NAG M . -23.94 6.38 -22.71
C1 NAG N . 28.20 11.87 -34.86
C2 NAG N . 28.26 12.39 -36.30
C3 NAG N . 28.80 13.82 -36.36
C4 NAG N . 28.06 14.71 -35.39
C5 NAG N . 28.02 14.09 -33.99
C6 NAG N . 27.17 14.93 -33.05
C7 NAG N . 28.65 10.97 -38.23
C8 NAG N . 27.20 11.17 -38.56
N2 NAG N . 29.10 11.53 -37.11
O3 NAG N . 28.64 14.31 -37.68
O4 NAG N . 28.70 15.97 -35.33
O5 NAG N . 27.50 12.78 -34.02
O6 NAG N . 25.84 14.94 -33.49
O7 NAG N . 29.37 10.32 -38.99
C1 GOL O . 28.05 -30.00 2.67
O1 GOL O . 27.36 -28.86 2.22
C2 GOL O . 27.92 -31.11 1.64
O2 GOL O . 26.71 -31.79 1.83
C3 GOL O . 29.09 -32.09 1.77
O3 GOL O . 30.24 -31.52 1.19
#